data_2I60
#
_entry.id   2I60
#
_cell.length_a   51.439
_cell.length_b   157.765
_cell.length_c   109.846
_cell.angle_alpha   90.00
_cell.angle_beta   93.74
_cell.angle_gamma   90.00
#
_symmetry.space_group_name_H-M   'P 1 21 1'
#
loop_
_entity.id
_entity.type
_entity.pdbx_description
1 polymer 'EXTERIOR MEMBRANE GLYCOPROTEIN(GP120)'
2 polymer 'ANTIBODY 17B LIGHT CHAIN'
3 polymer 'ANTIBODY 17B HEAVY CHAIN'
4 polymer '[PHE23]M47, SCORPION-TOXIN MIMIC OF CD4'
5 non-polymer 2-acetamido-2-deoxy-beta-D-glucopyranose
6 non-polymer 'ISOPROPYL ALCOHOL'
7 water water
#
loop_
_entity_poly.entity_id
_entity_poly.type
_entity_poly.pdbx_seq_one_letter_code
_entity_poly.pdbx_strand_id
1 'polypeptide(L)'
;GARSEVKLENVTENFNMWKNNMVEQMHEDIISLWDQSLKPCVKLTPLCVGAGSCNTSVITQACPKVSFEPIPIHYCAPAG
FAILKCNDKKFNGTGPCTNVSTVQCTHGIRPVVSTQLLLNGSLAEEEIVIRSENFTNNAKTIIVQLNESVVINCTGAGHC
NLSKTQWENTLEQIAIKLKEQFGNNKTIIFNPSSGGDPEIVTHSFNCGGEFFYCNSTQLFTWNDTRKLNNTGRNITLPCR
IKQIINMWQEVGKAMYAPPIRGQIRCSSNITGLLLTRDGGKDTNGTEIFRPGGGDMRDNWRSELYKYKVVKIE
;
G,P
2 'polypeptide(L)'
;DIVMTQSPATLSVSPGERATLSCRASESVSSDLAWYQQKPGQAPRLLIYGASTRATGVPARFSGSGSGAEFTLTISSLQS
EDFAVYYCQQYNNWPPRYTFGQGTRLEIKRTVAAPSVFIFPPSDEQLKSGTASVVCLLNNFYPREAKVQWKVDNALQSGN
SQESVTEQDSKDSTYSLSSTLTLSKADYEKHKVYACEVTHQGLSSPVTKSFNRG
;
L,Q
3 'polypeptide(L)'
;EVQLVESGAEVKKPGSSVKVSCKASGDTFIRYSFTWVRQAPGQGLEWMGRIITILDVAHYAPHLQGRVTITADKSTSTVY
LELRNLRSDDTAVYFCAGVYEGEADEGEYDNNGFLKHWGQGTLVTVSSASTKGPSVFPLAPSSKSTSGGTAALGCLVKDY
FPEPVTVSWNSGALTSGVHTFPAVLQSSGLYSLSSVVTVPSSSLGTQTYICNVNHKPSNTKVDKKVEPK
;
H,R
4 'polypeptide(L)' (MPT)NLHFCQLRCKSLGLLGRCA(DPR)TFCAC(VLM) M,S
#
loop_
_chem_comp.id
_chem_comp.type
_chem_comp.name
_chem_comp.formula
IPA non-polymer 'ISOPROPYL ALCOHOL' 'C3 H8 O'
MPT non-polymer 'BETA-MERCAPTOPROPIONIC ACID' 'C3 H6 O2 S'
NAG D-saccharide, beta linking 2-acetamido-2-deoxy-beta-D-glucopyranose 'C8 H15 N O6'
#
# COMPACT_ATOMS: atom_id res chain seq x y z
N GLU A 5 -44.97 -35.30 -78.26
CA GLU A 5 -44.05 -34.20 -78.69
C GLU A 5 -43.38 -33.56 -77.48
N VAL A 6 -43.92 -33.84 -76.30
CA VAL A 6 -43.39 -33.29 -75.05
C VAL A 6 -41.96 -33.77 -74.79
N LYS A 7 -41.10 -32.84 -74.41
CA LYS A 7 -39.69 -33.14 -74.15
C LYS A 7 -39.38 -33.29 -72.67
N LEU A 8 -38.53 -34.26 -72.34
CA LEU A 8 -38.15 -34.49 -70.96
C LEU A 8 -37.05 -33.50 -70.64
N GLU A 9 -37.10 -32.94 -69.43
CA GLU A 9 -36.11 -31.96 -69.04
C GLU A 9 -35.77 -32.00 -67.54
N ASN A 10 -34.51 -31.71 -67.24
CA ASN A 10 -34.03 -31.65 -65.87
C ASN A 10 -34.45 -30.30 -65.34
N VAL A 11 -34.70 -30.21 -64.04
CA VAL A 11 -35.10 -28.94 -63.47
C VAL A 11 -33.89 -28.16 -62.98
N THR A 12 -33.57 -27.08 -63.69
CA THR A 12 -32.43 -26.24 -63.32
C THR A 12 -32.89 -25.30 -62.21
N GLU A 13 -32.03 -25.08 -61.23
CA GLU A 13 -32.37 -24.18 -60.13
C GLU A 13 -31.27 -23.19 -59.82
N ASN A 14 -31.66 -21.99 -59.39
CA ASN A 14 -30.69 -20.97 -59.04
C ASN A 14 -30.42 -20.90 -57.54
N PHE A 15 -29.14 -20.90 -57.18
CA PHE A 15 -28.75 -20.84 -55.79
C PHE A 15 -28.01 -19.54 -55.46
N ASN A 16 -28.03 -19.19 -54.18
CA ASN A 16 -27.32 -18.01 -53.67
C ASN A 16 -26.95 -18.32 -52.23
N MET A 17 -25.75 -18.86 -52.05
CA MET A 17 -25.28 -19.22 -50.71
C MET A 17 -25.21 -18.02 -49.75
N TRP A 18 -25.13 -16.82 -50.31
CA TRP A 18 -25.04 -15.62 -49.49
C TRP A 18 -26.42 -15.09 -49.06
N LYS A 19 -27.49 -15.66 -49.62
CA LYS A 19 -28.84 -15.28 -49.26
C LYS A 19 -29.69 -16.53 -49.03
N ASN A 20 -29.20 -17.43 -48.18
CA ASN A 20 -29.89 -18.68 -47.87
C ASN A 20 -30.50 -18.58 -46.47
N ASN A 21 -31.82 -18.72 -46.36
CA ASN A 21 -32.45 -18.62 -45.04
C ASN A 21 -32.13 -19.81 -44.14
N MET A 22 -31.51 -20.84 -44.71
CA MET A 22 -31.13 -22.00 -43.92
C MET A 22 -30.04 -21.54 -42.96
N VAL A 23 -29.24 -20.58 -43.42
CA VAL A 23 -28.16 -20.04 -42.61
C VAL A 23 -28.71 -19.37 -41.37
N GLU A 24 -29.69 -18.49 -41.56
CA GLU A 24 -30.28 -17.81 -40.41
C GLU A 24 -30.95 -18.81 -39.50
N GLN A 25 -31.55 -19.85 -40.07
CA GLN A 25 -32.20 -20.83 -39.21
C GLN A 25 -31.18 -21.56 -38.35
N MET A 26 -30.07 -21.94 -38.95
CA MET A 26 -29.04 -22.64 -38.19
C MET A 26 -28.49 -21.70 -37.13
N HIS A 27 -28.24 -20.46 -37.53
CA HIS A 27 -27.71 -19.45 -36.62
C HIS A 27 -28.65 -19.33 -35.42
N GLU A 28 -29.94 -19.18 -35.69
CA GLU A 28 -30.88 -19.09 -34.58
C GLU A 28 -30.77 -20.35 -33.73
N ASP A 29 -30.64 -21.50 -34.38
CA ASP A 29 -30.55 -22.78 -33.68
C ASP A 29 -29.31 -22.97 -32.81
N ILE A 30 -28.12 -22.72 -33.36
CA ILE A 30 -26.90 -22.89 -32.57
C ILE A 30 -27.00 -22.00 -31.35
N ILE A 31 -27.64 -20.86 -31.51
CA ILE A 31 -27.80 -19.95 -30.39
C ILE A 31 -28.72 -20.59 -29.36
N SER A 32 -29.79 -21.25 -29.81
CA SER A 32 -30.69 -21.91 -28.89
C SER A 32 -30.00 -23.05 -28.15
N LEU A 33 -29.17 -23.82 -28.85
CA LEU A 33 -28.47 -24.93 -28.21
C LEU A 33 -27.59 -24.38 -27.09
N TRP A 34 -26.87 -23.30 -27.38
CA TRP A 34 -25.98 -22.69 -26.39
C TRP A 34 -26.72 -22.06 -25.23
N ASP A 35 -27.89 -21.49 -25.50
CA ASP A 35 -28.66 -20.84 -24.45
C ASP A 35 -29.25 -21.88 -23.49
N GLN A 36 -29.13 -23.16 -23.83
CA GLN A 36 -29.68 -24.18 -22.96
C GLN A 36 -28.65 -25.21 -22.49
N SER A 37 -27.41 -25.10 -22.97
CA SER A 37 -26.38 -26.06 -22.57
C SER A 37 -25.03 -25.42 -22.22
N LEU A 38 -24.88 -24.14 -22.49
CA LEU A 38 -23.62 -23.46 -22.21
C LEU A 38 -23.91 -22.03 -21.75
N LYS A 39 -24.78 -21.91 -20.75
CA LYS A 39 -25.17 -20.61 -20.20
C LYS A 39 -24.07 -19.97 -19.36
N PRO A 40 -23.86 -18.65 -19.53
CA PRO A 40 -22.84 -17.87 -18.80
C PRO A 40 -23.27 -17.62 -17.34
N CYS A 41 -22.29 -17.49 -16.44
CA CYS A 41 -22.59 -17.24 -15.04
C CYS A 41 -23.03 -15.78 -14.88
N VAL A 42 -22.44 -14.93 -15.72
CA VAL A 42 -22.72 -13.51 -15.74
C VAL A 42 -22.70 -13.07 -17.19
N LYS A 43 -23.67 -12.25 -17.56
CA LYS A 43 -23.76 -11.75 -18.93
C LYS A 43 -23.98 -10.25 -18.91
N LEU A 44 -23.13 -9.49 -19.59
CA LEU A 44 -23.32 -8.05 -19.64
C LEU A 44 -23.61 -7.63 -21.07
N THR A 45 -24.71 -6.94 -21.28
CA THR A 45 -25.08 -6.47 -22.61
C THR A 45 -25.59 -5.03 -22.58
N PRO A 46 -25.50 -4.33 -23.72
CA PRO A 46 -25.97 -2.95 -23.82
C PRO A 46 -27.50 -2.87 -23.84
N LEU A 47 -28.06 -2.01 -23.00
CA LEU A 47 -29.51 -1.83 -22.92
C LEU A 47 -29.81 -0.38 -23.30
N CYS A 48 -30.39 -0.19 -24.49
CA CYS A 48 -30.69 1.16 -24.99
C CYS A 48 -32.16 1.54 -25.12
N VAL A 49 -32.37 2.79 -25.53
CA VAL A 49 -33.68 3.37 -25.74
C VAL A 49 -33.56 4.28 -26.95
N GLY A 50 -34.70 4.66 -27.52
CA GLY A 50 -34.72 5.53 -28.70
C GLY A 50 -33.58 6.53 -28.83
N ALA A 51 -33.64 7.61 -28.04
CA ALA A 51 -32.64 8.67 -28.05
C ALA A 51 -31.21 8.22 -28.39
N GLY A 52 -30.84 7.02 -27.94
CA GLY A 52 -29.50 6.52 -28.22
C GLY A 52 -28.67 6.32 -26.95
N SER A 53 -29.32 6.50 -25.80
CA SER A 53 -28.65 6.33 -24.51
C SER A 53 -28.82 4.91 -23.98
N CYS A 54 -27.73 4.32 -23.53
CA CYS A 54 -27.78 2.96 -23.00
C CYS A 54 -27.13 2.83 -21.63
N ASN A 55 -27.55 1.80 -20.93
CA ASN A 55 -27.02 1.45 -19.61
C ASN A 55 -26.74 -0.04 -19.75
N THR A 56 -25.72 -0.52 -19.04
CA THR A 56 -25.34 -1.93 -19.11
C THR A 56 -26.32 -2.83 -18.38
N SER A 57 -26.66 -3.95 -19.00
CA SER A 57 -27.56 -4.93 -18.41
C SER A 57 -26.74 -6.14 -17.92
N VAL A 58 -27.03 -6.61 -16.71
CA VAL A 58 -26.31 -7.76 -16.18
C VAL A 58 -27.23 -8.89 -15.78
N ILE A 59 -26.92 -10.08 -16.26
CA ILE A 59 -27.73 -11.25 -15.95
C ILE A 59 -26.87 -12.32 -15.26
N THR A 60 -27.34 -12.76 -14.09
CA THR A 60 -26.63 -13.79 -13.34
C THR A 60 -27.52 -15.02 -13.27
N GLN A 61 -27.01 -16.15 -13.73
CA GLN A 61 -27.77 -17.39 -13.74
C GLN A 61 -26.86 -18.58 -13.47
N ALA A 62 -27.48 -19.74 -13.27
CA ALA A 62 -26.72 -20.97 -13.02
C ALA A 62 -25.91 -21.27 -14.29
N CYS A 63 -24.67 -21.70 -14.09
CA CYS A 63 -23.79 -22.01 -15.22
C CYS A 63 -23.07 -23.33 -14.94
N PRO A 64 -23.80 -24.45 -14.96
CA PRO A 64 -23.17 -25.75 -14.71
C PRO A 64 -22.20 -26.18 -15.80
N LYS A 65 -21.03 -26.64 -15.38
CA LYS A 65 -20.02 -27.11 -16.33
C LYS A 65 -20.42 -28.52 -16.73
N VAL A 66 -20.39 -28.82 -18.03
CA VAL A 66 -20.77 -30.14 -18.49
C VAL A 66 -19.81 -30.70 -19.55
N SER A 67 -19.67 -32.03 -19.57
CA SER A 67 -18.80 -32.68 -20.55
C SER A 67 -19.51 -32.46 -21.88
N PHE A 68 -18.78 -32.05 -22.91
CA PHE A 68 -19.44 -31.78 -24.19
C PHE A 68 -18.89 -32.50 -25.43
N GLU A 69 -19.59 -33.55 -25.86
CA GLU A 69 -19.20 -34.30 -27.05
C GLU A 69 -20.04 -33.85 -28.23
N PRO A 70 -19.49 -33.93 -29.45
CA PRO A 70 -20.18 -33.53 -30.69
C PRO A 70 -21.37 -34.39 -31.10
N ILE A 71 -22.54 -33.76 -31.18
CA ILE A 71 -23.78 -34.43 -31.58
C ILE A 71 -24.08 -34.08 -33.04
N PRO A 72 -23.93 -35.04 -33.96
CA PRO A 72 -24.20 -34.75 -35.37
C PRO A 72 -25.66 -34.37 -35.59
N ILE A 73 -25.87 -33.28 -36.32
CA ILE A 73 -27.22 -32.83 -36.61
C ILE A 73 -27.40 -32.66 -38.12
N HIS A 74 -28.63 -32.35 -38.53
CA HIS A 74 -28.92 -32.11 -39.94
C HIS A 74 -30.29 -31.47 -40.06
N TYR A 75 -30.55 -30.86 -41.21
CA TYR A 75 -31.82 -30.21 -41.45
C TYR A 75 -32.65 -31.01 -42.44
N CYS A 76 -33.89 -31.27 -42.07
CA CYS A 76 -34.78 -32.03 -42.91
C CYS A 76 -35.92 -31.15 -43.41
N ALA A 77 -36.56 -31.57 -44.49
CA ALA A 77 -37.65 -30.80 -45.07
C ALA A 77 -39.00 -31.11 -44.42
N PRO A 78 -39.79 -30.07 -44.10
CA PRO A 78 -41.10 -30.27 -43.48
C PRO A 78 -42.02 -30.73 -44.60
N ALA A 79 -43.12 -31.39 -44.26
CA ALA A 79 -44.04 -31.85 -45.28
C ALA A 79 -44.44 -30.63 -46.11
N GLY A 80 -44.36 -30.74 -47.43
CA GLY A 80 -44.73 -29.63 -48.29
C GLY A 80 -43.58 -28.97 -49.00
N PHE A 81 -42.36 -29.15 -48.48
CA PHE A 81 -41.18 -28.56 -49.10
C PHE A 81 -40.11 -29.58 -49.37
N ALA A 82 -39.13 -29.19 -50.17
CA ALA A 82 -38.03 -30.07 -50.51
C ALA A 82 -36.70 -29.32 -50.43
N ILE A 83 -35.63 -30.06 -50.24
CA ILE A 83 -34.29 -29.47 -50.15
C ILE A 83 -33.45 -29.80 -51.38
N LEU A 84 -33.18 -28.77 -52.18
CA LEU A 84 -32.38 -28.95 -53.38
C LEU A 84 -30.90 -28.97 -53.05
N LYS A 85 -30.16 -29.78 -53.80
CA LYS A 85 -28.73 -29.92 -53.60
C LYS A 85 -27.97 -29.79 -54.91
N CYS A 86 -27.04 -28.83 -54.96
CA CYS A 86 -26.22 -28.60 -56.14
C CYS A 86 -25.07 -29.61 -56.13
N ASN A 87 -24.89 -30.33 -57.23
CA ASN A 87 -23.84 -31.33 -57.31
C ASN A 87 -22.71 -30.95 -58.26
N ASP A 88 -22.76 -29.74 -58.79
CA ASP A 88 -21.74 -29.30 -59.73
C ASP A 88 -20.32 -29.27 -59.14
N LYS A 89 -19.35 -29.64 -59.96
CA LYS A 89 -17.95 -29.64 -59.57
C LYS A 89 -17.53 -28.18 -59.45
N LYS A 90 -16.80 -27.85 -58.40
CA LYS A 90 -16.33 -26.49 -58.19
C LYS A 90 -17.46 -25.45 -58.22
N PHE A 91 -18.63 -25.85 -57.71
CA PHE A 91 -19.78 -24.94 -57.67
C PHE A 91 -19.37 -23.66 -56.95
N ASN A 92 -19.75 -22.53 -57.52
CA ASN A 92 -19.41 -21.22 -56.97
C ASN A 92 -20.25 -20.79 -55.76
N GLY A 93 -21.47 -21.31 -55.67
CA GLY A 93 -22.35 -20.95 -54.58
C GLY A 93 -23.47 -20.03 -55.01
N THR A 94 -23.36 -19.49 -56.23
CA THR A 94 -24.39 -18.61 -56.77
C THR A 94 -24.54 -18.84 -58.27
N GLY A 95 -25.76 -18.72 -58.76
CA GLY A 95 -26.02 -18.91 -60.17
C GLY A 95 -26.84 -20.17 -60.37
N PRO A 96 -27.04 -20.60 -61.62
CA PRO A 96 -27.83 -21.82 -61.85
C PRO A 96 -26.95 -23.06 -61.73
N CYS A 97 -27.50 -24.13 -61.18
CA CYS A 97 -26.76 -25.37 -61.03
C CYS A 97 -27.33 -26.42 -61.99
N THR A 98 -26.46 -26.97 -62.85
CA THR A 98 -26.87 -27.96 -63.85
C THR A 98 -27.28 -29.34 -63.32
N ASN A 99 -26.43 -29.93 -62.50
CA ASN A 99 -26.71 -31.25 -61.93
C ASN A 99 -27.16 -31.11 -60.50
N VAL A 100 -28.48 -30.97 -60.30
CA VAL A 100 -29.04 -30.82 -58.96
C VAL A 100 -29.83 -32.05 -58.52
N SER A 101 -30.00 -32.22 -57.21
CA SER A 101 -30.73 -33.36 -56.70
C SER A 101 -31.51 -33.00 -55.45
N THR A 102 -32.30 -33.94 -54.94
CA THR A 102 -33.09 -33.68 -53.75
C THR A 102 -32.78 -34.66 -52.63
N VAL A 103 -32.81 -34.17 -51.40
CA VAL A 103 -32.56 -34.99 -50.22
C VAL A 103 -33.57 -34.64 -49.15
N GLN A 104 -33.87 -35.60 -48.29
CA GLN A 104 -34.83 -35.37 -47.22
C GLN A 104 -34.17 -34.51 -46.15
N CYS A 105 -32.90 -34.81 -45.86
CA CYS A 105 -32.14 -34.04 -44.88
C CYS A 105 -30.75 -33.75 -45.45
N THR A 106 -30.10 -32.71 -44.94
CA THR A 106 -28.75 -32.36 -45.38
C THR A 106 -27.78 -33.38 -44.79
N HIS A 107 -26.53 -33.33 -45.21
CA HIS A 107 -25.55 -34.26 -44.65
C HIS A 107 -25.42 -33.95 -43.14
N GLY A 108 -24.88 -34.90 -42.39
CA GLY A 108 -24.70 -34.70 -40.96
C GLY A 108 -23.67 -33.62 -40.72
N ILE A 109 -23.98 -32.75 -39.77
CA ILE A 109 -23.09 -31.65 -39.46
C ILE A 109 -22.68 -31.65 -37.99
N ARG A 110 -21.41 -31.35 -37.75
CA ARG A 110 -20.85 -31.27 -36.41
C ARG A 110 -20.39 -29.82 -36.25
N PRO A 111 -21.35 -28.89 -36.16
CA PRO A 111 -21.13 -27.44 -36.02
C PRO A 111 -20.09 -27.08 -34.98
N VAL A 112 -19.30 -26.07 -35.31
CA VAL A 112 -18.26 -25.59 -34.41
C VAL A 112 -18.20 -24.08 -34.47
N VAL A 113 -18.28 -23.43 -33.32
CA VAL A 113 -18.18 -21.97 -33.28
C VAL A 113 -16.69 -21.63 -33.23
N SER A 114 -16.22 -20.83 -34.18
CA SER A 114 -14.81 -20.43 -34.23
C SER A 114 -14.55 -19.21 -35.12
N THR A 115 -13.28 -18.92 -35.31
CA THR A 115 -12.86 -17.79 -36.15
C THR A 115 -11.54 -18.14 -36.81
N GLN A 116 -11.31 -17.55 -37.99
CA GLN A 116 -10.07 -17.73 -38.75
C GLN A 116 -9.97 -19.10 -39.43
N LEU A 117 -10.13 -20.17 -38.66
CA LEU A 117 -10.07 -21.51 -39.24
C LEU A 117 -11.44 -22.18 -39.05
N LEU A 118 -11.89 -22.90 -40.07
CA LEU A 118 -13.15 -23.60 -39.96
C LEU A 118 -12.76 -25.00 -39.48
N LEU A 119 -13.35 -25.45 -38.38
CA LEU A 119 -13.01 -26.75 -37.83
C LEU A 119 -14.08 -27.83 -37.97
N ASN A 120 -13.62 -29.01 -38.36
CA ASN A 120 -14.45 -30.21 -38.54
C ASN A 120 -15.61 -30.14 -39.52
N GLY A 121 -15.42 -29.47 -40.64
CA GLY A 121 -16.48 -29.35 -41.62
C GLY A 121 -16.35 -30.33 -42.77
N SER A 122 -17.01 -30.04 -43.88
CA SER A 122 -16.93 -30.90 -45.05
C SER A 122 -15.78 -30.42 -45.93
N LEU A 123 -15.07 -31.39 -46.52
CA LEU A 123 -13.94 -31.11 -47.40
C LEU A 123 -14.39 -31.03 -48.84
N ALA A 124 -13.56 -30.41 -49.68
CA ALA A 124 -13.86 -30.29 -51.10
C ALA A 124 -13.43 -31.61 -51.76
N GLU A 125 -14.17 -32.04 -52.78
CA GLU A 125 -13.88 -33.30 -53.46
C GLU A 125 -12.71 -33.22 -54.42
N GLU A 126 -12.77 -32.25 -55.32
CA GLU A 126 -11.71 -32.06 -56.30
C GLU A 126 -10.55 -31.35 -55.61
N GLU A 127 -10.24 -30.14 -56.06
CA GLU A 127 -9.18 -29.33 -55.49
C GLU A 127 -9.79 -28.31 -54.53
N ILE A 128 -8.95 -27.46 -53.97
CA ILE A 128 -9.41 -26.41 -53.06
C ILE A 128 -10.34 -25.44 -53.79
N VAL A 129 -11.33 -24.92 -53.07
CA VAL A 129 -12.26 -23.96 -53.66
C VAL A 129 -12.38 -22.74 -52.76
N ILE A 130 -12.51 -21.56 -53.35
CA ILE A 130 -12.64 -20.33 -52.59
C ILE A 130 -13.91 -19.66 -53.08
N ARG A 131 -14.69 -19.09 -52.17
CA ARG A 131 -15.93 -18.44 -52.57
C ARG A 131 -16.19 -17.13 -51.83
N SER A 132 -16.74 -16.16 -52.55
CA SER A 132 -17.03 -14.85 -51.97
C SER A 132 -18.26 -14.27 -52.63
N GLU A 133 -19.04 -13.51 -51.89
CA GLU A 133 -20.23 -12.90 -52.43
C GLU A 133 -19.84 -11.86 -53.50
N ASN A 134 -18.56 -11.49 -53.51
CA ASN A 134 -18.03 -10.53 -54.48
C ASN A 134 -16.53 -10.37 -54.24
N PHE A 135 -15.72 -10.97 -55.09
CA PHE A 135 -14.28 -10.90 -54.91
C PHE A 135 -13.69 -9.51 -55.07
N THR A 136 -14.35 -8.67 -55.86
CA THR A 136 -13.85 -7.33 -56.09
C THR A 136 -14.00 -6.49 -54.83
N ASN A 137 -15.16 -6.62 -54.17
CA ASN A 137 -15.41 -5.89 -52.94
C ASN A 137 -14.53 -6.55 -51.89
N ASN A 138 -13.57 -5.80 -51.37
CA ASN A 138 -12.65 -6.32 -50.36
C ASN A 138 -13.25 -6.36 -48.97
N ALA A 139 -14.47 -5.84 -48.82
CA ALA A 139 -15.16 -5.85 -47.54
C ALA A 139 -15.87 -7.17 -47.33
N LYS A 140 -16.08 -7.92 -48.40
CA LYS A 140 -16.74 -9.22 -48.31
C LYS A 140 -15.73 -10.29 -47.94
N THR A 141 -16.17 -11.25 -47.16
CA THR A 141 -15.31 -12.33 -46.68
C THR A 141 -15.10 -13.45 -47.70
N ILE A 142 -13.90 -14.02 -47.69
CA ILE A 142 -13.52 -15.10 -48.59
C ILE A 142 -13.51 -16.39 -47.79
N ILE A 143 -14.36 -17.34 -48.17
CA ILE A 143 -14.41 -18.63 -47.50
C ILE A 143 -13.61 -19.64 -48.33
N VAL A 144 -12.57 -20.21 -47.74
CA VAL A 144 -11.72 -21.20 -48.42
C VAL A 144 -12.14 -22.60 -47.96
N GLN A 145 -12.47 -23.46 -48.92
CA GLN A 145 -12.86 -24.83 -48.57
C GLN A 145 -11.73 -25.76 -48.99
N LEU A 146 -11.07 -26.36 -47.99
CA LEU A 146 -9.98 -27.29 -48.22
C LEU A 146 -10.48 -28.65 -48.72
N ASN A 147 -9.61 -29.38 -49.40
CA ASN A 147 -9.94 -30.70 -49.91
C ASN A 147 -9.10 -31.73 -49.16
N GLU A 148 -8.31 -31.24 -48.22
CA GLU A 148 -7.43 -32.08 -47.43
C GLU A 148 -7.33 -31.50 -46.03
N SER A 149 -7.69 -32.29 -45.02
CA SER A 149 -7.65 -31.82 -43.64
C SER A 149 -6.24 -31.63 -43.09
N VAL A 150 -6.10 -30.71 -42.15
CA VAL A 150 -4.82 -30.46 -41.50
C VAL A 150 -5.14 -30.56 -40.01
N VAL A 151 -4.77 -31.68 -39.40
CA VAL A 151 -5.06 -31.89 -38.00
C VAL A 151 -4.40 -30.87 -37.09
N ILE A 152 -5.04 -30.61 -35.96
CA ILE A 152 -4.53 -29.66 -34.99
C ILE A 152 -4.96 -30.11 -33.60
N ASN A 153 -3.98 -30.50 -32.79
CA ASN A 153 -4.24 -30.96 -31.43
C ASN A 153 -3.77 -29.93 -30.42
N CYS A 154 -4.61 -29.67 -29.42
CA CYS A 154 -4.31 -28.70 -28.39
C CYS A 154 -4.27 -29.33 -27.01
N THR A 155 -3.53 -28.70 -26.11
CA THR A 155 -3.41 -29.17 -24.74
C THR A 155 -3.80 -28.02 -23.81
N GLY A 156 -4.02 -28.33 -22.54
CA GLY A 156 -4.37 -27.30 -21.59
C GLY A 156 -3.14 -26.45 -21.38
N ALA A 157 -1.98 -26.99 -21.78
CA ALA A 157 -0.69 -26.31 -21.65
C ALA A 157 -0.56 -25.10 -22.56
N GLY A 158 -1.69 -24.51 -22.92
CA GLY A 158 -1.69 -23.33 -23.77
C GLY A 158 -0.85 -23.41 -25.02
N HIS A 159 -1.13 -24.38 -25.87
CA HIS A 159 -0.40 -24.53 -27.12
C HIS A 159 -1.06 -25.59 -27.98
N CYS A 160 -1.28 -25.26 -29.25
CA CYS A 160 -1.86 -26.23 -30.17
C CYS A 160 -0.77 -26.60 -31.15
N ASN A 161 -0.74 -27.87 -31.56
CA ASN A 161 0.28 -28.35 -32.48
C ASN A 161 -0.26 -28.55 -33.88
N LEU A 162 0.48 -28.00 -34.84
CA LEU A 162 0.12 -28.04 -36.24
C LEU A 162 1.33 -28.42 -37.11
N SER A 163 1.15 -29.37 -38.05
CA SER A 163 2.25 -29.77 -38.93
C SER A 163 2.67 -28.60 -39.82
N LYS A 164 3.93 -28.20 -39.75
CA LYS A 164 4.42 -27.07 -40.53
C LYS A 164 4.44 -27.28 -42.04
N THR A 165 4.96 -28.42 -42.49
CA THR A 165 5.01 -28.60 -43.93
C THR A 165 3.58 -28.74 -44.44
N GLN A 166 2.78 -29.53 -43.72
CA GLN A 166 1.38 -29.74 -44.09
C GLN A 166 0.73 -28.37 -44.28
N TRP A 167 0.84 -27.52 -43.27
CA TRP A 167 0.25 -26.19 -43.32
C TRP A 167 0.87 -25.22 -44.32
N GLU A 168 2.14 -25.43 -44.66
CA GLU A 168 2.79 -24.54 -45.63
C GLU A 168 2.34 -24.88 -47.03
N ASN A 169 2.07 -26.16 -47.28
CA ASN A 169 1.60 -26.61 -48.58
C ASN A 169 0.19 -26.06 -48.80
N THR A 170 -0.58 -26.05 -47.73
CA THR A 170 -1.94 -25.55 -47.78
C THR A 170 -1.98 -24.10 -48.22
N LEU A 171 -1.14 -23.27 -47.61
CA LEU A 171 -1.10 -21.85 -47.99
C LEU A 171 -0.63 -21.73 -49.43
N GLU A 172 0.18 -22.68 -49.87
CA GLU A 172 0.71 -22.71 -51.22
C GLU A 172 -0.43 -22.93 -52.22
N GLN A 173 -1.25 -23.94 -51.95
CA GLN A 173 -2.38 -24.24 -52.81
C GLN A 173 -3.47 -23.18 -52.66
N ILE A 174 -3.64 -22.65 -51.46
CA ILE A 174 -4.66 -21.63 -51.28
C ILE A 174 -4.25 -20.44 -52.13
N ALA A 175 -2.96 -20.11 -52.06
CA ALA A 175 -2.37 -18.99 -52.79
C ALA A 175 -2.55 -19.18 -54.29
N ILE A 176 -2.30 -20.40 -54.75
CA ILE A 176 -2.45 -20.73 -56.16
C ILE A 176 -3.86 -20.48 -56.64
N LYS A 177 -4.86 -20.86 -55.84
CA LYS A 177 -6.26 -20.66 -56.22
C LYS A 177 -6.67 -19.19 -56.20
N LEU A 178 -5.99 -18.41 -55.36
CA LEU A 178 -6.28 -16.98 -55.29
C LEU A 178 -5.78 -16.30 -56.58
N LYS A 179 -4.66 -16.79 -57.12
CA LYS A 179 -4.10 -16.26 -58.35
C LYS A 179 -5.08 -16.47 -59.50
N GLU A 180 -5.58 -17.69 -59.62
CA GLU A 180 -6.54 -18.01 -60.67
C GLU A 180 -7.70 -17.01 -60.58
N GLN A 181 -7.92 -16.45 -59.39
CA GLN A 181 -9.00 -15.50 -59.19
C GLN A 181 -8.61 -14.03 -59.35
N PHE A 182 -7.44 -13.65 -58.81
CA PHE A 182 -7.01 -12.26 -58.89
C PHE A 182 -5.93 -11.94 -59.92
N GLY A 183 -5.37 -12.98 -60.52
CA GLY A 183 -4.35 -12.77 -61.52
C GLY A 183 -3.20 -13.71 -61.34
N ASN A 184 -2.69 -14.28 -62.43
CA ASN A 184 -1.58 -15.21 -62.36
C ASN A 184 -0.22 -14.56 -62.15
N ASN A 185 -0.14 -13.24 -62.36
CA ASN A 185 1.14 -12.54 -62.17
C ASN A 185 1.17 -11.72 -60.88
N LYS A 186 0.07 -11.74 -60.13
CA LYS A 186 0.00 -10.99 -58.87
C LYS A 186 0.69 -11.75 -57.75
N THR A 187 1.23 -11.00 -56.79
CA THR A 187 1.93 -11.59 -55.66
C THR A 187 0.98 -11.81 -54.48
N ILE A 188 0.92 -13.05 -53.99
CA ILE A 188 0.04 -13.39 -52.87
C ILE A 188 0.80 -13.42 -51.56
N ILE A 189 0.34 -12.62 -50.60
CA ILE A 189 0.97 -12.54 -49.29
C ILE A 189 -0.04 -12.68 -48.16
N PHE A 190 0.32 -13.50 -47.16
CA PHE A 190 -0.53 -13.72 -46.00
C PHE A 190 -0.01 -12.96 -44.79
N ASN A 191 -0.83 -12.08 -44.23
CA ASN A 191 -0.43 -11.30 -43.07
C ASN A 191 -1.36 -11.51 -41.87
N PRO A 192 -0.85 -11.32 -40.65
CA PRO A 192 -1.68 -11.50 -39.47
C PRO A 192 -2.88 -10.56 -39.47
N SER A 193 -3.81 -10.78 -38.55
CA SER A 193 -5.00 -9.96 -38.43
C SER A 193 -4.60 -8.50 -38.22
N SER A 194 -5.46 -7.58 -38.64
CA SER A 194 -5.19 -6.15 -38.47
C SER A 194 -5.72 -5.69 -37.11
N GLY A 195 -6.27 -6.63 -36.35
CA GLY A 195 -6.77 -6.28 -35.03
C GLY A 195 -8.27 -6.21 -34.79
N GLY A 196 -8.61 -5.98 -33.53
CA GLY A 196 -9.99 -5.91 -33.10
C GLY A 196 -10.09 -6.71 -31.82
N ASP A 197 -11.30 -7.17 -31.49
CA ASP A 197 -11.52 -7.98 -30.29
C ASP A 197 -10.58 -9.17 -30.36
N PRO A 198 -10.25 -9.78 -29.20
CA PRO A 198 -9.33 -10.94 -29.18
C PRO A 198 -9.87 -12.12 -29.99
N GLU A 199 -11.20 -12.20 -30.06
CA GLU A 199 -11.86 -13.27 -30.81
C GLU A 199 -11.48 -13.18 -32.28
N ILE A 200 -11.39 -11.95 -32.79
CA ILE A 200 -11.04 -11.67 -34.19
C ILE A 200 -9.54 -11.81 -34.47
N VAL A 201 -8.73 -11.28 -33.56
CA VAL A 201 -7.28 -11.31 -33.74
C VAL A 201 -6.67 -12.69 -33.68
N THR A 202 -7.14 -13.51 -32.75
CA THR A 202 -6.61 -14.85 -32.59
C THR A 202 -7.51 -15.89 -33.26
N HIS A 203 -7.02 -17.12 -33.30
CA HIS A 203 -7.83 -18.21 -33.82
C HIS A 203 -8.51 -18.64 -32.54
N SER A 204 -9.81 -18.34 -32.42
CA SER A 204 -10.53 -18.72 -31.21
C SER A 204 -11.64 -19.70 -31.55
N PHE A 205 -11.89 -20.63 -30.65
CA PHE A 205 -12.91 -21.62 -30.89
C PHE A 205 -13.34 -22.22 -29.57
N ASN A 206 -14.51 -22.86 -29.57
CA ASN A 206 -15.01 -23.51 -28.37
C ASN A 206 -14.89 -25.02 -28.57
N CYS A 207 -14.16 -25.69 -27.67
CA CYS A 207 -13.99 -27.13 -27.75
C CYS A 207 -14.46 -27.75 -26.45
N GLY A 208 -15.60 -28.44 -26.50
CA GLY A 208 -16.13 -29.07 -25.31
C GLY A 208 -16.55 -28.07 -24.25
N GLY A 209 -17.03 -26.91 -24.68
CA GLY A 209 -17.45 -25.89 -23.75
C GLY A 209 -16.37 -24.90 -23.34
N GLU A 210 -15.10 -25.26 -23.49
CA GLU A 210 -14.03 -24.35 -23.13
C GLU A 210 -13.72 -23.40 -24.27
N PHE A 211 -13.44 -22.14 -23.97
CA PHE A 211 -13.14 -21.15 -24.99
C PHE A 211 -11.63 -20.96 -25.19
N PHE A 212 -11.10 -21.50 -26.28
CA PHE A 212 -9.69 -21.36 -26.58
C PHE A 212 -9.41 -20.09 -27.43
N TYR A 213 -8.22 -19.54 -27.24
CA TYR A 213 -7.76 -18.37 -27.97
C TYR A 213 -6.30 -18.64 -28.27
N CYS A 214 -5.95 -18.74 -29.55
CA CYS A 214 -4.56 -18.99 -29.94
C CYS A 214 -3.98 -17.91 -30.83
N ASN A 215 -2.74 -17.52 -30.55
CA ASN A 215 -2.05 -16.53 -31.38
C ASN A 215 -1.80 -17.24 -32.71
N SER A 216 -2.29 -16.65 -33.80
CA SER A 216 -2.16 -17.27 -35.12
C SER A 216 -1.10 -16.66 -36.05
N THR A 217 -0.38 -15.67 -35.56
CA THR A 217 0.67 -15.01 -36.31
C THR A 217 1.55 -15.96 -37.13
N GLN A 218 2.02 -17.04 -36.51
CA GLN A 218 2.86 -17.99 -37.23
C GLN A 218 2.15 -18.60 -38.43
N LEU A 219 0.82 -18.59 -38.43
CA LEU A 219 0.10 -19.18 -39.54
C LEU A 219 -0.11 -18.26 -40.73
N PHE A 220 -0.20 -16.96 -40.47
CA PHE A 220 -0.44 -16.02 -41.54
C PHE A 220 0.66 -15.02 -41.83
N THR A 221 1.88 -15.54 -41.89
CA THR A 221 3.06 -14.74 -42.21
C THR A 221 3.75 -15.61 -43.27
N TRP A 222 3.45 -15.31 -44.53
CA TRP A 222 3.96 -16.12 -45.64
C TRP A 222 4.03 -15.34 -46.97
N ASN A 223 5.05 -15.63 -47.77
CA ASN A 223 5.24 -15.00 -49.08
C ASN A 223 5.29 -16.10 -50.14
N ASP A 224 4.73 -15.81 -51.32
CA ASP A 224 4.71 -16.81 -52.39
C ASP A 224 5.98 -16.78 -53.23
N ARG A 233 8.68 -31.03 -38.96
CA ARG A 233 8.56 -30.19 -37.78
C ARG A 233 7.15 -29.62 -37.61
N ASN A 234 6.80 -29.34 -36.35
CA ASN A 234 5.49 -28.80 -35.97
C ASN A 234 5.48 -27.29 -35.87
N ILE A 235 4.27 -26.73 -35.82
CA ILE A 235 4.07 -25.31 -35.64
C ILE A 235 3.26 -25.24 -34.35
N THR A 236 3.91 -24.75 -33.30
CA THR A 236 3.25 -24.64 -32.01
C THR A 236 2.79 -23.21 -31.82
N LEU A 237 1.53 -23.04 -31.43
CA LEU A 237 1.02 -21.70 -31.21
C LEU A 237 0.67 -21.48 -29.75
N PRO A 238 0.77 -20.23 -29.29
CA PRO A 238 0.47 -19.87 -27.91
C PRO A 238 -1.05 -19.79 -27.76
N CYS A 239 -1.63 -20.67 -26.95
CA CYS A 239 -3.08 -20.64 -26.75
C CYS A 239 -3.42 -20.33 -25.31
N ARG A 240 -4.67 -19.91 -25.09
CA ARG A 240 -5.11 -19.54 -23.76
C ARG A 240 -6.58 -19.91 -23.62
N ILE A 241 -6.99 -20.35 -22.44
CA ILE A 241 -8.39 -20.67 -22.21
C ILE A 241 -8.91 -19.52 -21.38
N LYS A 242 -9.96 -18.87 -21.85
CA LYS A 242 -10.51 -17.72 -21.12
C LYS A 242 -11.86 -18.02 -20.47
N GLN A 243 -12.11 -17.33 -19.36
CA GLN A 243 -13.37 -17.45 -18.65
C GLN A 243 -14.19 -16.21 -18.96
N ILE A 244 -13.51 -15.12 -19.27
CA ILE A 244 -14.18 -13.87 -19.62
C ILE A 244 -13.97 -13.62 -21.10
N ILE A 245 -15.07 -13.48 -21.84
CA ILE A 245 -14.99 -13.27 -23.27
C ILE A 245 -16.04 -12.31 -23.80
N ASN A 246 -16.02 -12.14 -25.12
CA ASN A 246 -16.98 -11.33 -25.83
C ASN A 246 -17.85 -12.35 -26.54
N MET A 247 -19.17 -12.14 -26.51
CA MET A 247 -20.12 -13.07 -27.11
C MET A 247 -20.26 -13.00 -28.63
N TRP A 248 -20.46 -14.17 -29.24
CA TRP A 248 -20.66 -14.24 -30.69
C TRP A 248 -22.16 -14.18 -30.98
N GLN A 249 -22.99 -14.42 -29.97
CA GLN A 249 -24.45 -14.40 -30.18
C GLN A 249 -25.03 -13.00 -30.24
N GLU A 250 -24.50 -12.11 -29.42
CA GLU A 250 -24.98 -10.74 -29.37
C GLU A 250 -23.81 -9.90 -28.86
N VAL A 251 -23.94 -8.59 -28.89
CA VAL A 251 -22.86 -7.73 -28.40
C VAL A 251 -22.86 -7.74 -26.88
N GLY A 252 -21.71 -8.03 -26.27
CA GLY A 252 -21.63 -8.05 -24.83
C GLY A 252 -20.51 -8.95 -24.35
N LYS A 253 -20.35 -9.05 -23.04
CA LYS A 253 -19.32 -9.91 -22.47
C LYS A 253 -19.97 -10.99 -21.62
N ALA A 254 -19.29 -12.12 -21.47
CA ALA A 254 -19.79 -13.22 -20.66
C ALA A 254 -18.68 -13.79 -19.80
N MET A 255 -19.07 -14.42 -18.69
CA MET A 255 -18.09 -15.03 -17.83
C MET A 255 -18.56 -16.45 -17.58
N TYR A 256 -17.68 -17.41 -17.86
CA TYR A 256 -17.99 -18.81 -17.65
C TYR A 256 -17.15 -19.35 -16.49
N ALA A 257 -17.52 -20.53 -16.00
CA ALA A 257 -16.80 -21.15 -14.89
C ALA A 257 -15.47 -21.73 -15.34
N PRO A 258 -14.53 -21.88 -14.40
CA PRO A 258 -13.22 -22.44 -14.76
C PRO A 258 -13.39 -23.88 -15.25
N PRO A 259 -12.34 -24.46 -15.85
CA PRO A 259 -12.42 -25.84 -16.35
C PRO A 259 -12.53 -26.83 -15.20
N ILE A 260 -13.19 -27.97 -15.44
CA ILE A 260 -13.34 -28.98 -14.39
C ILE A 260 -12.10 -29.86 -14.23
N ARG A 261 -11.75 -30.61 -15.27
CA ARG A 261 -10.58 -31.48 -15.22
C ARG A 261 -9.31 -30.69 -15.44
N GLY A 262 -8.24 -31.10 -14.75
CA GLY A 262 -6.97 -30.43 -14.89
C GLY A 262 -6.52 -30.23 -16.33
N GLN A 263 -6.28 -31.34 -17.03
CA GLN A 263 -5.82 -31.29 -18.41
C GLN A 263 -6.94 -31.32 -19.46
N ILE A 264 -7.01 -30.23 -20.23
CA ILE A 264 -8.00 -30.07 -21.28
C ILE A 264 -7.31 -30.21 -22.64
N ARG A 265 -7.76 -31.18 -23.44
CA ARG A 265 -7.19 -31.40 -24.76
C ARG A 265 -8.23 -31.13 -25.85
N CYS A 266 -7.83 -31.25 -27.12
CA CYS A 266 -8.75 -31.01 -28.24
C CYS A 266 -8.14 -31.37 -29.59
N SER A 267 -8.82 -32.25 -30.32
CA SER A 267 -8.35 -32.66 -31.64
C SER A 267 -9.35 -32.18 -32.69
N SER A 268 -8.89 -31.39 -33.64
CA SER A 268 -9.78 -30.88 -34.68
C SER A 268 -9.15 -30.90 -36.06
N ASN A 269 -9.99 -31.10 -37.07
CA ASN A 269 -9.57 -31.13 -38.46
C ASN A 269 -9.81 -29.76 -39.08
N ILE A 270 -8.74 -29.10 -39.54
CA ILE A 270 -8.90 -27.79 -40.18
C ILE A 270 -9.42 -28.06 -41.59
N THR A 271 -10.64 -27.61 -41.87
CA THR A 271 -11.26 -27.87 -43.16
C THR A 271 -11.45 -26.66 -44.07
N GLY A 272 -11.25 -25.47 -43.52
CA GLY A 272 -11.41 -24.27 -44.31
C GLY A 272 -10.85 -23.07 -43.58
N LEU A 273 -10.93 -21.91 -44.20
CA LEU A 273 -10.44 -20.67 -43.59
C LEU A 273 -11.34 -19.48 -43.92
N LEU A 274 -11.25 -18.44 -43.11
CA LEU A 274 -12.00 -17.22 -43.35
C LEU A 274 -10.92 -16.15 -43.56
N LEU A 275 -10.87 -15.61 -44.77
CA LEU A 275 -9.89 -14.61 -45.14
C LEU A 275 -10.52 -13.34 -45.65
N THR A 276 -9.73 -12.27 -45.63
CA THR A 276 -10.12 -10.97 -46.14
C THR A 276 -8.92 -10.52 -46.95
N ARG A 277 -9.17 -9.69 -47.94
CA ARG A 277 -8.11 -9.16 -48.78
C ARG A 277 -8.05 -7.65 -48.51
N ASP A 278 -6.86 -7.14 -48.23
CA ASP A 278 -6.65 -5.71 -47.97
C ASP A 278 -7.05 -4.90 -49.20
N GLY A 279 -7.85 -3.87 -49.00
CA GLY A 279 -8.25 -3.03 -50.11
C GLY A 279 -7.06 -2.28 -50.67
N GLY A 280 -6.18 -2.98 -51.38
CA GLY A 280 -5.00 -2.36 -51.95
C GLY A 280 -5.29 -1.53 -53.18
N LYS A 281 -6.20 -0.56 -53.03
CA LYS A 281 -6.59 0.33 -54.12
C LYS A 281 -5.38 0.78 -54.95
N ASP A 282 -4.25 0.96 -54.28
CA ASP A 282 -3.02 1.38 -54.95
C ASP A 282 -2.48 0.35 -55.94
N THR A 283 -1.93 0.85 -57.04
CA THR A 283 -1.36 0.00 -58.08
C THR A 283 -0.13 -0.71 -57.51
N ASN A 284 -0.10 -2.03 -57.57
CA ASN A 284 1.04 -2.75 -57.03
C ASN A 284 1.22 -4.18 -57.55
N GLY A 285 0.21 -4.70 -58.24
CA GLY A 285 0.32 -6.05 -58.75
C GLY A 285 0.58 -7.03 -57.62
N THR A 286 0.03 -6.71 -56.46
CA THR A 286 0.17 -7.57 -55.29
C THR A 286 -1.07 -7.50 -54.39
N GLU A 287 -1.42 -8.65 -53.81
CA GLU A 287 -2.60 -8.74 -52.96
C GLU A 287 -2.29 -9.27 -51.55
N ILE A 288 -2.95 -8.69 -50.55
CA ILE A 288 -2.72 -9.11 -49.18
C ILE A 288 -3.96 -9.77 -48.59
N PHE A 289 -3.74 -10.88 -47.89
CA PHE A 289 -4.83 -11.63 -47.26
C PHE A 289 -4.56 -11.94 -45.81
N ARG A 290 -5.53 -11.62 -44.95
CA ARG A 290 -5.39 -11.84 -43.52
C ARG A 290 -6.52 -12.71 -42.96
N PRO A 291 -6.35 -13.21 -41.73
CA PRO A 291 -7.35 -14.04 -41.06
C PRO A 291 -8.61 -13.22 -40.86
N GLY A 292 -9.76 -13.82 -41.11
CA GLY A 292 -11.03 -13.14 -40.95
C GLY A 292 -11.94 -13.95 -40.07
N GLY A 293 -13.24 -13.70 -40.15
CA GLY A 293 -14.20 -14.41 -39.32
C GLY A 293 -14.83 -13.46 -38.32
N GLY A 294 -15.82 -13.95 -37.58
CA GLY A 294 -16.50 -13.13 -36.60
C GLY A 294 -17.99 -13.38 -36.65
N ASP A 295 -18.56 -13.32 -37.84
CA ASP A 295 -19.98 -13.57 -38.01
C ASP A 295 -20.01 -15.08 -38.15
N MET A 296 -20.53 -15.77 -37.15
CA MET A 296 -20.59 -17.23 -37.22
C MET A 296 -21.45 -17.69 -38.39
N ARG A 297 -22.18 -16.77 -39.00
CA ARG A 297 -23.01 -17.12 -40.14
C ARG A 297 -22.18 -17.63 -41.32
N ASP A 298 -20.98 -17.11 -41.50
CA ASP A 298 -20.14 -17.60 -42.59
C ASP A 298 -19.71 -19.03 -42.31
N ASN A 299 -19.68 -19.41 -41.05
CA ASN A 299 -19.30 -20.76 -40.69
C ASN A 299 -20.45 -21.68 -41.11
N TRP A 300 -21.67 -21.17 -41.06
CA TRP A 300 -22.84 -21.97 -41.41
C TRP A 300 -22.95 -22.13 -42.93
N ARG A 301 -22.65 -21.06 -43.67
CA ARG A 301 -22.68 -21.07 -45.13
C ARG A 301 -21.67 -22.06 -45.71
N SER A 302 -20.49 -22.15 -45.09
CA SER A 302 -19.45 -23.05 -45.60
C SER A 302 -19.90 -24.51 -45.63
N GLU A 303 -21.01 -24.80 -44.97
CA GLU A 303 -21.54 -26.17 -44.95
C GLU A 303 -22.88 -26.27 -45.68
N LEU A 304 -23.58 -25.15 -45.80
CA LEU A 304 -24.89 -25.13 -46.43
C LEU A 304 -24.97 -24.48 -47.80
N TYR A 305 -23.82 -24.15 -48.38
CA TYR A 305 -23.77 -23.49 -49.67
C TYR A 305 -24.36 -24.29 -50.83
N LYS A 306 -24.41 -25.61 -50.71
CA LYS A 306 -24.95 -26.42 -51.79
C LYS A 306 -26.43 -26.76 -51.67
N TYR A 307 -27.07 -26.28 -50.61
CA TYR A 307 -28.51 -26.55 -50.40
C TYR A 307 -29.39 -25.34 -50.60
N LYS A 308 -30.64 -25.61 -50.94
CA LYS A 308 -31.64 -24.57 -51.18
C LYS A 308 -33.00 -25.21 -50.94
N VAL A 309 -33.67 -24.78 -49.87
CA VAL A 309 -35.00 -25.30 -49.54
C VAL A 309 -36.03 -24.62 -50.42
N VAL A 310 -36.97 -25.39 -50.94
CA VAL A 310 -38.00 -24.83 -51.81
C VAL A 310 -39.36 -25.53 -51.62
N LYS A 311 -40.40 -24.93 -52.15
CA LYS A 311 -41.76 -25.46 -52.07
C LYS A 311 -42.04 -26.43 -53.21
N ILE A 312 -42.71 -27.53 -52.91
CA ILE A 312 -43.05 -28.51 -53.93
C ILE A 312 -44.19 -27.93 -54.76
N GLU A 313 -43.92 -27.68 -56.04
CA GLU A 313 -44.89 -27.11 -56.95
C GLU A 313 -44.98 -27.90 -58.25
N ASP B 1 -31.99 -21.11 -0.06
CA ASP B 1 -31.18 -20.59 1.07
C ASP B 1 -30.40 -21.71 1.73
N ILE B 2 -29.09 -21.73 1.49
CA ILE B 2 -28.26 -22.76 2.06
C ILE B 2 -27.82 -22.40 3.49
N VAL B 3 -28.23 -23.26 4.42
CA VAL B 3 -27.91 -23.06 5.82
C VAL B 3 -26.74 -23.94 6.26
N MET B 4 -25.82 -23.33 7.00
CA MET B 4 -24.67 -24.04 7.51
C MET B 4 -24.84 -24.16 9.02
N THR B 5 -24.73 -25.36 9.54
CA THR B 5 -24.87 -25.60 10.98
C THR B 5 -23.59 -26.15 11.56
N GLN B 6 -23.12 -25.55 12.64
CA GLN B 6 -21.89 -25.99 13.28
C GLN B 6 -22.18 -26.62 14.65
N SER B 7 -21.44 -27.66 14.99
CA SER B 7 -21.66 -28.33 16.26
C SER B 7 -20.36 -28.88 16.80
N PRO B 8 -20.20 -28.84 18.14
CA PRO B 8 -21.23 -28.29 19.02
C PRO B 8 -20.98 -26.78 19.08
N ALA B 9 -21.91 -26.03 19.64
CA ALA B 9 -21.74 -24.58 19.72
C ALA B 9 -20.48 -24.24 20.54
N THR B 10 -20.27 -24.99 21.61
CA THR B 10 -19.13 -24.77 22.47
C THR B 10 -18.42 -26.08 22.76
N LEU B 11 -17.11 -26.09 22.55
CA LEU B 11 -16.33 -27.28 22.78
C LEU B 11 -15.23 -26.98 23.79
N SER B 12 -15.14 -27.81 24.83
CA SER B 12 -14.09 -27.64 25.84
C SER B 12 -13.06 -28.72 25.61
N VAL B 13 -11.79 -28.35 25.53
CA VAL B 13 -10.75 -29.34 25.30
C VAL B 13 -9.46 -28.94 25.98
N SER B 14 -8.78 -29.90 26.60
CA SER B 14 -7.53 -29.61 27.27
C SER B 14 -6.43 -29.24 26.27
N PRO B 15 -5.54 -28.33 26.67
CA PRO B 15 -4.44 -27.92 25.78
C PRO B 15 -3.57 -29.12 25.38
N GLY B 16 -2.99 -29.05 24.18
CA GLY B 16 -2.15 -30.13 23.70
C GLY B 16 -2.95 -31.33 23.19
N GLU B 17 -4.24 -31.35 23.50
CA GLU B 17 -5.11 -32.45 23.07
C GLU B 17 -5.64 -32.17 21.65
N ARG B 18 -6.49 -33.04 21.13
CA ARG B 18 -7.04 -32.86 19.80
C ARG B 18 -8.49 -32.36 19.78
N ALA B 19 -8.78 -31.46 18.84
CA ALA B 19 -10.10 -30.90 18.68
C ALA B 19 -10.64 -31.25 17.30
N THR B 20 -11.95 -31.45 17.22
CA THR B 20 -12.59 -31.77 15.96
C THR B 20 -13.92 -31.03 15.86
N LEU B 21 -13.99 -30.10 14.92
CA LEU B 21 -15.19 -29.30 14.73
C LEU B 21 -16.05 -29.77 13.57
N SER B 22 -17.35 -29.73 13.79
CA SER B 22 -18.30 -30.16 12.80
C SER B 22 -19.08 -29.01 12.14
N CYS B 23 -19.32 -29.17 10.83
CA CYS B 23 -20.09 -28.20 10.03
C CYS B 23 -20.95 -29.01 9.06
N ARG B 24 -22.24 -28.66 8.97
CA ARG B 24 -23.16 -29.37 8.09
C ARG B 24 -23.93 -28.38 7.24
N ALA B 25 -24.08 -28.68 5.96
CA ALA B 25 -24.81 -27.81 5.03
C ALA B 25 -26.21 -28.37 4.78
N SER B 26 -27.21 -27.49 4.72
CA SER B 26 -28.58 -27.91 4.51
C SER B 26 -28.77 -28.65 3.19
N GLU B 27 -27.76 -28.60 2.33
CA GLU B 27 -27.78 -29.31 1.05
C GLU B 27 -26.35 -29.44 0.53
N SER B 28 -26.16 -30.12 -0.59
CA SER B 28 -24.83 -30.31 -1.12
C SER B 28 -24.15 -29.00 -1.50
N VAL B 29 -22.85 -28.93 -1.23
CA VAL B 29 -22.07 -27.74 -1.52
C VAL B 29 -20.77 -28.14 -2.22
N SER B 30 -20.66 -29.43 -2.53
CA SER B 30 -19.46 -29.97 -3.18
C SER B 30 -18.27 -29.79 -2.25
N SER B 31 -17.26 -29.04 -2.70
CA SER B 31 -16.06 -28.79 -1.92
C SER B 31 -15.82 -27.31 -1.63
N ASP B 32 -16.75 -26.46 -2.06
CA ASP B 32 -16.62 -25.03 -1.83
C ASP B 32 -16.97 -24.72 -0.36
N LEU B 33 -16.06 -25.11 0.54
CA LEU B 33 -16.23 -24.94 1.98
C LEU B 33 -14.94 -24.36 2.59
N ALA B 34 -15.08 -23.29 3.37
CA ALA B 34 -13.91 -22.69 3.98
C ALA B 34 -14.05 -22.59 5.49
N TRP B 35 -12.92 -22.53 6.18
CA TRP B 35 -12.90 -22.42 7.62
C TRP B 35 -12.11 -21.19 8.05
N TYR B 36 -12.63 -20.46 9.03
CA TYR B 36 -11.98 -19.28 9.54
C TYR B 36 -11.83 -19.32 11.05
N GLN B 37 -10.85 -18.57 11.56
CA GLN B 37 -10.60 -18.49 12.99
C GLN B 37 -10.70 -17.01 13.33
N GLN B 38 -11.29 -16.70 14.47
CA GLN B 38 -11.40 -15.31 14.87
C GLN B 38 -11.28 -15.15 16.39
N LYS B 39 -10.29 -14.37 16.79
CA LYS B 39 -10.08 -14.11 18.20
C LYS B 39 -10.86 -12.83 18.47
N PRO B 40 -11.25 -12.59 19.72
CA PRO B 40 -12.02 -11.38 20.05
C PRO B 40 -11.28 -10.09 19.70
N GLY B 41 -12.02 -9.10 19.20
CA GLY B 41 -11.41 -7.83 18.83
C GLY B 41 -10.52 -7.89 17.61
N GLN B 42 -10.58 -9.00 16.87
CA GLN B 42 -9.78 -9.17 15.67
C GLN B 42 -10.58 -9.63 14.45
N ALA B 43 -9.99 -9.47 13.27
CA ALA B 43 -10.63 -9.87 12.03
C ALA B 43 -10.46 -11.36 11.83
N PRO B 44 -11.38 -11.99 11.10
CA PRO B 44 -11.23 -13.44 10.91
C PRO B 44 -9.99 -13.76 10.08
N ARG B 45 -9.53 -15.00 10.15
CA ARG B 45 -8.36 -15.45 9.40
C ARG B 45 -8.74 -16.71 8.64
N LEU B 46 -8.33 -16.80 7.38
CA LEU B 46 -8.61 -17.97 6.57
C LEU B 46 -7.65 -19.11 6.96
N LEU B 47 -8.20 -20.31 7.15
CA LEU B 47 -7.40 -21.47 7.52
C LEU B 47 -7.40 -22.53 6.44
N ILE B 48 -8.62 -22.89 6.04
CA ILE B 48 -8.83 -23.91 5.02
C ILE B 48 -9.79 -23.38 3.98
N TYR B 49 -9.71 -23.96 2.78
CA TYR B 49 -10.60 -23.61 1.69
C TYR B 49 -10.60 -24.81 0.76
N GLY B 50 -11.63 -24.92 -0.07
CA GLY B 50 -11.70 -26.06 -0.94
C GLY B 50 -11.83 -27.32 -0.08
N ALA B 51 -12.48 -27.16 1.08
CA ALA B 51 -12.72 -28.25 2.02
C ALA B 51 -11.48 -28.83 2.71
N SER B 52 -10.41 -29.06 1.96
CA SER B 52 -9.21 -29.65 2.54
C SER B 52 -7.91 -28.90 2.30
N THR B 53 -7.90 -27.99 1.34
CA THR B 53 -6.70 -27.24 1.06
C THR B 53 -6.44 -26.23 2.17
N ARG B 54 -5.24 -26.29 2.73
CA ARG B 54 -4.84 -25.40 3.83
C ARG B 54 -4.13 -24.16 3.30
N ALA B 55 -4.61 -22.98 3.71
CA ALA B 55 -4.01 -21.71 3.28
C ALA B 55 -2.53 -21.60 3.65
N THR B 56 -1.84 -20.62 3.07
CA THR B 56 -0.43 -20.42 3.36
C THR B 56 -0.28 -19.68 4.68
N GLY B 57 0.72 -20.07 5.47
CA GLY B 57 0.93 -19.42 6.75
C GLY B 57 0.09 -20.03 7.87
N VAL B 58 -0.57 -21.13 7.59
CA VAL B 58 -1.43 -21.80 8.56
C VAL B 58 -0.82 -23.12 9.00
N PRO B 59 -0.46 -23.25 10.30
CA PRO B 59 0.14 -24.45 10.88
C PRO B 59 -0.39 -25.75 10.31
N ALA B 60 0.46 -26.77 10.25
CA ALA B 60 0.07 -28.07 9.72
C ALA B 60 -0.83 -28.85 10.67
N ARG B 61 -0.98 -28.38 11.90
CA ARG B 61 -1.86 -29.06 12.85
C ARG B 61 -3.30 -28.86 12.42
N PHE B 62 -3.52 -27.82 11.61
CA PHE B 62 -4.85 -27.49 11.09
C PHE B 62 -5.10 -28.25 9.79
N SER B 63 -6.11 -29.10 9.79
CA SER B 63 -6.43 -29.87 8.62
C SER B 63 -7.93 -29.90 8.36
N GLY B 64 -8.32 -29.76 7.10
CA GLY B 64 -9.71 -29.78 6.73
C GLY B 64 -10.08 -31.09 6.09
N SER B 65 -11.32 -31.50 6.25
CA SER B 65 -11.80 -32.76 5.71
C SER B 65 -13.30 -32.66 5.49
N GLY B 66 -13.80 -33.41 4.51
CA GLY B 66 -15.23 -33.40 4.24
C GLY B 66 -15.60 -33.28 2.77
N SER B 67 -16.90 -33.42 2.49
CA SER B 67 -17.42 -33.32 1.13
C SER B 67 -18.93 -33.42 1.16
N GLY B 68 -19.58 -32.91 0.13
CA GLY B 68 -21.03 -32.94 0.09
C GLY B 68 -21.62 -31.94 1.05
N ALA B 69 -22.22 -32.44 2.13
CA ALA B 69 -22.85 -31.58 3.13
C ALA B 69 -22.34 -31.85 4.54
N GLU B 70 -21.17 -32.48 4.63
CA GLU B 70 -20.62 -32.84 5.93
C GLU B 70 -19.12 -32.50 5.95
N PHE B 71 -18.73 -31.59 6.83
CA PHE B 71 -17.33 -31.21 6.90
C PHE B 71 -16.82 -31.21 8.32
N THR B 72 -15.50 -31.28 8.43
CA THR B 72 -14.89 -31.31 9.73
C THR B 72 -13.56 -30.59 9.71
N LEU B 73 -13.24 -29.94 10.82
CA LEU B 73 -11.97 -29.23 10.96
C LEU B 73 -11.26 -29.92 12.09
N THR B 74 -9.98 -30.18 11.91
CA THR B 74 -9.24 -30.88 12.95
C THR B 74 -7.96 -30.19 13.35
N ILE B 75 -7.76 -30.09 14.65
CA ILE B 75 -6.57 -29.49 15.23
C ILE B 75 -6.00 -30.60 16.11
N SER B 76 -4.81 -31.07 15.76
CA SER B 76 -4.18 -32.16 16.50
C SER B 76 -3.57 -31.84 17.86
N SER B 77 -3.11 -30.60 18.08
CA SER B 77 -2.52 -30.24 19.36
C SER B 77 -2.82 -28.81 19.78
N LEU B 78 -3.96 -28.60 20.41
CA LEU B 78 -4.37 -27.26 20.84
C LEU B 78 -3.33 -26.43 21.56
N GLN B 79 -2.97 -25.31 20.96
CA GLN B 79 -2.00 -24.40 21.55
C GLN B 79 -2.85 -23.23 22.02
N SER B 80 -2.28 -22.40 22.89
CA SER B 80 -3.01 -21.25 23.43
C SER B 80 -3.62 -20.39 22.33
N GLU B 81 -2.90 -20.24 21.23
CA GLU B 81 -3.31 -19.42 20.09
C GLU B 81 -4.47 -20.04 19.30
N ASP B 82 -4.78 -21.30 19.57
CA ASP B 82 -5.83 -22.00 18.86
C ASP B 82 -7.19 -21.92 19.52
N PHE B 83 -7.25 -21.34 20.71
CA PHE B 83 -8.52 -21.20 21.42
C PHE B 83 -9.22 -19.91 20.97
N ALA B 84 -10.24 -20.08 20.13
CA ALA B 84 -10.98 -18.96 19.59
C ALA B 84 -12.30 -19.45 19.02
N VAL B 85 -12.89 -18.65 18.14
CA VAL B 85 -14.14 -19.03 17.51
C VAL B 85 -13.85 -19.38 16.07
N TYR B 86 -14.45 -20.47 15.59
CA TYR B 86 -14.25 -20.95 14.23
C TYR B 86 -15.54 -20.90 13.41
N TYR B 87 -15.44 -20.41 12.19
CA TYR B 87 -16.61 -20.32 11.33
C TYR B 87 -16.39 -21.09 10.03
N CYS B 88 -17.45 -21.73 9.51
CA CYS B 88 -17.32 -22.40 8.24
C CYS B 88 -18.14 -21.55 7.28
N GLN B 89 -17.83 -21.64 5.99
CA GLN B 89 -18.55 -20.87 4.99
C GLN B 89 -18.62 -21.65 3.69
N GLN B 90 -19.75 -21.55 3.01
CA GLN B 90 -19.93 -22.24 1.74
C GLN B 90 -20.03 -21.17 0.66
N TYR B 91 -19.46 -21.48 -0.50
CA TYR B 91 -19.46 -20.55 -1.62
C TYR B 91 -19.62 -21.36 -2.91
N ASN B 92 -20.53 -22.32 -2.86
CA ASN B 92 -20.77 -23.19 -3.99
C ASN B 92 -21.97 -22.82 -4.82
N ASN B 93 -22.95 -22.15 -4.23
CA ASN B 93 -24.13 -21.81 -5.00
C ASN B 93 -23.88 -20.63 -5.90
N TRP B 94 -24.71 -20.52 -6.93
CA TRP B 94 -24.65 -19.44 -7.91
C TRP B 94 -26.03 -19.36 -8.58
N PRO B 95 -26.61 -18.15 -8.69
CA PRO B 95 -26.06 -16.87 -8.22
C PRO B 95 -25.54 -17.00 -6.81
N PRO B 96 -24.46 -16.27 -6.49
CA PRO B 96 -23.86 -16.34 -5.16
C PRO B 96 -24.73 -15.81 -4.03
N ARG B 97 -24.84 -16.62 -2.98
CA ARG B 97 -25.61 -16.30 -1.78
C ARG B 97 -24.84 -17.08 -0.73
N TYR B 98 -23.59 -16.68 -0.53
CA TYR B 98 -22.72 -17.36 0.41
C TYR B 98 -23.18 -17.19 1.85
N THR B 99 -22.88 -18.18 2.69
CA THR B 99 -23.31 -18.11 4.08
C THR B 99 -22.31 -18.72 5.05
N PHE B 100 -22.36 -18.25 6.30
CA PHE B 100 -21.48 -18.72 7.35
C PHE B 100 -22.25 -19.56 8.36
N GLY B 101 -21.49 -20.33 9.14
CA GLY B 101 -22.09 -21.13 10.18
C GLY B 101 -22.22 -20.20 11.36
N GLN B 102 -23.05 -20.56 12.32
CA GLN B 102 -23.29 -19.76 13.50
C GLN B 102 -22.04 -19.68 14.41
N GLY B 103 -21.09 -20.58 14.18
CA GLY B 103 -19.86 -20.59 14.96
C GLY B 103 -19.74 -21.65 16.03
N THR B 104 -18.51 -22.06 16.32
CA THR B 104 -18.21 -23.04 17.36
C THR B 104 -17.08 -22.44 18.18
N ARG B 105 -17.38 -22.09 19.43
CA ARG B 105 -16.39 -21.49 20.30
C ARG B 105 -15.55 -22.56 20.99
N LEU B 106 -14.24 -22.45 20.81
CA LEU B 106 -13.30 -23.39 21.41
C LEU B 106 -12.74 -22.77 22.69
N GLU B 107 -13.01 -23.42 23.82
CA GLU B 107 -12.56 -22.93 25.12
C GLU B 107 -11.70 -23.94 25.90
N ILE B 108 -10.84 -23.42 26.79
CA ILE B 108 -9.93 -24.27 27.57
C ILE B 108 -10.57 -25.06 28.70
N LYS B 109 -10.25 -26.36 28.74
CA LYS B 109 -10.77 -27.22 29.79
C LYS B 109 -9.80 -27.23 30.96
N ARG B 110 -10.31 -26.93 32.14
CA ARG B 110 -9.50 -26.91 33.36
C ARG B 110 -10.38 -27.46 34.48
N THR B 111 -9.88 -27.48 35.72
CA THR B 111 -10.66 -28.01 36.82
C THR B 111 -11.63 -26.96 37.35
N VAL B 112 -12.74 -27.44 37.90
CA VAL B 112 -13.76 -26.58 38.47
C VAL B 112 -13.23 -25.67 39.56
N ALA B 113 -13.56 -24.39 39.47
CA ALA B 113 -13.14 -23.43 40.48
C ALA B 113 -14.39 -22.69 40.92
N ALA B 114 -14.62 -22.61 42.22
CA ALA B 114 -15.79 -21.90 42.74
C ALA B 114 -15.47 -20.40 42.71
N PRO B 115 -16.48 -19.56 42.48
CA PRO B 115 -16.20 -18.13 42.44
C PRO B 115 -16.27 -17.46 43.80
N SER B 116 -15.59 -16.32 43.89
CA SER B 116 -15.61 -15.50 45.08
C SER B 116 -16.71 -14.54 44.69
N VAL B 117 -17.61 -14.24 45.62
CA VAL B 117 -18.72 -13.35 45.33
C VAL B 117 -18.56 -12.09 46.15
N PHE B 118 -19.00 -10.96 45.59
CA PHE B 118 -18.93 -9.66 46.25
C PHE B 118 -20.15 -8.86 45.84
N ILE B 119 -20.63 -8.00 46.73
CA ILE B 119 -21.77 -7.16 46.41
C ILE B 119 -21.39 -5.71 46.70
N PHE B 120 -21.79 -4.81 45.82
CA PHE B 120 -21.48 -3.38 45.97
C PHE B 120 -22.75 -2.53 45.99
N PRO B 121 -22.96 -1.77 47.07
CA PRO B 121 -24.17 -0.95 47.05
C PRO B 121 -23.87 0.28 46.21
N PRO B 122 -24.90 1.03 45.82
CA PRO B 122 -24.61 2.23 45.03
C PRO B 122 -23.78 3.23 45.81
N SER B 123 -23.06 4.09 45.11
CA SER B 123 -22.26 5.12 45.78
C SER B 123 -23.18 6.31 46.06
N ASP B 124 -22.74 7.24 46.91
CA ASP B 124 -23.56 8.41 47.21
C ASP B 124 -23.67 9.28 45.96
N GLU B 125 -22.58 9.34 45.21
CA GLU B 125 -22.49 10.12 43.98
C GLU B 125 -23.55 9.63 42.99
N GLN B 126 -23.72 8.33 42.85
CA GLN B 126 -24.73 7.83 41.92
C GLN B 126 -26.14 8.15 42.42
N LEU B 127 -26.35 8.08 43.73
CA LEU B 127 -27.68 8.39 44.27
C LEU B 127 -28.01 9.87 44.05
N LYS B 128 -27.01 10.74 44.15
CA LYS B 128 -27.26 12.16 43.93
C LYS B 128 -27.81 12.33 42.51
N SER B 129 -27.42 11.41 41.64
CA SER B 129 -27.81 11.42 40.24
C SER B 129 -29.28 11.07 39.99
N GLY B 130 -29.85 10.19 40.80
CA GLY B 130 -31.23 9.83 40.59
C GLY B 130 -31.42 8.36 40.25
N THR B 131 -30.33 7.60 40.21
CA THR B 131 -30.41 6.18 39.92
C THR B 131 -29.58 5.37 40.91
N ALA B 132 -29.84 4.07 40.94
CA ALA B 132 -29.12 3.17 41.83
C ALA B 132 -28.74 1.86 41.15
N SER B 133 -27.45 1.55 41.21
CA SER B 133 -26.94 0.31 40.61
C SER B 133 -26.32 -0.56 41.69
N VAL B 134 -26.91 -1.71 41.93
CA VAL B 134 -26.35 -2.65 42.91
C VAL B 134 -25.59 -3.65 42.05
N VAL B 135 -24.29 -3.78 42.28
CA VAL B 135 -23.48 -4.67 41.48
C VAL B 135 -23.06 -5.91 42.25
N CYS B 136 -23.08 -7.05 41.57
CA CYS B 136 -22.68 -8.33 42.16
C CYS B 136 -21.59 -8.94 41.30
N LEU B 137 -20.48 -9.31 41.92
CA LEU B 137 -19.33 -9.84 41.18
C LEU B 137 -18.98 -11.30 41.47
N LEU B 138 -18.73 -12.07 40.41
CA LEU B 138 -18.31 -13.47 40.53
C LEU B 138 -16.90 -13.55 40.00
N ASN B 139 -15.94 -13.63 40.91
CA ASN B 139 -14.52 -13.66 40.55
C ASN B 139 -13.88 -15.03 40.27
N ASN B 140 -13.24 -15.14 39.11
CA ASN B 140 -12.51 -16.35 38.67
C ASN B 140 -13.09 -17.73 38.93
N PHE B 141 -14.08 -18.12 38.13
CA PHE B 141 -14.72 -19.43 38.27
C PHE B 141 -14.67 -20.26 36.98
N TYR B 142 -14.97 -21.55 37.10
CA TYR B 142 -14.98 -22.46 35.96
C TYR B 142 -15.75 -23.72 36.35
N PRO B 143 -16.65 -24.21 35.48
CA PRO B 143 -16.99 -23.69 34.15
C PRO B 143 -17.78 -22.36 34.12
N ARG B 144 -17.91 -21.81 32.91
CA ARG B 144 -18.58 -20.55 32.66
C ARG B 144 -20.06 -20.47 33.06
N GLU B 145 -20.68 -21.61 33.37
CA GLU B 145 -22.07 -21.58 33.74
C GLU B 145 -22.27 -21.29 35.23
N ALA B 146 -23.13 -20.31 35.49
CA ALA B 146 -23.45 -19.91 36.86
C ALA B 146 -24.83 -19.29 36.87
N LYS B 147 -25.42 -19.17 38.05
CA LYS B 147 -26.76 -18.60 38.17
C LYS B 147 -26.77 -17.53 39.25
N VAL B 148 -27.18 -16.31 38.90
CA VAL B 148 -27.23 -15.24 39.88
C VAL B 148 -28.67 -14.90 40.21
N GLN B 149 -29.00 -14.98 41.49
CA GLN B 149 -30.36 -14.69 41.94
C GLN B 149 -30.39 -13.41 42.78
N TRP B 150 -31.18 -12.43 42.34
CA TRP B 150 -31.30 -11.18 43.09
C TRP B 150 -32.51 -11.17 44.02
N LYS B 151 -32.32 -10.66 45.23
CA LYS B 151 -33.39 -10.58 46.22
C LYS B 151 -33.46 -9.24 46.92
N VAL B 152 -34.63 -8.63 46.91
CA VAL B 152 -34.86 -7.34 47.54
C VAL B 152 -35.86 -7.56 48.66
N ASP B 153 -35.39 -7.51 49.90
CA ASP B 153 -36.23 -7.74 51.07
C ASP B 153 -36.83 -9.14 50.96
N ASN B 154 -35.97 -10.10 50.63
CA ASN B 154 -36.34 -11.49 50.48
C ASN B 154 -37.36 -11.75 49.38
N ALA B 155 -37.50 -10.79 48.48
CA ALA B 155 -38.43 -10.91 47.36
C ALA B 155 -37.62 -11.24 46.11
N LEU B 156 -37.89 -12.39 45.50
CA LEU B 156 -37.15 -12.77 44.29
C LEU B 156 -37.38 -11.71 43.22
N GLN B 157 -36.30 -11.29 42.57
CA GLN B 157 -36.36 -10.26 41.53
C GLN B 157 -36.20 -10.89 40.15
N SER B 158 -36.64 -10.17 39.12
CA SER B 158 -36.52 -10.65 37.74
C SER B 158 -36.91 -9.59 36.72
N GLY B 159 -36.18 -9.55 35.61
CA GLY B 159 -36.46 -8.59 34.56
C GLY B 159 -35.82 -7.23 34.75
N ASN B 160 -35.09 -7.05 35.85
CA ASN B 160 -34.46 -5.77 36.15
C ASN B 160 -32.95 -5.81 36.39
N SER B 161 -32.30 -6.87 35.92
CA SER B 161 -30.85 -6.99 36.08
C SER B 161 -30.22 -7.36 34.73
N GLN B 162 -28.92 -7.12 34.59
CA GLN B 162 -28.20 -7.41 33.35
C GLN B 162 -26.87 -8.08 33.69
N GLU B 163 -26.48 -9.09 32.93
CA GLU B 163 -25.23 -9.77 33.19
C GLU B 163 -24.21 -9.54 32.08
N SER B 164 -22.93 -9.62 32.47
CA SER B 164 -21.83 -9.43 31.55
C SER B 164 -20.72 -10.39 31.97
N VAL B 165 -20.24 -11.19 31.03
CA VAL B 165 -19.17 -12.15 31.32
C VAL B 165 -17.90 -11.84 30.54
N THR B 166 -16.74 -12.06 31.16
CA THR B 166 -15.47 -11.80 30.48
C THR B 166 -15.04 -12.96 29.59
N GLU B 167 -13.95 -12.76 28.85
CA GLU B 167 -13.40 -13.81 27.99
C GLU B 167 -12.63 -14.73 28.91
N GLN B 168 -12.24 -15.90 28.43
CA GLN B 168 -11.50 -16.80 29.28
C GLN B 168 -10.12 -16.21 29.60
N ASP B 169 -9.84 -16.03 30.89
CA ASP B 169 -8.57 -15.49 31.36
C ASP B 169 -7.42 -16.26 30.75
N SER B 170 -6.47 -15.54 30.17
CA SER B 170 -5.33 -16.18 29.53
C SER B 170 -4.27 -16.72 30.49
N LYS B 171 -4.48 -16.59 31.79
CA LYS B 171 -3.51 -17.09 32.76
C LYS B 171 -4.02 -18.25 33.62
N ASP B 172 -5.31 -18.28 33.92
CA ASP B 172 -5.82 -19.36 34.74
C ASP B 172 -7.02 -20.04 34.10
N SER B 173 -7.35 -19.62 32.89
CA SER B 173 -8.47 -20.20 32.15
C SER B 173 -9.80 -20.09 32.88
N THR B 174 -9.99 -19.06 33.69
CA THR B 174 -11.26 -18.90 34.40
C THR B 174 -12.13 -17.78 33.81
N TYR B 175 -13.31 -17.60 34.39
CA TYR B 175 -14.23 -16.57 33.93
C TYR B 175 -14.69 -15.71 35.10
N SER B 176 -15.02 -14.45 34.81
CA SER B 176 -15.52 -13.55 35.85
C SER B 176 -16.83 -12.99 35.31
N LEU B 177 -17.77 -12.75 36.21
CA LEU B 177 -19.07 -12.26 35.79
C LEU B 177 -19.61 -11.20 36.72
N SER B 178 -20.38 -10.27 36.17
CA SER B 178 -20.97 -9.23 36.98
C SER B 178 -22.46 -9.23 36.74
N SER B 179 -23.23 -8.95 37.79
CA SER B 179 -24.68 -8.85 37.66
C SER B 179 -25.04 -7.51 38.26
N THR B 180 -25.71 -6.67 37.46
CA THR B 180 -26.08 -5.35 37.89
C THR B 180 -27.58 -5.15 38.00
N LEU B 181 -28.03 -4.86 39.21
CA LEU B 181 -29.45 -4.63 39.49
C LEU B 181 -29.69 -3.13 39.38
N THR B 182 -30.45 -2.73 38.37
CA THR B 182 -30.73 -1.32 38.15
C THR B 182 -32.14 -0.92 38.61
N LEU B 183 -32.19 0.15 39.40
CA LEU B 183 -33.45 0.66 39.93
C LEU B 183 -33.37 2.18 40.01
N SER B 184 -34.51 2.83 40.14
CA SER B 184 -34.50 4.28 40.26
C SER B 184 -34.18 4.56 41.73
N LYS B 185 -33.58 5.71 42.01
CA LYS B 185 -33.27 6.05 43.38
C LYS B 185 -34.54 5.98 44.22
N ALA B 186 -35.68 6.34 43.61
CA ALA B 186 -36.96 6.31 44.29
C ALA B 186 -37.28 4.92 44.80
N ASP B 187 -37.06 3.92 43.97
CA ASP B 187 -37.34 2.57 44.40
C ASP B 187 -36.29 1.99 45.32
N TYR B 188 -35.05 2.40 45.12
CA TYR B 188 -33.96 1.89 45.95
C TYR B 188 -34.13 2.24 47.42
N GLU B 189 -34.50 3.49 47.67
CA GLU B 189 -34.68 3.98 49.04
C GLU B 189 -35.87 3.37 49.77
N LYS B 190 -36.80 2.76 49.05
CA LYS B 190 -37.95 2.16 49.70
C LYS B 190 -37.75 0.70 50.12
N HIS B 191 -36.51 0.21 50.04
CA HIS B 191 -36.23 -1.16 50.46
C HIS B 191 -35.01 -1.21 51.37
N LYS B 192 -34.82 -2.33 52.05
CA LYS B 192 -33.70 -2.40 52.99
C LYS B 192 -32.64 -3.45 52.69
N VAL B 193 -33.05 -4.69 52.47
CA VAL B 193 -32.10 -5.75 52.22
C VAL B 193 -31.94 -6.08 50.75
N TYR B 194 -30.69 -5.98 50.28
CA TYR B 194 -30.36 -6.28 48.90
C TYR B 194 -29.46 -7.49 48.94
N ALA B 195 -29.90 -8.57 48.34
CA ALA B 195 -29.12 -9.79 48.36
C ALA B 195 -28.90 -10.37 46.98
N CYS B 196 -27.71 -10.93 46.80
CA CYS B 196 -27.29 -11.56 45.57
C CYS B 196 -26.95 -13.04 45.88
N GLU B 197 -27.73 -13.96 45.35
CA GLU B 197 -27.50 -15.38 45.63
C GLU B 197 -26.87 -16.07 44.43
N VAL B 198 -25.71 -16.68 44.65
CA VAL B 198 -24.96 -17.36 43.59
C VAL B 198 -24.97 -18.87 43.66
N THR B 199 -25.12 -19.48 42.50
CA THR B 199 -25.12 -20.93 42.37
C THR B 199 -24.05 -21.27 41.35
N HIS B 200 -23.24 -22.29 41.64
CA HIS B 200 -22.20 -22.70 40.71
C HIS B 200 -21.78 -24.13 40.99
N GLN B 201 -21.19 -24.79 40.00
CA GLN B 201 -20.77 -26.16 40.16
C GLN B 201 -19.68 -26.34 41.22
N GLY B 202 -18.93 -25.29 41.49
CA GLY B 202 -17.88 -25.39 42.50
C GLY B 202 -18.33 -25.00 43.91
N LEU B 203 -19.59 -24.68 44.07
CA LEU B 203 -20.16 -24.30 45.37
C LEU B 203 -21.14 -25.39 45.77
N SER B 204 -20.83 -26.10 46.85
CA SER B 204 -21.69 -27.18 47.33
C SER B 204 -23.03 -26.64 47.76
N SER B 205 -23.03 -25.39 48.19
CA SER B 205 -24.25 -24.75 48.64
C SER B 205 -24.27 -23.30 48.12
N PRO B 206 -25.47 -22.77 47.84
CA PRO B 206 -25.58 -21.39 47.34
C PRO B 206 -24.86 -20.40 48.24
N VAL B 207 -24.23 -19.40 47.62
CA VAL B 207 -23.52 -18.37 48.39
C VAL B 207 -24.28 -17.06 48.29
N THR B 208 -24.59 -16.47 49.43
CA THR B 208 -25.34 -15.23 49.42
C THR B 208 -24.56 -14.05 49.98
N LYS B 209 -24.54 -12.95 49.22
CA LYS B 209 -23.87 -11.75 49.66
C LYS B 209 -24.96 -10.69 49.68
N SER B 210 -25.03 -9.94 50.77
CA SER B 210 -26.08 -8.95 50.88
C SER B 210 -25.70 -7.77 51.76
N PHE B 211 -26.60 -6.81 51.86
CA PHE B 211 -26.35 -5.67 52.71
C PHE B 211 -27.66 -4.99 53.08
N ASN B 212 -27.57 -3.97 53.93
CA ASN B 212 -28.74 -3.22 54.34
C ASN B 212 -28.52 -1.77 53.97
N ARG B 213 -29.39 -1.23 53.13
CA ARG B 213 -29.28 0.16 52.72
C ARG B 213 -29.07 0.99 53.98
N GLY B 214 -27.86 1.53 54.14
CA GLY B 214 -27.54 2.33 55.31
C GLY B 214 -27.24 1.47 56.54
N VAL C 2 -0.02 -7.67 0.01
CA VAL C 2 -1.48 -7.40 -0.17
C VAL C 2 -2.11 -6.96 1.16
N GLN C 3 -2.46 -5.68 1.25
CA GLN C 3 -3.01 -5.12 2.46
C GLN C 3 -4.37 -4.50 2.23
N LEU C 4 -5.20 -4.56 3.26
CA LEU C 4 -6.52 -3.96 3.17
C LEU C 4 -6.65 -3.08 4.38
N VAL C 5 -6.96 -1.81 4.17
CA VAL C 5 -7.12 -0.85 5.25
C VAL C 5 -8.46 -0.13 5.12
N GLU C 6 -9.21 -0.05 6.21
CA GLU C 6 -10.53 0.57 6.20
C GLU C 6 -10.61 1.88 6.97
N SER C 7 -11.57 2.73 6.60
CA SER C 7 -11.75 4.01 7.27
C SER C 7 -12.27 3.81 8.69
N GLY C 8 -12.07 4.83 9.52
CA GLY C 8 -12.47 4.78 10.92
C GLY C 8 -13.92 4.51 11.30
N ALA C 9 -14.14 4.38 12.61
CA ALA C 9 -15.47 4.13 13.17
C ALA C 9 -16.45 5.22 12.79
N GLU C 10 -17.73 4.90 12.88
CA GLU C 10 -18.76 5.88 12.54
C GLU C 10 -19.94 5.79 13.47
N VAL C 11 -20.57 6.94 13.70
CA VAL C 11 -21.75 7.03 14.54
C VAL C 11 -22.79 7.67 13.65
N LYS C 12 -23.84 6.92 13.32
CA LYS C 12 -24.87 7.42 12.44
C LYS C 12 -26.22 7.57 13.10
N LYS C 13 -27.03 8.45 12.54
CA LYS C 13 -28.37 8.74 13.05
C LYS C 13 -29.30 7.87 12.21
N PRO C 14 -30.37 7.31 12.82
CA PRO C 14 -31.33 6.46 12.11
C PRO C 14 -31.80 7.12 10.82
N GLY C 15 -31.96 6.34 9.76
CA GLY C 15 -32.41 6.91 8.50
C GLY C 15 -31.31 7.53 7.68
N SER C 16 -30.09 7.60 8.22
CA SER C 16 -29.00 8.20 7.47
C SER C 16 -28.28 7.13 6.67
N SER C 17 -27.21 7.52 5.97
CA SER C 17 -26.41 6.61 5.17
C SER C 17 -24.95 6.69 5.57
N VAL C 18 -24.23 5.59 5.37
CA VAL C 18 -22.81 5.52 5.68
C VAL C 18 -22.09 4.88 4.49
N LYS C 19 -20.86 5.30 4.26
CA LYS C 19 -20.09 4.74 3.18
C LYS C 19 -18.71 4.44 3.72
N VAL C 20 -18.44 3.15 3.87
CA VAL C 20 -17.16 2.67 4.37
C VAL C 20 -16.28 2.45 3.16
N SER C 21 -14.96 2.58 3.34
CA SER C 21 -14.05 2.37 2.23
C SER C 21 -13.02 1.32 2.62
N CYS C 22 -12.41 0.71 1.61
CA CYS C 22 -11.41 -0.31 1.83
C CYS C 22 -10.29 -0.10 0.83
N LYS C 23 -9.15 0.40 1.30
CA LYS C 23 -8.04 0.66 0.41
C LYS C 23 -7.17 -0.57 0.26
N ALA C 24 -7.12 -1.11 -0.95
CA ALA C 24 -6.31 -2.28 -1.23
C ALA C 24 -4.99 -1.86 -1.86
N SER C 25 -3.94 -2.63 -1.64
CA SER C 25 -2.64 -2.32 -2.19
C SER C 25 -1.73 -3.54 -2.14
N GLY C 26 -0.68 -3.52 -2.94
CA GLY C 26 0.27 -4.62 -2.91
C GLY C 26 0.28 -5.49 -4.14
N ASP C 27 -0.77 -5.39 -4.96
CA ASP C 27 -0.87 -6.20 -6.16
C ASP C 27 -1.90 -5.61 -7.11
N THR C 28 -2.07 -6.25 -8.27
CA THR C 28 -3.00 -5.79 -9.29
C THR C 28 -4.46 -5.83 -8.83
N PHE C 29 -5.00 -4.65 -8.54
CA PHE C 29 -6.35 -4.47 -8.07
C PHE C 29 -7.40 -5.27 -8.83
N ILE C 30 -7.34 -5.22 -10.15
CA ILE C 30 -8.35 -5.91 -10.94
C ILE C 30 -8.24 -7.41 -10.92
N ARG C 31 -7.24 -7.94 -10.23
CA ARG C 31 -7.08 -9.38 -10.16
C ARG C 31 -7.69 -10.01 -8.92
N TYR C 32 -8.42 -9.20 -8.15
CA TYR C 32 -9.08 -9.66 -6.93
C TYR C 32 -10.55 -9.33 -6.93
N SER C 33 -11.31 -10.11 -6.17
CA SER C 33 -12.72 -9.88 -6.00
C SER C 33 -12.78 -9.48 -4.51
N PHE C 34 -13.74 -8.65 -4.14
CA PHE C 34 -13.83 -8.22 -2.76
C PHE C 34 -15.19 -8.48 -2.17
N THR C 35 -15.21 -8.81 -0.89
CA THR C 35 -16.43 -9.12 -0.19
C THR C 35 -16.56 -8.26 1.04
N TRP C 36 -17.79 -8.05 1.47
CA TRP C 36 -18.05 -7.30 2.70
C TRP C 36 -18.80 -8.24 3.63
N VAL C 37 -18.32 -8.33 4.87
CA VAL C 37 -18.91 -9.18 5.88
C VAL C 37 -19.21 -8.36 7.14
N ARG C 38 -20.38 -8.56 7.73
CA ARG C 38 -20.70 -7.82 8.93
C ARG C 38 -20.84 -8.74 10.11
N GLN C 39 -20.69 -8.16 11.30
CA GLN C 39 -20.77 -8.91 12.51
C GLN C 39 -21.31 -7.99 13.59
N ALA C 40 -22.55 -8.23 14.00
CA ALA C 40 -23.16 -7.42 15.03
C ALA C 40 -22.50 -7.82 16.36
N PRO C 41 -22.59 -6.95 17.38
CA PRO C 41 -21.99 -7.23 18.70
C PRO C 41 -22.47 -8.53 19.32
N GLY C 42 -21.52 -9.41 19.61
CA GLY C 42 -21.81 -10.72 20.20
C GLY C 42 -22.35 -11.72 19.20
N GLN C 43 -22.39 -11.33 17.92
CA GLN C 43 -22.92 -12.17 16.85
C GLN C 43 -21.87 -12.83 15.96
N GLY C 44 -22.34 -13.63 15.00
CA GLY C 44 -21.45 -14.30 14.08
C GLY C 44 -21.20 -13.49 12.82
N LEU C 45 -20.47 -14.06 11.88
CA LEU C 45 -20.18 -13.35 10.65
C LEU C 45 -21.40 -13.40 9.74
N GLU C 46 -21.58 -12.34 8.95
CA GLU C 46 -22.71 -12.29 8.04
C GLU C 46 -22.22 -11.89 6.65
N TRP C 47 -22.58 -12.67 5.64
CA TRP C 47 -22.16 -12.36 4.29
C TRP C 47 -23.10 -11.31 3.75
N MET C 48 -22.53 -10.20 3.26
CA MET C 48 -23.33 -9.11 2.72
C MET C 48 -23.36 -9.10 1.20
N GLY C 49 -22.21 -9.25 0.57
CA GLY C 49 -22.15 -9.24 -0.88
C GLY C 49 -20.71 -9.32 -1.36
N ARG C 50 -20.53 -9.42 -2.67
CA ARG C 50 -19.20 -9.53 -3.26
C ARG C 50 -19.17 -8.88 -4.64
N ILE C 51 -18.06 -8.19 -4.96
CA ILE C 51 -17.96 -7.55 -6.26
C ILE C 51 -16.84 -8.15 -7.13
N ILE C 52 -17.17 -8.45 -8.37
CA ILE C 52 -16.20 -8.98 -9.32
C ILE C 52 -15.62 -7.71 -9.94
N THR C 53 -14.56 -7.19 -9.32
CA THR C 53 -13.91 -5.94 -9.73
C THR C 53 -13.70 -5.71 -11.22
N ILE C 54 -12.94 -6.58 -11.88
CA ILE C 54 -12.67 -6.45 -13.32
C ILE C 54 -13.96 -6.27 -14.15
N LEU C 55 -15.04 -6.92 -13.75
CA LEU C 55 -16.31 -6.83 -14.47
C LEU C 55 -17.19 -5.71 -13.93
N ASP C 56 -16.86 -5.24 -12.74
CA ASP C 56 -17.62 -4.17 -12.08
C ASP C 56 -19.06 -4.62 -11.83
N VAL C 57 -19.20 -5.84 -11.31
CA VAL C 57 -20.51 -6.41 -11.02
C VAL C 57 -20.59 -6.89 -9.57
N ALA C 58 -21.61 -6.45 -8.85
CA ALA C 58 -21.75 -6.85 -7.45
C ALA C 58 -23.00 -7.71 -7.21
N HIS C 59 -22.85 -8.71 -6.34
CA HIS C 59 -23.96 -9.58 -5.96
C HIS C 59 -24.18 -9.38 -4.47
N TYR C 60 -25.43 -9.54 -4.03
CA TYR C 60 -25.75 -9.32 -2.63
C TYR C 60 -26.60 -10.38 -1.95
N ALA C 61 -26.66 -10.26 -0.63
CA ALA C 61 -27.43 -11.15 0.22
C ALA C 61 -28.85 -10.62 0.16
N PRO C 62 -29.80 -11.48 -0.22
CA PRO C 62 -31.22 -11.14 -0.34
C PRO C 62 -31.81 -10.15 0.65
N HIS C 63 -31.98 -10.57 1.90
CA HIS C 63 -32.59 -9.73 2.93
C HIS C 63 -32.07 -8.31 3.13
N LEU C 64 -31.31 -7.78 2.19
CA LEU C 64 -30.81 -6.43 2.34
C LEU C 64 -31.70 -5.40 1.62
N GLN C 65 -32.56 -5.89 0.74
CA GLN C 65 -33.51 -5.07 0.00
C GLN C 65 -32.97 -3.76 -0.59
N GLY C 66 -32.05 -3.88 -1.54
CA GLY C 66 -31.49 -2.70 -2.18
C GLY C 66 -31.03 -1.55 -1.31
N ARG C 67 -30.79 -1.79 -0.01
CA ARG C 67 -30.31 -0.72 0.86
C ARG C 67 -28.80 -0.65 0.79
N VAL C 68 -28.18 -1.73 0.33
CA VAL C 68 -26.73 -1.80 0.23
C VAL C 68 -26.25 -1.76 -1.22
N THR C 69 -25.08 -1.15 -1.42
CA THR C 69 -24.47 -1.03 -2.73
C THR C 69 -22.96 -1.18 -2.57
N ILE C 70 -22.39 -2.13 -3.29
CA ILE C 70 -20.93 -2.34 -3.23
C ILE C 70 -20.30 -1.83 -4.53
N THR C 71 -19.37 -0.90 -4.40
CA THR C 71 -18.71 -0.35 -5.59
C THR C 71 -17.21 -0.37 -5.44
N ALA C 72 -16.52 -0.28 -6.58
CA ALA C 72 -15.07 -0.28 -6.59
C ALA C 72 -14.57 0.89 -7.45
N ASP C 73 -13.35 1.34 -7.17
CA ASP C 73 -12.74 2.44 -7.90
C ASP C 73 -11.37 2.00 -8.37
N LYS C 74 -11.31 1.45 -9.58
CA LYS C 74 -10.05 0.96 -10.17
C LYS C 74 -8.92 1.97 -10.12
N SER C 75 -9.27 3.26 -10.20
CA SER C 75 -8.29 4.34 -10.19
C SER C 75 -7.46 4.45 -8.91
N THR C 76 -8.08 4.16 -7.78
CA THR C 76 -7.40 4.25 -6.49
C THR C 76 -7.35 2.93 -5.73
N SER C 77 -7.70 1.84 -6.40
CA SER C 77 -7.69 0.53 -5.75
C SER C 77 -8.51 0.56 -4.48
N THR C 78 -9.71 1.12 -4.53
CA THR C 78 -10.53 1.19 -3.32
C THR C 78 -11.95 0.63 -3.48
N VAL C 79 -12.36 -0.21 -2.54
CA VAL C 79 -13.70 -0.79 -2.55
C VAL C 79 -14.56 -0.03 -1.54
N TYR C 80 -15.86 0.03 -1.80
CA TYR C 80 -16.76 0.76 -0.91
C TYR C 80 -18.03 0.01 -0.58
N LEU C 81 -18.54 0.24 0.62
CA LEU C 81 -19.77 -0.37 1.05
C LEU C 81 -20.70 0.75 1.44
N GLU C 82 -21.86 0.82 0.82
CA GLU C 82 -22.80 1.85 1.17
C GLU C 82 -24.04 1.17 1.73
N LEU C 83 -24.54 1.70 2.84
CA LEU C 83 -25.73 1.17 3.50
C LEU C 83 -26.67 2.33 3.77
N ARG C 84 -27.91 2.25 3.29
CA ARG C 84 -28.85 3.36 3.47
C ARG C 84 -29.96 3.14 4.48
N ASN C 85 -30.66 4.23 4.76
CA ASN C 85 -31.79 4.23 5.68
C ASN C 85 -31.46 3.28 6.83
N LEU C 86 -30.34 3.55 7.48
CA LEU C 86 -29.84 2.75 8.59
C LEU C 86 -30.77 2.68 9.79
N ARG C 87 -30.82 1.50 10.40
CA ARG C 87 -31.64 1.27 11.58
C ARG C 87 -30.75 0.85 12.72
N SER C 88 -31.25 1.01 13.94
CA SER C 88 -30.48 0.67 15.12
C SER C 88 -29.74 -0.66 14.99
N ASP C 89 -30.42 -1.70 14.54
CA ASP C 89 -29.81 -3.03 14.42
C ASP C 89 -28.87 -3.23 13.23
N ASP C 90 -28.39 -2.13 12.65
CA ASP C 90 -27.43 -2.20 11.56
C ASP C 90 -26.08 -1.99 12.29
N THR C 91 -26.16 -1.71 13.58
CA THR C 91 -24.98 -1.48 14.41
C THR C 91 -24.14 -2.74 14.47
N ALA C 92 -22.93 -2.65 13.93
CA ALA C 92 -22.03 -3.79 13.92
C ALA C 92 -20.68 -3.41 13.36
N VAL C 93 -19.79 -4.39 13.30
CA VAL C 93 -18.48 -4.16 12.71
C VAL C 93 -18.55 -4.67 11.28
N TYR C 94 -18.12 -3.84 10.34
CA TYR C 94 -18.17 -4.21 8.94
C TYR C 94 -16.79 -4.60 8.47
N PHE C 95 -16.67 -5.81 7.94
CA PHE C 95 -15.39 -6.31 7.45
C PHE C 95 -15.32 -6.36 5.94
N CYS C 96 -14.18 -5.93 5.43
CA CYS C 96 -13.86 -5.91 4.03
C CYS C 96 -12.88 -7.05 3.78
N ALA C 97 -13.04 -7.76 2.67
CA ALA C 97 -12.14 -8.87 2.38
C ALA C 97 -12.01 -9.09 0.88
N GLY C 98 -11.00 -9.85 0.49
CA GLY C 98 -10.80 -10.11 -0.93
C GLY C 98 -9.94 -11.32 -1.18
N VAL C 99 -9.97 -11.81 -2.42
CA VAL C 99 -9.15 -12.97 -2.79
C VAL C 99 -8.62 -12.80 -4.21
N TYR C 100 -7.51 -13.46 -4.49
CA TYR C 100 -6.86 -13.42 -5.80
C TYR C 100 -7.66 -14.32 -6.75
N GLU C 101 -7.97 -13.80 -7.95
CA GLU C 101 -8.77 -14.52 -8.94
C GLU C 101 -8.02 -15.04 -10.16
N GLY C 102 -6.77 -14.62 -10.33
CA GLY C 102 -6.01 -15.06 -11.48
C GLY C 102 -5.75 -13.90 -12.43
N GLU C 103 -5.33 -14.18 -13.66
CA GLU C 103 -5.07 -13.13 -14.64
C GLU C 103 -6.34 -12.60 -15.28
N ALA C 104 -7.15 -11.93 -14.48
CA ALA C 104 -8.41 -11.37 -14.94
C ALA C 104 -8.23 -10.52 -16.19
N ASP C 105 -7.19 -9.70 -16.20
CA ASP C 105 -6.92 -8.83 -17.33
C ASP C 105 -6.62 -9.60 -18.63
N GLU C 106 -6.21 -10.85 -18.52
CA GLU C 106 -5.95 -11.65 -19.71
C GLU C 106 -7.15 -12.55 -20.00
N GLY C 107 -8.25 -12.32 -19.28
CA GLY C 107 -9.44 -13.13 -19.49
C GLY C 107 -9.64 -14.33 -18.57
N GLU C 108 -8.64 -14.65 -17.75
CA GLU C 108 -8.71 -15.78 -16.81
C GLU C 108 -9.40 -15.37 -15.51
N TYR C 109 -10.21 -16.25 -14.96
CA TYR C 109 -10.89 -15.92 -13.70
C TYR C 109 -11.35 -17.15 -12.94
N ASP C 110 -10.91 -17.28 -11.68
CA ASP C 110 -11.29 -18.44 -10.86
C ASP C 110 -12.68 -18.32 -10.21
N ASN C 111 -13.10 -17.07 -9.95
CA ASN C 111 -14.36 -16.80 -9.28
C ASN C 111 -14.35 -17.50 -7.90
N ASN C 112 -13.27 -17.31 -7.16
CA ASN C 112 -13.13 -17.93 -5.85
C ASN C 112 -14.04 -17.23 -4.85
N GLY C 113 -14.79 -18.02 -4.09
CA GLY C 113 -15.70 -17.45 -3.12
C GLY C 113 -15.26 -17.38 -1.68
N PHE C 114 -14.02 -17.75 -1.36
CA PHE C 114 -13.55 -17.66 0.02
C PHE C 114 -12.84 -16.32 0.27
N LEU C 115 -12.37 -16.09 1.49
CA LEU C 115 -11.75 -14.81 1.83
C LEU C 115 -10.35 -14.88 2.47
N LYS C 116 -9.32 -14.68 1.65
CA LYS C 116 -7.94 -14.75 2.09
C LYS C 116 -7.42 -13.50 2.80
N HIS C 117 -7.69 -12.32 2.24
CA HIS C 117 -7.19 -11.09 2.86
C HIS C 117 -8.31 -10.29 3.51
N TRP C 118 -8.05 -9.77 4.70
CA TRP C 118 -9.05 -8.99 5.44
C TRP C 118 -8.62 -7.62 5.93
N GLY C 119 -9.54 -6.67 5.91
CA GLY C 119 -9.26 -5.34 6.42
C GLY C 119 -9.29 -5.44 7.95
N GLN C 120 -9.23 -4.32 8.65
CA GLN C 120 -9.22 -4.39 10.11
C GLN C 120 -10.63 -4.36 10.65
N GLY C 121 -11.56 -3.93 9.82
CA GLY C 121 -12.93 -3.85 10.30
C GLY C 121 -13.22 -2.42 10.64
N THR C 122 -14.48 -2.05 10.51
CA THR C 122 -14.91 -0.69 10.78
C THR C 122 -16.17 -0.76 11.62
N LEU C 123 -16.17 -0.12 12.78
CA LEU C 123 -17.35 -0.12 13.63
C LEU C 123 -18.31 0.98 13.19
N VAL C 124 -19.60 0.61 13.08
CA VAL C 124 -20.65 1.54 12.70
C VAL C 124 -21.76 1.41 13.72
N THR C 125 -22.04 2.49 14.42
CA THR C 125 -23.07 2.49 15.43
C THR C 125 -24.21 3.36 14.96
N VAL C 126 -25.43 2.82 15.03
CA VAL C 126 -26.60 3.54 14.60
C VAL C 126 -27.45 3.74 15.83
N SER C 127 -27.66 5.00 16.20
CA SER C 127 -28.45 5.35 17.36
C SER C 127 -28.84 6.81 17.31
N SER C 128 -29.91 7.16 18.00
CA SER C 128 -30.36 8.55 18.02
C SER C 128 -29.63 9.31 19.11
N ALA C 129 -28.79 8.60 19.86
CA ALA C 129 -28.06 9.21 20.95
C ALA C 129 -26.92 10.11 20.52
N SER C 130 -26.70 11.17 21.29
CA SER C 130 -25.60 12.09 21.02
C SER C 130 -24.44 11.64 21.92
N THR C 131 -23.21 11.88 21.49
CA THR C 131 -22.02 11.48 22.24
C THR C 131 -22.08 11.93 23.69
N LYS C 132 -21.76 11.02 24.60
CA LYS C 132 -21.81 11.34 26.02
C LYS C 132 -20.67 10.72 26.84
N GLY C 133 -19.90 11.58 27.51
CA GLY C 133 -18.81 11.10 28.34
C GLY C 133 -19.39 10.27 29.46
N PRO C 134 -18.64 9.34 30.06
CA PRO C 134 -19.22 8.53 31.13
C PRO C 134 -19.17 9.12 32.54
N SER C 135 -20.07 8.64 33.39
CA SER C 135 -20.08 9.06 34.79
C SER C 135 -19.36 7.89 35.47
N VAL C 136 -18.41 8.20 36.34
CA VAL C 136 -17.66 7.15 37.00
C VAL C 136 -17.94 7.11 38.50
N PHE C 137 -18.54 6.02 38.96
CA PHE C 137 -18.85 5.87 40.38
C PHE C 137 -18.04 4.72 40.94
N PRO C 138 -17.49 4.88 42.15
CA PRO C 138 -16.69 3.86 42.80
C PRO C 138 -17.47 2.67 43.39
N LEU C 139 -16.90 1.48 43.26
CA LEU C 139 -17.48 0.26 43.83
C LEU C 139 -16.57 0.00 45.03
N ALA C 140 -16.97 0.58 46.17
CA ALA C 140 -16.23 0.49 47.42
C ALA C 140 -16.27 -0.87 48.12
N PRO C 141 -15.10 -1.33 48.58
CA PRO C 141 -14.94 -2.62 49.28
C PRO C 141 -16.01 -2.82 50.34
N GLY C 149 -7.36 -9.83 54.28
CA GLY C 149 -7.14 -10.82 53.23
C GLY C 149 -7.34 -10.19 51.88
N THR C 150 -8.27 -10.75 51.10
CA THR C 150 -8.57 -10.23 49.78
C THR C 150 -9.78 -9.32 49.73
N ALA C 151 -9.59 -8.14 49.15
CA ALA C 151 -10.67 -7.17 49.01
C ALA C 151 -10.93 -6.85 47.54
N ALA C 152 -12.20 -6.79 47.17
CA ALA C 152 -12.55 -6.46 45.80
C ALA C 152 -13.01 -5.01 45.75
N LEU C 153 -12.67 -4.32 44.69
CA LEU C 153 -13.12 -2.95 44.54
C LEU C 153 -13.22 -2.66 43.05
N GLY C 154 -13.89 -1.57 42.69
CA GLY C 154 -14.03 -1.29 41.28
C GLY C 154 -14.62 0.04 40.92
N CYS C 155 -14.97 0.16 39.64
CA CYS C 155 -15.54 1.37 39.08
C CYS C 155 -16.68 1.06 38.13
N LEU C 156 -17.78 1.79 38.29
CA LEU C 156 -18.94 1.67 37.44
C LEU C 156 -18.85 2.85 36.47
N VAL C 157 -18.82 2.54 35.18
CA VAL C 157 -18.73 3.55 34.14
C VAL C 157 -20.11 3.54 33.51
N LYS C 158 -21.00 4.37 34.02
CA LYS C 158 -22.35 4.38 33.51
C LYS C 158 -22.75 5.47 32.52
N ASP C 159 -23.69 5.09 31.66
CA ASP C 159 -24.27 5.95 30.63
C ASP C 159 -23.34 6.73 29.74
N TYR C 160 -22.71 6.05 28.78
CA TYR C 160 -21.82 6.72 27.83
C TYR C 160 -22.18 6.33 26.39
N PHE C 161 -21.75 7.16 25.44
CA PHE C 161 -22.03 6.90 24.04
C PHE C 161 -21.03 7.58 23.12
N PRO C 162 -20.48 6.82 22.17
CA PRO C 162 -20.76 5.40 21.92
C PRO C 162 -19.59 4.58 22.41
N GLU C 163 -19.47 3.38 21.85
CA GLU C 163 -18.36 2.49 22.16
C GLU C 163 -17.22 3.04 21.32
N PRO C 164 -15.96 2.82 21.74
CA PRO C 164 -15.58 2.09 22.95
C PRO C 164 -15.08 3.00 24.09
N VAL C 165 -14.67 2.37 25.18
CA VAL C 165 -14.12 3.05 26.35
C VAL C 165 -12.95 2.23 26.87
N THR C 166 -11.93 2.90 27.42
CA THR C 166 -10.79 2.19 27.96
C THR C 166 -10.71 2.44 29.47
N VAL C 167 -10.39 1.38 30.21
CA VAL C 167 -10.26 1.48 31.66
C VAL C 167 -8.95 0.87 32.11
N SER C 168 -8.25 1.57 32.99
CA SER C 168 -7.00 1.06 33.52
C SER C 168 -6.97 1.38 35.01
N TRP C 169 -6.07 0.69 35.71
CA TRP C 169 -5.93 0.89 37.13
C TRP C 169 -4.51 1.36 37.44
N ASN C 170 -4.41 2.52 38.09
CA ASN C 170 -3.12 3.09 38.41
C ASN C 170 -2.29 3.21 37.13
N SER C 171 -2.88 3.86 36.14
CA SER C 171 -2.24 4.12 34.86
C SER C 171 -1.59 2.91 34.18
N GLY C 172 -2.10 1.71 34.45
CA GLY C 172 -1.55 0.53 33.84
C GLY C 172 -0.55 -0.22 34.71
N ALA C 173 -0.23 0.32 35.87
CA ALA C 173 0.72 -0.35 36.75
C ALA C 173 0.07 -1.56 37.37
N LEU C 174 -1.24 -1.48 37.55
CA LEU C 174 -2.03 -2.57 38.13
C LEU C 174 -2.80 -3.30 37.05
N THR C 175 -2.36 -4.51 36.72
CA THR C 175 -2.99 -5.31 35.68
C THR C 175 -3.46 -6.66 36.20
N SER C 176 -2.71 -7.24 37.12
CA SER C 176 -3.08 -8.53 37.69
C SER C 176 -4.42 -8.44 38.43
N GLY C 177 -5.27 -9.45 38.23
CA GLY C 177 -6.56 -9.46 38.89
C GLY C 177 -7.59 -8.47 38.36
N VAL C 178 -7.24 -7.66 37.36
CA VAL C 178 -8.21 -6.69 36.85
C VAL C 178 -9.22 -7.34 35.92
N HIS C 179 -10.48 -6.99 36.10
CA HIS C 179 -11.53 -7.51 35.23
C HIS C 179 -12.40 -6.37 34.75
N THR C 180 -12.35 -6.12 33.45
CA THR C 180 -13.14 -5.07 32.85
C THR C 180 -14.14 -5.79 31.99
N PHE C 181 -15.42 -5.71 32.35
CA PHE C 181 -16.47 -6.40 31.62
C PHE C 181 -16.94 -5.76 30.32
N PRO C 182 -17.38 -6.61 29.38
CA PRO C 182 -17.87 -6.07 28.11
C PRO C 182 -19.04 -5.15 28.48
N ALA C 183 -19.18 -4.07 27.72
CA ALA C 183 -20.24 -3.11 27.96
C ALA C 183 -21.60 -3.69 27.60
N VAL C 184 -22.63 -3.21 28.28
CA VAL C 184 -24.00 -3.61 28.01
C VAL C 184 -24.73 -2.37 27.48
N LEU C 185 -25.63 -2.59 26.53
CA LEU C 185 -26.41 -1.50 25.96
C LEU C 185 -27.72 -1.40 26.73
N GLN C 186 -27.96 -0.26 27.33
CA GLN C 186 -29.15 -0.05 28.12
C GLN C 186 -30.35 0.34 27.27
N SER C 187 -31.52 0.32 27.90
CA SER C 187 -32.77 0.70 27.26
C SER C 187 -32.69 2.14 26.81
N SER C 188 -31.92 2.95 27.54
CA SER C 188 -31.78 4.35 27.20
C SER C 188 -30.98 4.58 25.92
N GLY C 189 -30.31 3.54 25.43
CA GLY C 189 -29.51 3.68 24.23
C GLY C 189 -28.05 3.95 24.56
N LEU C 190 -27.77 4.16 25.84
CA LEU C 190 -26.41 4.41 26.29
C LEU C 190 -25.79 3.12 26.82
N TYR C 191 -24.46 3.07 26.80
CA TYR C 191 -23.71 1.91 27.25
C TYR C 191 -23.29 2.04 28.71
N SER C 192 -22.92 0.91 29.29
CA SER C 192 -22.49 0.90 30.68
C SER C 192 -21.72 -0.39 30.95
N LEU C 193 -20.65 -0.28 31.72
CA LEU C 193 -19.84 -1.45 32.07
C LEU C 193 -19.19 -1.26 33.42
N SER C 194 -18.52 -2.32 33.88
CA SER C 194 -17.84 -2.28 35.16
C SER C 194 -16.42 -2.83 35.08
N SER C 195 -15.54 -2.29 35.89
CA SER C 195 -14.16 -2.74 35.95
C SER C 195 -13.84 -3.02 37.41
N VAL C 196 -13.39 -4.22 37.70
CA VAL C 196 -13.09 -4.57 39.08
C VAL C 196 -11.70 -5.14 39.24
N VAL C 197 -11.25 -5.16 40.48
CA VAL C 197 -9.95 -5.71 40.77
C VAL C 197 -9.91 -6.18 42.20
N THR C 198 -9.14 -7.24 42.42
CA THR C 198 -8.95 -7.80 43.74
C THR C 198 -7.56 -7.44 44.25
N VAL C 199 -7.48 -6.90 45.46
CA VAL C 199 -6.22 -6.54 46.07
C VAL C 199 -6.16 -7.01 47.52
N PRO C 200 -4.98 -6.96 48.15
CA PRO C 200 -4.97 -7.42 49.54
C PRO C 200 -5.46 -6.29 50.44
N SER C 201 -6.28 -6.64 51.44
CA SER C 201 -6.84 -5.68 52.37
C SER C 201 -5.76 -4.86 53.06
N SER C 202 -4.64 -5.49 53.37
CA SER C 202 -3.53 -4.81 54.02
C SER C 202 -3.05 -3.57 53.24
N SER C 203 -3.36 -3.51 51.95
CA SER C 203 -2.94 -2.40 51.09
C SER C 203 -3.75 -1.13 51.28
N LEU C 204 -5.02 -1.30 51.62
CA LEU C 204 -5.90 -0.17 51.83
C LEU C 204 -5.30 0.66 52.96
N GLY C 205 -5.45 1.97 52.90
CA GLY C 205 -4.89 2.79 53.96
C GLY C 205 -3.46 3.24 53.72
N THR C 206 -2.69 2.43 53.01
CA THR C 206 -1.31 2.81 52.71
C THR C 206 -1.23 3.19 51.23
N GLN C 207 -1.71 2.30 50.39
CA GLN C 207 -1.70 2.50 48.96
C GLN C 207 -3.04 2.96 48.40
N THR C 208 -2.98 3.69 47.29
CA THR C 208 -4.18 4.20 46.66
C THR C 208 -4.51 3.44 45.37
N TYR C 209 -5.80 3.28 45.12
CA TYR C 209 -6.28 2.59 43.93
C TYR C 209 -7.06 3.59 43.09
N ILE C 210 -6.66 3.75 41.83
CA ILE C 210 -7.34 4.69 40.94
C ILE C 210 -7.69 4.05 39.62
N CYS C 211 -8.93 4.21 39.19
CA CYS C 211 -9.29 3.66 37.89
C CYS C 211 -9.28 4.84 36.94
N ASN C 212 -8.59 4.68 35.82
CA ASN C 212 -8.51 5.72 34.81
C ASN C 212 -9.42 5.33 33.66
N VAL C 213 -10.42 6.16 33.39
CA VAL C 213 -11.37 5.89 32.32
C VAL C 213 -11.25 6.85 31.14
N ASN C 214 -10.82 6.31 30.00
CA ASN C 214 -10.66 7.11 28.79
C ASN C 214 -11.72 6.85 27.72
N HIS C 215 -12.43 7.91 27.36
CA HIS C 215 -13.47 7.81 26.35
C HIS C 215 -13.17 8.83 25.25
N LYS C 216 -12.47 8.35 24.23
CA LYS C 216 -12.05 9.15 23.08
C LYS C 216 -13.13 9.97 22.38
N PRO C 217 -14.29 9.35 22.11
CA PRO C 217 -15.40 10.02 21.44
C PRO C 217 -15.83 11.35 22.07
N SER C 218 -15.71 11.47 23.39
CA SER C 218 -16.09 12.72 24.05
C SER C 218 -14.88 13.48 24.59
N ASN C 219 -13.68 13.04 24.17
CA ASN C 219 -12.40 13.61 24.62
C ASN C 219 -12.41 13.83 26.13
N THR C 220 -12.88 12.83 26.86
CA THR C 220 -12.93 12.89 28.32
C THR C 220 -12.03 11.83 28.93
N LYS C 221 -11.21 12.24 29.88
CA LYS C 221 -10.30 11.34 30.59
C LYS C 221 -10.63 11.54 32.08
N VAL C 222 -11.08 10.49 32.75
CA VAL C 222 -11.45 10.60 34.15
C VAL C 222 -10.76 9.61 35.06
N ASP C 223 -10.32 10.09 36.22
CA ASP C 223 -9.66 9.25 37.21
C ASP C 223 -10.48 9.28 38.50
N LYS C 224 -10.68 8.12 39.10
CA LYS C 224 -11.43 8.09 40.34
C LYS C 224 -10.77 7.26 41.40
N LYS C 225 -10.71 7.82 42.61
CA LYS C 225 -10.11 7.13 43.74
C LYS C 225 -11.15 6.25 44.42
N VAL C 226 -10.79 5.00 44.64
CA VAL C 226 -11.69 4.07 45.29
C VAL C 226 -11.16 3.73 46.68
N GLU C 227 -11.93 4.10 47.70
CA GLU C 227 -11.56 3.86 49.10
C GLU C 227 -12.60 3.04 49.84
N PRO C 228 -12.20 2.41 50.94
CA PRO C 228 -13.14 1.60 51.73
C PRO C 228 -14.04 2.55 52.49
N LYS C 229 -13.42 3.60 53.05
CA LYS C 229 -14.10 4.60 53.85
C LYS C 229 -15.60 4.70 53.57
CA MPT D 1 -19.86 -4.74 -31.59
C MPT D 1 -20.38 -3.34 -31.52
O MPT D 1 -21.16 -2.92 -32.38
CB MPT D 1 -19.32 -5.08 -32.98
SG MPT D 1 -18.67 -3.69 -33.98
N ASN D 2 -19.97 -2.60 -30.49
CA ASN D 2 -20.39 -1.21 -30.35
C ASN D 2 -19.48 -0.44 -31.31
N LEU D 3 -20.01 -0.16 -32.51
CA LEU D 3 -19.24 0.53 -33.54
C LEU D 3 -18.57 1.82 -33.08
N HIS D 4 -19.30 2.62 -32.30
CA HIS D 4 -18.75 3.88 -31.82
C HIS D 4 -17.41 3.63 -31.12
N PHE D 5 -17.47 2.91 -30.01
CA PHE D 5 -16.25 2.60 -29.26
C PHE D 5 -15.23 1.85 -30.12
N CYS D 6 -15.73 1.07 -31.08
CA CYS D 6 -14.86 0.30 -31.98
C CYS D 6 -14.03 1.21 -32.86
N GLN D 7 -14.70 2.12 -33.55
CA GLN D 7 -14.03 3.08 -34.41
C GLN D 7 -13.08 3.90 -33.55
N LEU D 8 -13.59 4.35 -32.43
CA LEU D 8 -12.79 5.14 -31.51
C LEU D 8 -11.45 4.48 -31.24
N ARG D 9 -11.47 3.27 -30.69
CA ARG D 9 -10.25 2.57 -30.37
C ARG D 9 -9.37 2.28 -31.58
N CYS D 10 -9.97 1.74 -32.64
CA CYS D 10 -9.20 1.44 -33.84
C CYS D 10 -8.56 2.73 -34.38
N LYS D 11 -9.35 3.81 -34.36
CA LYS D 11 -8.92 5.12 -34.85
C LYS D 11 -7.73 5.69 -34.12
N SER D 12 -7.61 5.38 -32.83
CA SER D 12 -6.49 5.87 -32.05
C SER D 12 -5.23 5.16 -32.54
N LEU D 13 -5.43 4.17 -33.40
CA LEU D 13 -4.33 3.37 -33.93
C LEU D 13 -4.15 3.50 -35.44
N GLY D 14 -4.77 4.52 -36.02
CA GLY D 14 -4.65 4.78 -37.45
C GLY D 14 -5.32 3.72 -38.31
N LEU D 15 -6.50 3.29 -37.90
CA LEU D 15 -7.24 2.28 -38.64
C LEU D 15 -8.71 2.59 -38.50
N LEU D 16 -9.52 2.09 -39.41
CA LEU D 16 -10.94 2.33 -39.32
C LEU D 16 -11.56 1.13 -38.61
N GLY D 17 -12.72 1.36 -38.00
CA GLY D 17 -13.40 0.29 -37.30
C GLY D 17 -14.68 -0.06 -38.01
N ARG D 18 -14.97 -1.37 -38.04
CA ARG D 18 -16.17 -1.92 -38.66
C ARG D 18 -16.56 -3.19 -37.91
N CYS D 19 -17.86 -3.42 -37.76
CA CYS D 19 -18.34 -4.59 -37.06
C CYS D 19 -18.11 -5.88 -37.84
N ALA D 20 -17.81 -6.96 -37.12
CA ALA D 20 -17.59 -8.26 -37.74
C ALA D 20 -18.51 -9.27 -37.05
N DPR D 21 -19.77 -9.38 -37.52
CA DPR D 21 -20.87 -9.81 -36.66
CB DPR D 21 -22.10 -9.63 -37.56
CG DPR D 21 -21.71 -8.55 -38.50
CD DPR D 21 -20.25 -8.72 -38.74
C DPR D 21 -21.01 -8.93 -35.42
O DPR D 21 -21.33 -7.74 -35.54
N THR D 22 -20.77 -9.50 -34.25
CA THR D 22 -20.90 -8.78 -32.99
C THR D 22 -19.54 -8.32 -32.47
N PHE D 23 -18.48 -8.60 -33.22
CA PHE D 23 -17.16 -8.21 -32.78
C PHE D 23 -16.68 -6.93 -33.43
N CYS D 24 -15.60 -6.38 -32.87
CA CYS D 24 -15.00 -5.17 -33.42
C CYS D 24 -13.79 -5.62 -34.19
N ALA D 25 -13.60 -5.05 -35.38
CA ALA D 25 -12.45 -5.38 -36.20
C ALA D 25 -11.85 -4.08 -36.73
N CYS D 26 -10.52 -4.04 -36.81
CA CYS D 26 -9.82 -2.86 -37.31
C CYS D 26 -9.25 -3.23 -38.68
N VLM D 27 -9.50 -2.38 -39.67
CA VLM D 27 -9.02 -2.63 -41.02
C VLM D 27 -7.73 -1.88 -41.32
O VLM D 27 -7.78 -0.67 -41.53
CB VLM D 27 -10.06 -2.21 -42.06
CG1 VLM D 27 -9.64 -2.72 -43.44
CG2 VLM D 27 -11.43 -2.75 -41.68
NT VLM D 27 -6.67 -2.50 -41.32
N SER E 4 96.86 1.87 16.27
CA SER E 4 96.21 1.56 17.54
C SER E 4 95.62 0.14 17.59
N GLU E 5 95.57 -0.44 18.79
CA GLU E 5 95.02 -1.79 18.97
C GLU E 5 93.53 -1.86 18.68
N VAL E 6 92.80 -0.85 19.14
CA VAL E 6 91.35 -0.78 18.97
C VAL E 6 90.97 -0.96 17.50
N LYS E 7 89.89 -1.68 17.23
CA LYS E 7 89.48 -1.92 15.86
C LYS E 7 88.14 -1.30 15.47
N LEU E 8 88.05 -0.90 14.22
CA LEU E 8 86.84 -0.29 13.70
C LEU E 8 85.85 -1.38 13.28
N GLU E 9 84.59 -1.21 13.67
CA GLU E 9 83.56 -2.18 13.31
C GLU E 9 82.28 -1.46 12.94
N ASN E 10 81.45 -2.10 12.12
CA ASN E 10 80.16 -1.53 11.72
C ASN E 10 79.19 -1.89 12.82
N VAL E 11 78.39 -0.92 13.25
CA VAL E 11 77.43 -1.18 14.31
C VAL E 11 76.34 -2.10 13.78
N THR E 12 76.22 -3.28 14.39
CA THR E 12 75.20 -4.23 13.97
C THR E 12 73.91 -4.02 14.75
N GLU E 13 72.78 -4.25 14.09
CA GLU E 13 71.47 -4.09 14.72
C GLU E 13 70.50 -5.15 14.25
N ASN E 14 69.58 -5.52 15.12
CA ASN E 14 68.59 -6.53 14.78
C ASN E 14 67.24 -5.87 14.51
N PHE E 15 66.55 -6.37 13.51
CA PHE E 15 65.25 -5.84 13.15
C PHE E 15 64.18 -6.93 13.22
N ASN E 16 62.94 -6.49 13.12
CA ASN E 16 61.78 -7.37 13.12
C ASN E 16 60.59 -6.52 12.73
N MET E 17 60.33 -6.45 11.44
CA MET E 17 59.22 -5.66 10.90
C MET E 17 57.88 -5.96 11.55
N TRP E 18 57.74 -7.14 12.13
CA TRP E 18 56.49 -7.55 12.76
C TRP E 18 56.29 -6.98 14.16
N LYS E 19 57.38 -6.58 14.80
CA LYS E 19 57.31 -5.96 16.12
C LYS E 19 58.05 -4.63 15.98
N ASN E 20 57.37 -3.64 15.43
CA ASN E 20 57.97 -2.31 15.20
C ASN E 20 57.02 -1.19 15.59
N ASN E 21 57.42 -0.40 16.57
CA ASN E 21 56.60 0.71 17.07
C ASN E 21 56.27 1.84 16.08
N MET E 22 57.00 1.92 14.98
CA MET E 22 56.73 2.97 14.01
C MET E 22 55.44 2.63 13.27
N VAL E 23 55.20 1.34 13.08
CA VAL E 23 54.00 0.84 12.41
C VAL E 23 52.73 1.20 13.18
N GLU E 24 52.77 1.03 14.50
CA GLU E 24 51.64 1.36 15.35
C GLU E 24 51.41 2.87 15.37
N GLN E 25 52.51 3.60 15.30
CA GLN E 25 52.50 5.05 15.30
C GLN E 25 51.94 5.63 14.00
N MET E 26 52.28 5.00 12.89
CA MET E 26 51.79 5.48 11.61
C MET E 26 50.30 5.14 11.51
N HIS E 27 49.96 3.93 11.97
CA HIS E 27 48.57 3.48 11.95
C HIS E 27 47.71 4.41 12.79
N GLU E 28 48.29 5.02 13.81
CA GLU E 28 47.54 5.93 14.65
C GLU E 28 47.42 7.28 13.95
N ASP E 29 48.49 7.67 13.26
CA ASP E 29 48.52 8.94 12.55
C ASP E 29 47.56 8.97 11.36
N ILE E 30 47.53 7.91 10.57
CA ILE E 30 46.64 7.86 9.43
C ILE E 30 45.22 8.06 9.93
N ILE E 31 44.91 7.45 11.06
CA ILE E 31 43.57 7.57 11.67
C ILE E 31 43.34 9.04 12.03
N SER E 32 44.36 9.64 12.63
CA SER E 32 44.31 11.04 13.03
C SER E 32 44.01 11.88 11.79
N LEU E 33 44.70 11.59 10.69
CA LEU E 33 44.51 12.32 9.44
C LEU E 33 43.11 12.23 8.87
N TRP E 34 42.53 11.03 8.88
CA TRP E 34 41.18 10.82 8.37
C TRP E 34 40.18 11.53 9.27
N ASP E 35 40.33 11.35 10.58
CA ASP E 35 39.44 11.95 11.57
C ASP E 35 39.52 13.47 11.65
N GLN E 36 39.81 14.08 10.50
CA GLN E 36 39.91 15.53 10.40
C GLN E 36 40.20 15.96 8.97
N SER E 37 39.88 15.08 8.03
CA SER E 37 40.05 15.32 6.60
C SER E 37 39.11 14.42 5.82
N LEU E 38 38.44 13.52 6.51
CA LEU E 38 37.48 12.60 5.92
C LEU E 38 36.49 12.15 6.99
N LYS E 39 35.83 13.11 7.62
CA LYS E 39 34.86 12.81 8.66
C LYS E 39 33.57 12.25 8.07
N PRO E 40 33.14 11.06 8.52
CA PRO E 40 31.91 10.44 8.01
C PRO E 40 30.74 11.31 8.45
N CYS E 41 29.65 11.28 7.68
CA CYS E 41 28.47 12.07 8.01
C CYS E 41 27.77 11.49 9.21
N VAL E 42 27.85 10.18 9.33
CA VAL E 42 27.25 9.46 10.43
C VAL E 42 28.15 8.28 10.75
N LYS E 43 28.54 8.17 12.01
CA LYS E 43 29.39 7.09 12.46
C LYS E 43 28.60 6.21 13.44
N LEU E 44 28.72 4.89 13.30
CA LEU E 44 28.01 3.96 14.16
C LEU E 44 28.95 2.88 14.74
N THR E 45 29.00 2.80 16.07
CA THR E 45 29.85 1.82 16.76
C THR E 45 29.28 1.37 18.10
N PRO E 46 29.62 0.14 18.51
CA PRO E 46 29.16 -0.46 19.76
C PRO E 46 29.64 0.28 21.02
N LEU E 47 28.71 0.57 21.93
CA LEU E 47 29.02 1.27 23.18
C LEU E 47 28.75 0.32 24.35
N CYS E 48 29.81 -0.21 24.94
CA CYS E 48 29.66 -1.17 26.04
C CYS E 48 29.99 -0.62 27.43
N VAL E 49 29.66 -1.41 28.45
CA VAL E 49 29.91 -1.06 29.85
C VAL E 49 30.50 -2.27 30.59
N GLY E 50 30.72 -2.11 31.88
CA GLY E 50 31.28 -3.20 32.67
C GLY E 50 30.43 -4.47 32.65
N ALA E 51 29.14 -4.31 32.95
CA ALA E 51 28.20 -5.44 32.97
C ALA E 51 28.31 -6.33 31.72
N GLY E 52 28.49 -5.72 30.56
CA GLY E 52 28.60 -6.49 29.33
C GLY E 52 27.55 -6.11 28.30
N SER E 53 26.47 -5.48 28.77
CA SER E 53 25.39 -5.05 27.89
C SER E 53 25.79 -3.78 27.15
N CYS E 54 25.89 -3.88 25.82
CA CYS E 54 26.27 -2.73 25.00
C CYS E 54 25.06 -2.05 24.37
N ASN E 55 25.32 -0.91 23.74
CA ASN E 55 24.30 -0.11 23.04
C ASN E 55 25.04 0.36 21.79
N THR E 56 24.40 1.20 20.98
CA THR E 56 25.05 1.68 19.77
C THR E 56 25.28 3.18 19.81
N SER E 57 26.54 3.57 19.59
CA SER E 57 26.92 4.97 19.59
C SER E 57 26.68 5.58 18.21
N VAL E 58 25.87 6.63 18.14
CA VAL E 58 25.57 7.29 16.88
C VAL E 58 26.17 8.69 16.85
N ILE E 59 27.18 8.87 16.01
CA ILE E 59 27.83 10.16 15.88
C ILE E 59 27.50 10.82 14.53
N THR E 60 27.02 12.06 14.60
CA THR E 60 26.65 12.82 13.41
C THR E 60 27.40 14.15 13.40
N GLN E 61 28.13 14.40 12.33
CA GLN E 61 28.90 15.64 12.22
C GLN E 61 29.05 16.14 10.80
N ALA E 62 29.34 17.43 10.67
CA ALA E 62 29.54 18.06 9.37
C ALA E 62 30.54 17.20 8.62
N CYS E 63 30.20 16.85 7.38
CA CYS E 63 31.07 16.01 6.56
C CYS E 63 31.46 16.63 5.23
N PRO E 64 32.28 17.69 5.27
CA PRO E 64 32.73 18.39 4.06
C PRO E 64 33.22 17.41 3.01
N LYS E 65 32.68 17.53 1.81
CA LYS E 65 33.03 16.65 0.70
C LYS E 65 34.24 17.15 -0.08
N VAL E 66 35.36 17.35 0.61
CA VAL E 66 36.58 17.82 -0.05
C VAL E 66 37.30 16.70 -0.78
N SER E 67 37.77 17.00 -1.99
CA SER E 67 38.48 16.03 -2.82
C SER E 67 39.96 15.95 -2.42
N PHE E 68 40.31 14.92 -1.68
CA PHE E 68 41.66 14.73 -1.18
C PHE E 68 42.63 14.27 -2.27
N GLU E 69 43.84 14.84 -2.26
CA GLU E 69 44.89 14.50 -3.22
C GLU E 69 46.13 14.07 -2.43
N PRO E 70 46.87 13.08 -2.95
CA PRO E 70 48.08 12.51 -2.37
C PRO E 70 49.11 13.49 -1.80
N ILE E 71 49.19 13.52 -0.47
CA ILE E 71 50.14 14.39 0.23
C ILE E 71 51.23 13.51 0.84
N PRO E 72 52.47 13.61 0.32
CA PRO E 72 53.60 12.83 0.80
C PRO E 72 54.04 13.18 2.21
N ILE E 73 54.27 12.15 3.01
CA ILE E 73 54.72 12.35 4.38
C ILE E 73 55.85 11.37 4.62
N HIS E 74 56.57 11.60 5.72
CA HIS E 74 57.66 10.73 6.10
C HIS E 74 57.80 10.88 7.59
N TYR E 75 58.54 9.97 8.21
CA TYR E 75 58.75 10.03 9.63
C TYR E 75 60.18 10.42 9.93
N CYS E 76 60.34 11.45 10.75
CA CYS E 76 61.66 11.94 11.10
C CYS E 76 62.02 11.60 12.53
N ALA E 77 63.31 11.42 12.78
CA ALA E 77 63.82 11.09 14.10
C ALA E 77 63.91 12.34 14.98
N PRO E 78 63.39 12.26 16.21
CA PRO E 78 63.39 13.37 17.18
C PRO E 78 64.69 13.42 17.96
N ALA E 79 64.86 14.51 18.72
CA ALA E 79 66.06 14.77 19.53
C ALA E 79 66.50 13.66 20.48
N GLY E 80 67.70 13.12 20.24
CA GLY E 80 68.21 12.06 21.09
C GLY E 80 67.91 10.68 20.53
N PHE E 81 67.18 10.65 19.43
CA PHE E 81 66.83 9.40 18.79
C PHE E 81 67.29 9.39 17.35
N ALA E 82 67.47 8.20 16.81
CA ALA E 82 67.89 8.04 15.42
C ALA E 82 67.07 6.93 14.76
N ILE E 83 66.98 6.99 13.43
CA ILE E 83 66.24 5.99 12.69
C ILE E 83 67.22 5.16 11.89
N LEU E 84 67.33 3.88 12.22
CA LEU E 84 68.22 2.98 11.53
C LEU E 84 67.49 2.33 10.36
N LYS E 85 68.21 2.10 9.27
CA LYS E 85 67.63 1.52 8.06
C LYS E 85 68.48 0.36 7.56
N CYS E 86 67.85 -0.79 7.34
CA CYS E 86 68.57 -1.94 6.84
C CYS E 86 68.67 -1.82 5.33
N ASN E 87 69.85 -2.07 4.78
CA ASN E 87 70.08 -1.98 3.34
C ASN E 87 70.46 -3.30 2.72
N ASP E 88 70.43 -4.37 3.50
CA ASP E 88 70.77 -5.69 2.99
C ASP E 88 69.83 -6.05 1.84
N LYS E 89 70.38 -6.69 0.81
CA LYS E 89 69.59 -7.09 -0.34
C LYS E 89 68.63 -8.22 0.05
N LYS E 90 67.41 -8.13 -0.47
CA LYS E 90 66.35 -9.11 -0.19
C LYS E 90 66.20 -9.35 1.31
N PHE E 91 66.29 -8.26 2.07
CA PHE E 91 66.17 -8.33 3.52
C PHE E 91 64.92 -9.05 3.96
N ASN E 92 65.10 -10.07 4.80
CA ASN E 92 64.02 -10.87 5.34
C ASN E 92 62.97 -10.01 6.04
N GLY E 93 63.45 -9.07 6.87
CA GLY E 93 62.56 -8.21 7.62
C GLY E 93 62.71 -8.55 9.08
N THR E 94 63.36 -9.69 9.33
CA THR E 94 63.61 -10.20 10.68
C THR E 94 65.07 -10.62 10.81
N GLY E 95 65.70 -10.27 11.93
CA GLY E 95 67.08 -10.66 12.13
C GLY E 95 68.08 -9.52 12.13
N PRO E 96 69.37 -9.84 12.34
CA PRO E 96 70.45 -8.86 12.38
C PRO E 96 70.78 -8.33 10.99
N CYS E 97 70.90 -7.00 10.88
CA CYS E 97 71.21 -6.38 9.60
C CYS E 97 72.71 -6.10 9.51
N THR E 98 73.30 -6.43 8.37
CA THR E 98 74.72 -6.24 8.15
C THR E 98 75.09 -4.85 7.63
N ASN E 99 74.43 -4.40 6.56
CA ASN E 99 74.70 -3.08 5.98
C ASN E 99 73.63 -2.10 6.44
N VAL E 100 73.76 -1.60 7.65
CA VAL E 100 72.80 -0.64 8.21
C VAL E 100 73.27 0.80 8.04
N SER E 101 72.31 1.70 7.83
CA SER E 101 72.62 3.10 7.66
C SER E 101 71.74 3.95 8.57
N THR E 102 71.94 5.25 8.54
CA THR E 102 71.16 6.14 9.39
C THR E 102 70.63 7.34 8.60
N VAL E 103 69.33 7.61 8.77
CA VAL E 103 68.67 8.71 8.07
C VAL E 103 67.96 9.65 9.05
N GLN E 104 67.66 10.87 8.60
CA GLN E 104 66.96 11.83 9.43
C GLN E 104 65.45 11.58 9.34
N CYS E 105 64.97 11.24 8.15
CA CYS E 105 63.56 10.93 7.94
C CYS E 105 63.46 9.73 6.99
N THR E 106 62.34 9.02 7.06
CA THR E 106 62.10 7.86 6.19
C THR E 106 61.84 8.36 4.77
N HIS E 107 61.87 7.46 3.80
CA HIS E 107 61.60 7.84 2.42
C HIS E 107 60.22 8.48 2.35
N GLY E 108 59.93 9.16 1.25
CA GLY E 108 58.63 9.79 1.12
C GLY E 108 57.54 8.74 1.00
N ILE E 109 56.45 8.92 1.74
CA ILE E 109 55.37 7.96 1.69
C ILE E 109 53.97 8.53 1.41
N ARG E 110 53.33 8.00 0.38
CA ARG E 110 51.99 8.40 0.02
C ARG E 110 51.11 7.27 0.54
N PRO E 111 50.64 7.37 1.80
CA PRO E 111 49.80 6.40 2.52
C PRO E 111 48.46 6.07 1.86
N VAL E 112 48.26 4.80 1.54
CA VAL E 112 47.03 4.33 0.89
C VAL E 112 46.32 3.19 1.64
N VAL E 113 45.03 3.40 1.91
CA VAL E 113 44.24 2.40 2.61
C VAL E 113 43.61 1.41 1.62
N SER E 114 43.97 0.13 1.71
CA SER E 114 43.42 -0.85 0.79
C SER E 114 43.45 -2.28 1.30
N THR E 115 43.06 -3.21 0.43
CA THR E 115 43.06 -4.63 0.76
C THR E 115 43.44 -5.42 -0.50
N GLN E 116 43.91 -6.65 -0.30
CA GLN E 116 44.33 -7.53 -1.40
C GLN E 116 45.52 -6.95 -2.15
N LEU E 117 45.32 -5.84 -2.86
CA LEU E 117 46.42 -5.22 -3.60
C LEU E 117 46.98 -4.03 -2.82
N LEU E 118 48.31 -3.88 -2.83
CA LEU E 118 48.95 -2.74 -2.16
C LEU E 118 49.20 -1.68 -3.24
N LEU E 119 48.68 -0.47 -3.04
CA LEU E 119 48.82 0.61 -4.02
C LEU E 119 49.82 1.74 -3.72
N ASN E 120 50.53 2.16 -4.77
CA ASN E 120 51.50 3.26 -4.71
C ASN E 120 52.61 3.19 -3.67
N GLY E 121 53.10 1.98 -3.38
CA GLY E 121 54.16 1.83 -2.41
C GLY E 121 55.52 1.61 -3.05
N SER E 122 56.48 1.16 -2.26
CA SER E 122 57.84 0.91 -2.73
C SER E 122 57.99 -0.46 -3.38
N LEU E 123 58.83 -0.51 -4.43
CA LEU E 123 59.09 -1.76 -5.12
C LEU E 123 60.42 -2.34 -4.64
N ALA E 124 60.75 -3.55 -5.09
CA ALA E 124 61.99 -4.18 -4.70
C ALA E 124 63.04 -3.91 -5.77
N GLU E 125 64.27 -3.73 -5.34
CA GLU E 125 65.37 -3.44 -6.26
C GLU E 125 65.72 -4.66 -7.12
N GLU E 126 65.83 -5.81 -6.46
CA GLU E 126 66.18 -7.06 -7.13
C GLU E 126 64.98 -7.78 -7.72
N GLU E 127 64.68 -8.95 -7.17
CA GLU E 127 63.55 -9.76 -7.61
C GLU E 127 62.40 -9.59 -6.64
N ILE E 128 61.25 -10.13 -6.99
CA ILE E 128 60.09 -10.06 -6.11
C ILE E 128 60.53 -10.59 -4.76
N VAL E 129 59.90 -10.12 -3.70
CA VAL E 129 60.23 -10.57 -2.36
C VAL E 129 58.95 -10.85 -1.59
N ILE E 130 58.87 -12.04 -1.03
CA ILE E 130 57.71 -12.42 -0.25
C ILE E 130 58.14 -12.47 1.21
N ARG E 131 57.37 -11.82 2.08
CA ARG E 131 57.71 -11.77 3.50
C ARG E 131 56.57 -12.24 4.39
N SER E 132 56.91 -12.94 5.46
CA SER E 132 55.90 -13.43 6.40
C SER E 132 56.50 -13.61 7.79
N GLU E 133 55.76 -13.22 8.82
CA GLU E 133 56.22 -13.38 10.19
C GLU E 133 56.46 -14.88 10.42
N ASN E 134 55.68 -15.73 9.73
CA ASN E 134 55.83 -17.18 9.85
C ASN E 134 55.18 -17.90 8.68
N PHE E 135 55.97 -18.27 7.68
CA PHE E 135 55.43 -18.96 6.52
C PHE E 135 54.66 -20.24 6.82
N THR E 136 55.09 -20.93 7.87
CA THR E 136 54.45 -22.19 8.26
C THR E 136 53.08 -21.97 8.90
N ASN E 137 52.93 -20.86 9.62
CA ASN E 137 51.66 -20.54 10.27
C ASN E 137 50.70 -20.00 9.20
N ASN E 138 49.80 -20.86 8.71
CA ASN E 138 48.86 -20.47 7.67
C ASN E 138 47.93 -19.32 8.06
N ALA E 139 47.98 -18.91 9.33
CA ALA E 139 47.16 -17.80 9.80
C ALA E 139 47.97 -16.50 9.70
N LYS E 140 49.10 -16.55 9.00
CA LYS E 140 49.97 -15.38 8.83
C LYS E 140 49.92 -14.85 7.40
N THR E 141 49.43 -13.61 7.26
CA THR E 141 49.33 -12.98 5.95
C THR E 141 50.70 -12.69 5.37
N ILE E 142 50.93 -13.22 4.17
CA ILE E 142 52.18 -13.07 3.44
C ILE E 142 52.18 -11.73 2.70
N ILE E 143 53.22 -10.93 2.91
CA ILE E 143 53.32 -9.64 2.26
C ILE E 143 54.29 -9.69 1.10
N VAL E 144 53.74 -9.74 -0.12
CA VAL E 144 54.53 -9.79 -1.34
C VAL E 144 54.92 -8.38 -1.81
N GLN E 145 56.08 -8.28 -2.44
CA GLN E 145 56.55 -7.00 -2.95
C GLN E 145 57.04 -7.18 -4.38
N LEU E 146 56.49 -6.40 -5.29
CA LEU E 146 56.86 -6.48 -6.70
C LEU E 146 58.13 -5.70 -7.02
N ASN E 147 58.82 -6.08 -8.09
CA ASN E 147 60.03 -5.39 -8.51
C ASN E 147 59.73 -4.50 -9.71
N GLU E 148 58.46 -4.51 -10.11
CA GLU E 148 57.96 -3.71 -11.23
C GLU E 148 56.48 -3.38 -11.01
N SER E 149 56.13 -2.11 -11.20
CA SER E 149 54.75 -1.66 -11.00
C SER E 149 53.78 -2.22 -12.04
N VAL E 150 52.52 -2.36 -11.63
CA VAL E 150 51.46 -2.85 -12.50
C VAL E 150 50.37 -1.78 -12.41
N VAL E 151 50.23 -1.01 -13.48
CA VAL E 151 49.24 0.07 -13.52
C VAL E 151 47.80 -0.42 -13.66
N ILE E 152 46.93 0.11 -12.80
CA ILE E 152 45.52 -0.22 -12.82
C ILE E 152 44.70 1.06 -12.77
N ASN E 153 43.98 1.34 -13.87
CA ASN E 153 43.17 2.54 -13.93
C ASN E 153 41.68 2.25 -13.83
N CYS E 154 41.00 3.07 -13.03
CA CYS E 154 39.57 2.93 -12.81
C CYS E 154 38.85 4.10 -13.46
N THR E 155 38.14 3.83 -14.55
CA THR E 155 37.40 4.87 -15.25
C THR E 155 36.34 5.53 -14.37
N GLY E 156 36.20 5.02 -13.14
CA GLY E 156 35.22 5.59 -12.23
C GLY E 156 33.82 5.21 -12.64
N ALA E 157 33.68 4.81 -13.90
CA ALA E 157 32.39 4.39 -14.44
C ALA E 157 32.12 2.99 -13.90
N GLY E 158 32.85 2.62 -12.86
CA GLY E 158 32.68 1.31 -12.25
C GLY E 158 33.38 0.21 -13.00
N HIS E 159 34.65 0.42 -13.34
CA HIS E 159 35.42 -0.58 -14.07
C HIS E 159 36.90 -0.25 -14.12
N CYS E 160 37.70 -0.94 -13.29
CA CYS E 160 39.14 -0.74 -13.30
C CYS E 160 39.71 -1.82 -14.20
N ASN E 161 40.89 -1.60 -14.76
CA ASN E 161 41.51 -2.61 -15.62
C ASN E 161 43.00 -2.44 -15.79
N LEU E 162 43.73 -3.55 -15.64
CA LEU E 162 45.18 -3.56 -15.78
C LEU E 162 45.59 -4.57 -16.84
N SER E 163 46.84 -4.47 -17.31
CA SER E 163 47.35 -5.36 -18.33
C SER E 163 47.21 -6.83 -17.94
N LYS E 164 46.69 -7.62 -18.87
CA LYS E 164 46.48 -9.05 -18.66
C LYS E 164 47.78 -9.83 -18.67
N THR E 165 48.62 -9.59 -19.67
CA THR E 165 49.89 -10.29 -19.77
C THR E 165 50.79 -9.94 -18.59
N GLN E 166 50.74 -8.68 -18.17
CA GLN E 166 51.54 -8.22 -17.04
C GLN E 166 51.12 -8.91 -15.76
N TRP E 167 49.80 -9.08 -15.59
CA TRP E 167 49.30 -9.73 -14.39
C TRP E 167 49.63 -11.22 -14.38
N GLU E 168 49.61 -11.83 -15.56
CA GLU E 168 49.92 -13.26 -15.68
C GLU E 168 51.41 -13.48 -15.39
N ASN E 169 52.24 -12.49 -15.72
CA ASN E 169 53.68 -12.56 -15.49
C ASN E 169 53.97 -12.40 -14.00
N THR E 170 53.17 -11.56 -13.35
CA THR E 170 53.28 -11.30 -11.93
C THR E 170 53.00 -12.60 -11.18
N LEU E 171 51.77 -13.07 -11.31
CA LEU E 171 51.35 -14.32 -10.66
C LEU E 171 52.39 -15.41 -10.89
N GLU E 172 52.97 -15.41 -12.08
CA GLU E 172 53.99 -16.41 -12.43
C GLU E 172 55.23 -16.23 -11.57
N GLN E 173 55.72 -15.00 -11.48
CA GLN E 173 56.91 -14.72 -10.68
C GLN E 173 56.66 -14.83 -9.19
N ILE E 174 55.44 -14.52 -8.75
CA ILE E 174 55.07 -14.62 -7.34
C ILE E 174 55.07 -16.08 -6.93
N ALA E 175 54.55 -16.93 -7.81
CA ALA E 175 54.48 -18.37 -7.55
C ALA E 175 55.88 -18.95 -7.37
N ILE E 176 56.78 -18.61 -8.28
CA ILE E 176 58.17 -19.09 -8.22
C ILE E 176 58.77 -18.83 -6.84
N LYS E 177 58.57 -17.63 -6.32
CA LYS E 177 59.10 -17.30 -4.99
C LYS E 177 58.37 -18.14 -3.93
N LEU E 178 57.12 -18.46 -4.18
CA LEU E 178 56.31 -19.24 -3.25
C LEU E 178 56.76 -20.71 -3.20
N LYS E 179 57.18 -21.25 -4.34
CA LYS E 179 57.65 -22.63 -4.36
C LYS E 179 59.07 -22.61 -3.85
N GLU E 180 59.70 -21.45 -3.95
CA GLU E 180 61.07 -21.25 -3.46
C GLU E 180 60.98 -21.34 -1.94
N GLN E 181 59.79 -21.08 -1.42
CA GLN E 181 59.54 -21.10 0.02
C GLN E 181 58.81 -22.36 0.49
N PHE E 182 58.00 -22.97 -0.37
CA PHE E 182 57.25 -24.15 0.02
C PHE E 182 57.57 -25.44 -0.73
N GLY E 183 58.66 -25.46 -1.49
CA GLY E 183 59.00 -26.66 -2.23
C GLY E 183 58.98 -26.49 -3.73
N ASN E 184 60.11 -26.79 -4.37
CA ASN E 184 60.24 -26.66 -5.82
C ASN E 184 59.26 -27.54 -6.62
N ASN E 185 59.08 -28.79 -6.21
CA ASN E 185 58.17 -29.69 -6.91
C ASN E 185 56.76 -29.61 -6.30
N LYS E 186 56.19 -28.42 -6.34
CA LYS E 186 54.86 -28.16 -5.81
C LYS E 186 53.99 -27.49 -6.86
N THR E 187 52.69 -27.47 -6.58
CA THR E 187 51.73 -26.85 -7.48
C THR E 187 51.15 -25.63 -6.77
N ILE E 188 51.37 -24.45 -7.33
CA ILE E 188 50.86 -23.22 -6.74
C ILE E 188 49.59 -22.80 -7.47
N ILE E 189 48.51 -22.66 -6.71
CA ILE E 189 47.23 -22.27 -7.28
C ILE E 189 46.71 -21.02 -6.60
N PHE E 190 46.06 -20.17 -7.38
CA PHE E 190 45.50 -18.94 -6.85
C PHE E 190 43.99 -18.96 -6.99
N ASN E 191 43.29 -18.90 -5.86
CA ASN E 191 41.83 -18.88 -5.87
C ASN E 191 41.36 -17.58 -5.20
N PRO E 192 40.17 -17.09 -5.57
CA PRO E 192 39.67 -15.86 -4.97
C PRO E 192 39.41 -15.99 -3.48
N SER E 193 39.07 -14.87 -2.86
CA SER E 193 38.77 -14.82 -1.43
C SER E 193 37.77 -15.89 -1.03
N SER E 194 37.89 -16.41 0.18
CA SER E 194 36.97 -17.45 0.65
C SER E 194 35.65 -16.87 1.14
N GLY E 195 35.68 -15.64 1.68
CA GLY E 195 34.48 -15.02 2.17
C GLY E 195 34.68 -14.03 3.29
N GLY E 196 33.58 -13.40 3.72
CA GLY E 196 33.65 -12.40 4.78
C GLY E 196 33.18 -11.02 4.31
N ASP E 197 33.60 -9.98 5.03
CA ASP E 197 33.21 -8.63 4.67
C ASP E 197 33.59 -8.24 3.25
N PRO E 198 32.72 -7.46 2.59
CA PRO E 198 33.00 -7.03 1.21
C PRO E 198 34.35 -6.31 1.14
N GLU E 199 34.67 -5.57 2.19
CA GLU E 199 35.93 -4.85 2.29
C GLU E 199 37.15 -5.74 2.04
N ILE E 200 37.12 -6.97 2.54
CA ILE E 200 38.24 -7.88 2.35
C ILE E 200 38.06 -8.89 1.24
N VAL E 201 36.82 -9.13 0.82
CA VAL E 201 36.55 -10.07 -0.27
C VAL E 201 36.85 -9.40 -1.61
N THR E 202 36.53 -8.10 -1.69
CA THR E 202 36.81 -7.35 -2.90
C THR E 202 38.07 -6.53 -2.64
N HIS E 203 38.78 -6.17 -3.69
CA HIS E 203 39.95 -5.34 -3.55
C HIS E 203 39.36 -3.95 -3.36
N SER E 204 39.12 -3.56 -2.12
CA SER E 204 38.56 -2.25 -1.86
C SER E 204 39.68 -1.26 -1.58
N PHE E 205 39.35 0.03 -1.54
CA PHE E 205 40.33 1.06 -1.28
C PHE E 205 39.71 2.44 -1.37
N ASN E 206 40.48 3.45 -0.97
CA ASN E 206 40.01 4.82 -1.02
C ASN E 206 40.85 5.68 -1.95
N CYS E 207 40.19 6.33 -2.91
CA CYS E 207 40.89 7.18 -3.86
C CYS E 207 40.20 8.54 -3.89
N GLY E 208 40.99 9.61 -3.78
CA GLY E 208 40.45 10.95 -3.81
C GLY E 208 39.35 11.17 -2.78
N GLY E 209 39.29 10.28 -1.79
CA GLY E 209 38.28 10.41 -0.76
C GLY E 209 37.05 9.55 -0.99
N GLU E 210 37.01 8.84 -2.11
CA GLU E 210 35.87 7.98 -2.44
C GLU E 210 36.23 6.51 -2.18
N PHE E 211 35.26 5.75 -1.67
CA PHE E 211 35.46 4.32 -1.34
C PHE E 211 35.10 3.32 -2.43
N PHE E 212 36.12 2.78 -3.09
CA PHE E 212 35.94 1.81 -4.16
C PHE E 212 35.84 0.35 -3.70
N TYR E 213 35.19 -0.46 -4.52
CA TYR E 213 35.01 -1.88 -4.27
C TYR E 213 34.99 -2.60 -5.64
N CYS E 214 36.09 -3.24 -6.00
CA CYS E 214 36.19 -3.96 -7.27
C CYS E 214 36.14 -5.48 -7.09
N ASN E 215 35.68 -6.17 -8.12
CA ASN E 215 35.60 -7.62 -8.10
C ASN E 215 36.96 -8.13 -8.56
N SER E 216 37.67 -8.84 -7.69
CA SER E 216 39.01 -9.33 -8.01
C SER E 216 39.14 -10.80 -8.37
N THR E 217 38.03 -11.49 -8.58
CA THR E 217 38.09 -12.90 -8.92
C THR E 217 38.98 -13.11 -10.15
N GLN E 218 38.76 -12.29 -11.19
CA GLN E 218 39.54 -12.41 -12.42
C GLN E 218 41.04 -12.30 -12.19
N LEU E 219 41.46 -11.74 -11.07
CA LEU E 219 42.88 -11.60 -10.78
C LEU E 219 43.37 -12.73 -9.88
N PHE E 220 42.44 -13.57 -9.43
CA PHE E 220 42.81 -14.67 -8.56
C PHE E 220 42.16 -15.99 -8.94
N THR E 221 42.55 -16.49 -10.10
CA THR E 221 42.06 -17.76 -10.61
C THR E 221 43.09 -18.19 -11.65
N TRP E 222 44.25 -18.57 -11.14
CA TRP E 222 45.37 -18.98 -11.96
C TRP E 222 45.36 -20.49 -12.19
N ARG E 233 45.22 -9.48 -23.09
CA ARG E 233 44.88 -8.18 -23.67
C ARG E 233 44.62 -7.19 -22.55
N ASN E 234 43.37 -7.18 -22.07
CA ASN E 234 42.91 -6.28 -21.03
C ASN E 234 42.09 -7.02 -19.97
N ILE E 235 42.44 -6.85 -18.70
CA ILE E 235 41.68 -7.46 -17.61
C ILE E 235 40.78 -6.40 -16.99
N THR E 236 39.50 -6.42 -17.36
CA THR E 236 38.54 -5.45 -16.85
C THR E 236 37.88 -5.95 -15.56
N LEU E 237 38.09 -5.22 -14.46
CA LEU E 237 37.52 -5.59 -13.18
C LEU E 237 36.25 -4.83 -12.84
N PRO E 238 35.17 -5.57 -12.53
CA PRO E 238 33.88 -4.95 -12.18
C PRO E 238 34.07 -4.17 -10.88
N CYS E 239 33.69 -2.90 -10.88
CA CYS E 239 33.87 -2.09 -9.68
C CYS E 239 32.67 -1.21 -9.31
N ARG E 240 32.63 -0.74 -8.07
CA ARG E 240 31.54 0.09 -7.58
C ARG E 240 31.96 1.02 -6.43
N ILE E 241 31.20 2.10 -6.23
CA ILE E 241 31.49 3.03 -5.14
C ILE E 241 30.37 2.97 -4.09
N LYS E 242 30.74 3.05 -2.83
CA LYS E 242 29.77 2.97 -1.73
C LYS E 242 29.80 4.18 -0.80
N GLN E 243 28.64 4.51 -0.24
CA GLN E 243 28.50 5.62 0.71
C GLN E 243 28.47 5.10 2.14
N ILE E 244 27.90 3.91 2.33
CA ILE E 244 27.83 3.29 3.65
C ILE E 244 28.82 2.13 3.64
N ILE E 245 29.79 2.17 4.54
CA ILE E 245 30.83 1.13 4.59
C ILE E 245 31.25 0.66 5.99
N ASN E 246 32.05 -0.39 6.02
CA ASN E 246 32.58 -0.92 7.27
C ASN E 246 33.90 -0.18 7.50
N MET E 247 34.07 0.40 8.69
CA MET E 247 35.30 1.15 8.97
C MET E 247 36.53 0.26 9.10
N TRP E 248 37.70 0.83 8.78
CA TRP E 248 38.94 0.09 8.91
C TRP E 248 39.60 0.59 10.18
N GLN E 249 39.29 1.83 10.55
CA GLN E 249 39.86 2.44 11.75
C GLN E 249 39.49 1.68 12.99
N GLU E 250 38.20 1.38 13.10
CA GLU E 250 37.66 0.66 14.23
C GLU E 250 36.45 -0.12 13.72
N VAL E 251 36.05 -1.15 14.46
CA VAL E 251 34.90 -1.91 14.03
C VAL E 251 33.71 -0.96 14.05
N GLY E 252 33.01 -0.89 12.93
CA GLY E 252 31.86 -0.02 12.85
C GLY E 252 31.43 0.24 11.42
N LYS E 253 30.34 1.00 11.29
CA LYS E 253 29.82 1.33 9.97
C LYS E 253 29.76 2.85 9.88
N ALA E 254 29.98 3.36 8.67
CA ALA E 254 29.96 4.80 8.47
C ALA E 254 29.25 5.17 7.19
N MET E 255 28.79 6.43 7.13
CA MET E 255 28.11 6.93 5.94
C MET E 255 28.71 8.27 5.52
N TYR E 256 29.34 8.27 4.35
CA TYR E 256 29.95 9.48 3.82
C TYR E 256 28.98 10.17 2.87
N ALA E 257 29.34 11.37 2.43
CA ALA E 257 28.50 12.13 1.52
C ALA E 257 28.64 11.58 0.12
N PRO E 258 27.61 11.78 -0.73
CA PRO E 258 27.63 11.29 -2.12
C PRO E 258 28.72 12.02 -2.90
N PRO E 259 29.14 11.47 -4.06
CA PRO E 259 30.19 12.13 -4.86
C PRO E 259 29.74 13.49 -5.42
N ILE E 260 30.73 14.35 -5.70
CA ILE E 260 30.44 15.67 -6.27
C ILE E 260 30.60 15.56 -7.78
N ARG E 261 31.86 15.47 -8.20
CA ARG E 261 32.22 15.36 -9.61
C ARG E 261 31.38 14.28 -10.28
N GLY E 262 31.25 14.38 -11.59
CA GLY E 262 30.50 13.40 -12.32
C GLY E 262 31.29 12.12 -12.41
N GLN E 263 32.44 12.19 -13.07
CA GLN E 263 33.30 11.03 -13.24
C GLN E 263 34.40 10.99 -12.17
N ILE E 264 34.46 9.87 -11.45
CA ILE E 264 35.44 9.66 -10.39
C ILE E 264 36.47 8.62 -10.83
N ARG E 265 37.46 9.06 -11.61
CA ARG E 265 38.50 8.16 -12.12
C ARG E 265 39.68 8.04 -11.15
N CYS E 266 40.42 6.93 -11.25
CA CYS E 266 41.59 6.70 -10.38
C CYS E 266 42.65 5.81 -11.06
N SER E 267 43.90 6.22 -10.94
CA SER E 267 45.03 5.50 -11.52
C SER E 267 46.04 5.22 -10.41
N SER E 268 46.46 3.95 -10.27
CA SER E 268 47.41 3.57 -9.23
C SER E 268 48.37 2.46 -9.64
N ASN E 269 49.61 2.54 -9.18
CA ASN E 269 50.60 1.50 -9.47
C ASN E 269 50.45 0.40 -8.43
N ILE E 270 50.28 -0.84 -8.87
CA ILE E 270 50.19 -1.94 -7.91
C ILE E 270 51.62 -2.33 -7.57
N THR E 271 52.02 -2.11 -6.32
CA THR E 271 53.37 -2.40 -5.90
C THR E 271 53.50 -3.73 -5.17
N GLY E 272 52.51 -4.08 -4.36
CA GLY E 272 52.56 -5.33 -3.64
C GLY E 272 51.21 -6.01 -3.52
N LEU E 273 51.14 -7.03 -2.68
CA LEU E 273 49.91 -7.78 -2.43
C LEU E 273 49.89 -8.36 -1.01
N LEU E 274 48.73 -8.84 -0.59
CA LEU E 274 48.55 -9.45 0.71
C LEU E 274 47.82 -10.76 0.49
N LEU E 275 48.49 -11.87 0.81
CA LEU E 275 47.90 -13.20 0.64
C LEU E 275 47.77 -13.97 1.95
N THR E 276 47.08 -15.09 1.85
CA THR E 276 46.92 -16.03 2.96
C THR E 276 46.97 -17.38 2.25
N ARG E 277 47.57 -18.37 2.88
CA ARG E 277 47.66 -19.68 2.25
C ARG E 277 46.75 -20.68 2.96
N ASP E 278 46.02 -21.47 2.18
CA ASP E 278 45.16 -22.50 2.77
C ASP E 278 46.18 -23.53 3.24
N GLY E 279 46.24 -23.73 4.55
CA GLY E 279 47.20 -24.68 5.09
C GLY E 279 46.68 -25.80 5.94
N GLY E 280 47.33 -25.97 7.10
CA GLY E 280 46.96 -27.04 8.02
C GLY E 280 47.56 -28.32 7.47
N LYS E 281 47.64 -29.36 8.29
CA LYS E 281 48.19 -30.63 7.84
C LYS E 281 47.23 -31.31 6.85
N ASP E 282 46.96 -30.61 5.76
CA ASP E 282 46.05 -31.08 4.72
C ASP E 282 46.86 -31.88 3.69
N THR E 283 48.12 -31.50 3.50
CA THR E 283 49.05 -32.15 2.56
C THR E 283 48.41 -32.53 1.22
N ASN E 284 48.54 -31.64 0.23
CA ASN E 284 47.97 -31.88 -1.09
C ASN E 284 49.03 -32.00 -2.18
N GLY E 285 50.25 -31.56 -1.86
CA GLY E 285 51.31 -31.58 -2.84
C GLY E 285 51.14 -30.33 -3.67
N THR E 286 50.19 -29.49 -3.22
CA THR E 286 49.87 -28.23 -3.88
C THR E 286 49.58 -27.17 -2.81
N GLU E 287 49.69 -25.90 -3.18
CA GLU E 287 49.43 -24.82 -2.26
C GLU E 287 48.47 -23.81 -2.86
N ILE E 288 47.45 -23.43 -2.10
CA ILE E 288 46.48 -22.48 -2.59
C ILE E 288 46.65 -21.16 -1.86
N PHE E 289 46.53 -20.06 -2.61
CA PHE E 289 46.64 -18.73 -2.03
C PHE E 289 45.44 -17.89 -2.38
N ARG E 290 45.01 -17.07 -1.44
CA ARG E 290 43.85 -16.21 -1.63
C ARG E 290 44.15 -14.79 -1.17
N PRO E 291 43.46 -13.79 -1.74
CA PRO E 291 43.66 -12.39 -1.36
C PRO E 291 43.45 -12.14 0.14
N GLY E 292 44.23 -11.22 0.69
CA GLY E 292 44.14 -10.92 2.11
C GLY E 292 43.99 -9.43 2.39
N GLY E 293 44.15 -9.03 3.65
CA GLY E 293 44.00 -7.63 4.00
C GLY E 293 42.97 -7.44 5.08
N GLY E 294 42.72 -6.19 5.44
CA GLY E 294 41.75 -5.87 6.49
C GLY E 294 42.46 -5.09 7.56
N ASP E 295 43.59 -5.65 7.99
CA ASP E 295 44.45 -5.05 9.01
C ASP E 295 45.42 -4.12 8.28
N MET E 296 45.12 -2.83 8.28
CA MET E 296 45.94 -1.82 7.61
C MET E 296 47.38 -1.72 8.14
N ARG E 297 47.66 -2.29 9.31
CA ARG E 297 49.01 -2.24 9.82
C ARG E 297 49.92 -2.99 8.87
N ASP E 298 49.38 -3.95 8.14
CA ASP E 298 50.21 -4.67 7.18
C ASP E 298 50.56 -3.76 6.00
N ASN E 299 49.66 -2.83 5.66
CA ASN E 299 49.93 -1.91 4.57
C ASN E 299 51.09 -0.98 4.95
N TRP E 300 51.13 -0.58 6.22
CA TRP E 300 52.19 0.29 6.72
C TRP E 300 53.54 -0.46 6.76
N ARG E 301 53.50 -1.75 7.07
CA ARG E 301 54.72 -2.56 7.15
C ARG E 301 55.41 -2.69 5.80
N SER E 302 54.63 -2.94 4.75
CA SER E 302 55.20 -3.07 3.42
C SER E 302 56.07 -1.85 3.06
N GLU E 303 56.01 -0.81 3.89
CA GLU E 303 56.78 0.40 3.64
C GLU E 303 57.82 0.71 4.70
N LEU E 304 57.55 0.32 5.94
CA LEU E 304 58.44 0.59 7.08
C LEU E 304 59.22 -0.60 7.62
N TYR E 305 59.20 -1.72 6.90
CA TYR E 305 59.89 -2.91 7.36
C TYR E 305 61.41 -2.76 7.52
N LYS E 306 61.99 -1.80 6.81
CA LYS E 306 63.44 -1.61 6.86
C LYS E 306 63.90 -0.53 7.83
N TYR E 307 62.97 0.03 8.59
CA TYR E 307 63.32 1.05 9.56
C TYR E 307 63.21 0.52 10.99
N LYS E 308 63.82 1.26 11.91
CA LYS E 308 63.86 0.91 13.32
C LYS E 308 64.38 2.12 14.09
N VAL E 309 63.58 2.64 15.02
CA VAL E 309 63.99 3.80 15.80
C VAL E 309 64.83 3.35 17.01
N VAL E 310 65.77 4.17 17.43
CA VAL E 310 66.64 3.84 18.55
C VAL E 310 67.08 5.07 19.34
N LYS E 311 67.37 4.86 20.62
CA LYS E 311 67.83 5.94 21.49
C LYS E 311 69.33 6.07 21.21
N ILE E 312 69.78 7.30 20.97
CA ILE E 312 71.19 7.58 20.65
C ILE E 312 72.22 7.07 21.67
N GLU E 313 73.18 6.31 21.14
CA GLU E 313 74.25 5.74 21.94
C GLU E 313 75.48 5.59 21.06
N ASP F 1 20.16 27.81 12.71
CA ASP F 1 19.56 29.02 12.17
C ASP F 1 18.92 28.79 10.82
N ILE F 2 19.50 29.44 9.82
CA ILE F 2 19.01 29.41 8.45
C ILE F 2 17.50 29.63 8.39
N VAL F 3 17.13 30.91 8.43
CA VAL F 3 15.76 31.33 8.36
C VAL F 3 15.46 31.61 6.89
N MET F 4 14.42 30.97 6.36
CA MET F 4 14.05 31.18 4.96
C MET F 4 12.90 32.19 4.94
N THR F 5 12.97 33.12 4.00
CA THR F 5 11.97 34.17 3.84
C THR F 5 11.48 34.23 2.40
N GLN F 6 10.17 34.23 2.21
CA GLN F 6 9.59 34.28 0.87
C GLN F 6 8.93 35.62 0.64
N SER F 7 8.96 36.07 -0.60
CA SER F 7 8.35 37.34 -0.98
C SER F 7 7.62 37.11 -2.28
N PRO F 8 6.41 37.66 -2.42
CA PRO F 8 5.67 38.45 -1.44
C PRO F 8 4.75 37.51 -0.67
N ALA F 9 4.26 37.95 0.48
CA ALA F 9 3.37 37.14 1.29
C ALA F 9 2.17 36.71 0.46
N THR F 10 1.60 37.66 -0.26
CA THR F 10 0.46 37.39 -1.13
C THR F 10 0.71 37.98 -2.52
N LEU F 11 0.65 37.11 -3.53
CA LEU F 11 0.88 37.52 -4.91
C LEU F 11 -0.41 37.47 -5.72
N SER F 12 -0.78 38.59 -6.32
CA SER F 12 -2.00 38.65 -7.13
C SER F 12 -1.62 38.69 -8.60
N VAL F 13 -2.12 37.72 -9.36
CA VAL F 13 -1.82 37.63 -10.77
C VAL F 13 -3.03 37.15 -11.56
N SER F 14 -3.23 37.73 -12.73
CA SER F 14 -4.35 37.37 -13.60
C SER F 14 -3.98 36.07 -14.29
N PRO F 15 -4.97 35.21 -14.54
CA PRO F 15 -4.76 33.92 -15.20
C PRO F 15 -3.92 34.00 -16.48
N GLY F 16 -3.31 32.89 -16.85
CA GLY F 16 -2.49 32.87 -18.05
C GLY F 16 -1.24 33.73 -18.04
N GLU F 17 -1.09 34.61 -17.06
CA GLU F 17 0.08 35.49 -16.98
C GLU F 17 1.26 34.85 -16.24
N ARG F 18 2.40 35.52 -16.27
CA ARG F 18 3.63 35.02 -15.63
C ARG F 18 3.82 35.50 -14.20
N ALA F 19 4.11 34.57 -13.30
CA ALA F 19 4.33 34.90 -11.90
C ALA F 19 5.67 34.40 -11.40
N THR F 20 6.43 35.29 -10.75
CA THR F 20 7.72 34.89 -10.20
C THR F 20 7.68 35.10 -8.69
N LEU F 21 7.96 34.03 -7.95
CA LEU F 21 7.98 34.07 -6.50
C LEU F 21 9.44 33.97 -6.07
N SER F 22 9.80 34.64 -4.98
CA SER F 22 11.18 34.60 -4.51
C SER F 22 11.32 34.07 -3.09
N CYS F 23 12.49 33.50 -2.81
CA CYS F 23 12.81 32.95 -1.50
C CYS F 23 14.24 33.34 -1.14
N ARG F 24 14.45 33.73 0.12
CA ARG F 24 15.77 34.14 0.58
C ARG F 24 16.21 33.46 1.88
N ALA F 25 17.50 33.11 1.94
CA ALA F 25 18.05 32.45 3.12
C ALA F 25 18.93 33.39 3.94
N SER F 26 18.96 33.21 5.25
CA SER F 26 19.78 34.04 6.11
C SER F 26 21.27 33.73 5.92
N GLU F 27 21.57 32.74 5.09
CA GLU F 27 22.95 32.37 4.78
C GLU F 27 22.98 31.39 3.61
N SER F 28 24.14 31.23 2.99
CA SER F 28 24.26 30.34 1.85
C SER F 28 23.76 28.92 2.14
N VAL F 29 22.80 28.49 1.32
CA VAL F 29 22.25 27.16 1.45
C VAL F 29 22.71 26.45 0.18
N SER F 30 23.62 27.10 -0.53
CA SER F 30 24.16 26.54 -1.77
C SER F 30 23.03 26.26 -2.76
N SER F 31 22.85 24.99 -3.12
CA SER F 31 21.81 24.62 -4.07
C SER F 31 20.78 23.63 -3.50
N ASP F 32 20.89 23.31 -2.22
CA ASP F 32 19.94 22.39 -1.62
C ASP F 32 18.69 23.16 -1.23
N LEU F 33 17.86 23.43 -2.24
CA LEU F 33 16.63 24.21 -2.06
C LEU F 33 15.48 23.59 -2.85
N ALA F 34 14.29 23.56 -2.26
CA ALA F 34 13.14 22.97 -2.93
C ALA F 34 11.87 23.79 -2.79
N TRP F 35 10.99 23.71 -3.79
CA TRP F 35 9.71 24.39 -3.76
C TRP F 35 8.57 23.39 -3.72
N TYR F 36 7.51 23.77 -3.04
CA TYR F 36 6.34 22.92 -2.89
C TYR F 36 5.12 23.77 -3.12
N GLN F 37 4.06 23.14 -3.63
CA GLN F 37 2.79 23.80 -3.86
C GLN F 37 1.80 23.14 -2.92
N GLN F 38 0.86 23.90 -2.38
CA GLN F 38 -0.12 23.31 -1.48
C GLN F 38 -1.46 24.00 -1.44
N LYS F 39 -2.51 23.23 -1.73
CA LYS F 39 -3.88 23.74 -1.72
C LYS F 39 -4.51 23.53 -0.34
N PRO F 40 -5.55 24.30 -0.01
CA PRO F 40 -6.25 24.21 1.28
C PRO F 40 -6.93 22.87 1.56
N GLY F 41 -6.41 22.14 2.55
CA GLY F 41 -6.99 20.86 2.89
C GLY F 41 -6.28 19.67 2.27
N GLN F 42 -5.19 19.94 1.56
CA GLN F 42 -4.42 18.87 0.92
C GLN F 42 -2.96 18.89 1.37
N ALA F 43 -2.26 17.83 1.01
CA ALA F 43 -0.85 17.69 1.32
C ALA F 43 -0.04 18.45 0.29
N PRO F 44 1.18 18.84 0.65
CA PRO F 44 2.06 19.58 -0.25
C PRO F 44 2.56 18.69 -1.40
N ARG F 45 2.92 19.32 -2.51
CA ARG F 45 3.43 18.59 -3.66
C ARG F 45 4.80 19.13 -4.02
N LEU F 46 5.73 18.22 -4.27
CA LEU F 46 7.09 18.59 -4.65
C LEU F 46 7.00 19.13 -6.07
N LEU F 47 7.71 20.21 -6.37
CA LEU F 47 7.71 20.77 -7.70
C LEU F 47 9.14 20.77 -8.20
N ILE F 48 9.98 21.43 -7.42
CA ILE F 48 11.39 21.59 -7.73
C ILE F 48 12.25 21.21 -6.53
N TYR F 49 13.42 20.64 -6.80
CA TYR F 49 14.38 20.27 -5.78
C TYR F 49 15.72 20.50 -6.46
N GLY F 50 16.80 20.61 -5.68
CA GLY F 50 18.09 20.87 -6.30
C GLY F 50 18.10 22.30 -6.84
N ALA F 51 17.10 23.08 -6.43
CA ALA F 51 16.93 24.48 -6.81
C ALA F 51 16.42 24.69 -8.23
N SER F 52 16.94 23.91 -9.16
CA SER F 52 16.55 24.02 -10.55
C SER F 52 16.00 22.73 -11.17
N THR F 53 16.01 21.64 -10.42
CA THR F 53 15.51 20.36 -10.94
C THR F 53 14.02 20.17 -10.71
N ARG F 54 13.28 19.94 -11.78
CA ARG F 54 11.84 19.75 -11.68
C ARG F 54 11.50 18.29 -11.37
N ALA F 55 10.63 18.08 -10.41
CA ALA F 55 10.23 16.72 -10.03
C ALA F 55 9.49 16.11 -11.21
N THR F 56 9.35 14.78 -11.20
CA THR F 56 8.65 14.08 -12.27
C THR F 56 7.14 14.29 -12.13
N GLY F 57 6.47 14.49 -13.25
CA GLY F 57 5.04 14.73 -13.23
C GLY F 57 4.74 16.17 -12.91
N VAL F 58 5.62 17.06 -13.35
CA VAL F 58 5.47 18.49 -13.12
C VAL F 58 5.55 19.25 -14.44
N PRO F 59 4.52 20.07 -14.73
CA PRO F 59 4.44 20.88 -15.95
C PRO F 59 5.67 21.77 -16.13
N ALA F 60 6.13 21.88 -17.37
CA ALA F 60 7.30 22.70 -17.65
C ALA F 60 7.04 24.18 -17.41
N ARG F 61 5.79 24.58 -17.20
CA ARG F 61 5.52 26.00 -16.95
C ARG F 61 6.13 26.37 -15.60
N PHE F 62 6.37 25.36 -14.76
CA PHE F 62 7.00 25.57 -13.45
C PHE F 62 8.49 25.55 -13.66
N SER F 63 9.16 26.59 -13.19
CA SER F 63 10.60 26.71 -13.32
C SER F 63 11.18 27.21 -12.02
N GLY F 64 12.34 26.69 -11.63
CA GLY F 64 12.96 27.12 -10.39
C GLY F 64 14.39 27.53 -10.65
N SER F 65 14.81 28.67 -10.09
CA SER F 65 16.16 29.16 -10.32
C SER F 65 16.77 29.83 -9.12
N GLY F 66 18.09 29.92 -9.11
CA GLY F 66 18.78 30.56 -8.00
C GLY F 66 19.90 29.71 -7.40
N SER F 67 20.66 30.33 -6.50
CA SER F 67 21.77 29.67 -5.83
C SER F 67 22.25 30.52 -4.65
N GLY F 68 22.99 29.89 -3.74
CA GLY F 68 23.49 30.60 -2.60
C GLY F 68 22.41 30.93 -1.59
N ALA F 69 21.94 32.18 -1.60
CA ALA F 69 20.92 32.56 -0.64
C ALA F 69 19.75 33.30 -1.25
N GLU F 70 19.64 33.23 -2.59
CA GLU F 70 18.56 33.91 -3.29
C GLU F 70 17.98 32.98 -4.36
N PHE F 71 16.72 32.57 -4.17
CA PHE F 71 16.07 31.67 -5.10
C PHE F 71 14.76 32.17 -5.69
N THR F 72 14.41 31.63 -6.86
CA THR F 72 13.20 32.01 -7.56
C THR F 72 12.42 30.85 -8.17
N LEU F 73 11.10 30.94 -8.05
CA LEU F 73 10.20 29.95 -8.61
C LEU F 73 9.40 30.78 -9.58
N THR F 74 9.47 30.47 -10.86
CA THR F 74 8.72 31.23 -11.83
C THR F 74 7.80 30.34 -12.65
N ILE F 75 6.53 30.74 -12.70
CA ILE F 75 5.51 30.00 -13.43
C ILE F 75 5.13 30.73 -14.72
N SER F 76 5.80 30.36 -15.82
CA SER F 76 5.60 30.96 -17.15
C SER F 76 4.17 31.39 -17.47
N SER F 77 3.25 30.44 -17.42
CA SER F 77 1.84 30.74 -17.68
C SER F 77 1.04 30.17 -16.53
N LEU F 78 0.32 31.04 -15.84
CA LEU F 78 -0.44 30.59 -14.70
C LEU F 78 -1.80 30.00 -15.03
N GLN F 79 -2.03 28.78 -14.56
CA GLN F 79 -3.30 28.10 -14.80
C GLN F 79 -4.12 28.04 -13.52
N SER F 80 -5.40 27.73 -13.66
CA SER F 80 -6.30 27.67 -12.52
C SER F 80 -5.86 26.75 -11.39
N GLU F 81 -5.18 25.66 -11.74
CA GLU F 81 -4.72 24.71 -10.74
C GLU F 81 -3.48 25.18 -9.96
N ASP F 82 -2.90 26.29 -10.41
CA ASP F 82 -1.70 26.81 -9.77
C ASP F 82 -1.95 27.84 -8.68
N PHE F 83 -3.18 28.30 -8.57
CA PHE F 83 -3.49 29.26 -7.54
C PHE F 83 -3.56 28.55 -6.19
N ALA F 84 -2.55 28.78 -5.37
CA ALA F 84 -2.44 28.17 -4.05
C ALA F 84 -1.29 28.81 -3.28
N VAL F 85 -0.80 28.08 -2.26
CA VAL F 85 0.31 28.57 -1.44
C VAL F 85 1.60 27.86 -1.87
N TYR F 86 2.72 28.56 -1.79
CA TYR F 86 4.00 27.96 -2.17
C TYR F 86 5.02 28.16 -1.07
N TYR F 87 5.78 27.11 -0.78
CA TYR F 87 6.78 27.16 0.27
C TYR F 87 8.12 26.72 -0.28
N CYS F 88 9.20 27.27 0.26
CA CYS F 88 10.54 26.84 -0.10
C CYS F 88 11.06 26.14 1.15
N GLN F 89 12.10 25.32 0.99
CA GLN F 89 12.69 24.60 2.11
C GLN F 89 14.16 24.35 1.83
N GLN F 90 14.98 24.72 2.80
CA GLN F 90 16.41 24.53 2.67
C GLN F 90 16.78 23.18 3.29
N TYR F 91 17.66 22.44 2.64
CA TYR F 91 18.12 21.16 3.16
C TYR F 91 19.65 21.02 2.96
N ASN F 92 20.35 22.14 3.14
CA ASN F 92 21.80 22.18 2.95
C ASN F 92 22.71 21.92 4.15
N ASN F 93 22.25 22.21 5.37
CA ASN F 93 23.10 22.01 6.56
C ASN F 93 23.30 20.55 6.99
N TRP F 94 24.23 20.35 7.92
CA TRP F 94 24.53 19.02 8.44
C TRP F 94 25.53 19.05 9.60
N PRO F 95 25.16 18.51 10.79
CA PRO F 95 23.89 17.87 11.14
C PRO F 95 22.65 18.53 10.51
N PRO F 96 21.68 17.71 10.08
CA PRO F 96 20.45 18.18 9.44
C PRO F 96 19.40 18.91 10.28
N ARG F 97 19.27 20.21 10.03
CA ARG F 97 18.27 21.05 10.69
C ARG F 97 17.66 21.83 9.51
N TYR F 98 16.73 21.19 8.81
CA TYR F 98 16.10 21.79 7.62
C TYR F 98 14.95 22.71 7.97
N THR F 99 14.74 23.74 7.16
CA THR F 99 13.69 24.73 7.40
C THR F 99 12.90 25.17 6.16
N PHE F 100 11.66 25.59 6.39
CA PHE F 100 10.75 26.03 5.35
C PHE F 100 10.56 27.54 5.39
N GLY F 101 10.04 28.10 4.30
CA GLY F 101 9.76 29.51 4.26
C GLY F 101 8.37 29.69 4.84
N GLN F 102 8.00 30.92 5.20
CA GLN F 102 6.69 31.18 5.78
C GLN F 102 5.56 30.91 4.77
N GLY F 103 5.89 30.99 3.48
CA GLY F 103 4.88 30.76 2.46
C GLY F 103 4.42 31.99 1.70
N THR F 104 3.97 31.78 0.46
CA THR F 104 3.48 32.85 -0.40
C THR F 104 2.12 32.44 -0.97
N ARG F 105 1.10 33.26 -0.68
CA ARG F 105 -0.26 33.01 -1.14
C ARG F 105 -0.44 33.54 -2.56
N LEU F 106 -0.51 32.65 -3.54
CA LEU F 106 -0.69 33.11 -4.91
C LEU F 106 -2.18 33.10 -5.23
N GLU F 107 -2.77 34.30 -5.27
CA GLU F 107 -4.19 34.48 -5.51
C GLU F 107 -4.56 35.05 -6.89
N ILE F 108 -5.82 34.90 -7.28
CA ILE F 108 -6.30 35.38 -8.59
C ILE F 108 -6.57 36.88 -8.62
N LYS F 109 -6.07 37.56 -9.65
CA LYS F 109 -6.27 39.00 -9.80
C LYS F 109 -7.47 39.33 -10.70
N ARG F 110 -8.44 40.04 -10.15
CA ARG F 110 -9.64 40.43 -10.89
C ARG F 110 -9.99 41.91 -10.66
N THR F 111 -11.14 42.33 -11.17
CA THR F 111 -11.56 43.74 -11.02
C THR F 111 -12.16 44.03 -9.64
N VAL F 112 -11.92 45.24 -9.15
CA VAL F 112 -12.43 45.65 -7.85
C VAL F 112 -13.92 45.44 -7.76
N ALA F 113 -14.37 44.85 -6.67
CA ALA F 113 -15.80 44.61 -6.48
C ALA F 113 -16.20 45.06 -5.09
N ALA F 114 -17.13 45.99 -5.02
CA ALA F 114 -17.59 46.48 -3.73
C ALA F 114 -18.36 45.36 -3.04
N PRO F 115 -18.39 45.36 -1.70
CA PRO F 115 -19.11 44.32 -0.98
C PRO F 115 -20.54 44.70 -0.60
N SER F 116 -21.44 43.73 -0.69
CA SER F 116 -22.83 43.93 -0.30
C SER F 116 -22.73 43.74 1.21
N VAL F 117 -23.42 44.56 2.00
CA VAL F 117 -23.32 44.46 3.45
C VAL F 117 -24.64 44.22 4.16
N PHE F 118 -24.60 43.41 5.21
CA PHE F 118 -25.81 43.14 6.00
C PHE F 118 -25.47 43.06 7.47
N ILE F 119 -26.50 43.08 8.31
CA ILE F 119 -26.34 43.01 9.75
C ILE F 119 -27.47 42.16 10.31
N PHE F 120 -27.11 41.20 11.16
CA PHE F 120 -28.08 40.31 11.78
C PHE F 120 -28.04 40.47 13.29
N PRO F 121 -29.17 40.84 13.89
CA PRO F 121 -29.20 41.01 15.34
C PRO F 121 -29.36 39.65 16.02
N PRO F 122 -28.84 39.50 17.25
CA PRO F 122 -28.97 38.23 17.96
C PRO F 122 -30.40 37.72 17.96
N SER F 123 -30.57 36.41 17.86
CA SER F 123 -31.89 35.80 17.83
C SER F 123 -32.50 35.68 19.23
N ASP F 124 -33.83 35.70 19.29
CA ASP F 124 -34.50 35.57 20.58
C ASP F 124 -34.09 34.25 21.23
N GLU F 125 -33.97 33.19 20.43
CA GLU F 125 -33.57 31.88 20.95
C GLU F 125 -32.22 31.94 21.65
N GLN F 126 -31.32 32.77 21.14
CA GLN F 126 -29.99 32.89 21.72
C GLN F 126 -29.96 33.78 22.97
N LEU F 127 -30.68 34.88 22.95
CA LEU F 127 -30.70 35.77 24.11
C LEU F 127 -31.04 34.98 25.37
N LYS F 128 -32.05 34.11 25.25
CA LYS F 128 -32.48 33.27 26.36
C LYS F 128 -31.27 32.66 27.06
N SER F 129 -30.38 32.08 26.27
CA SER F 129 -29.16 31.43 26.75
C SER F 129 -28.39 32.31 27.73
N GLY F 130 -28.02 33.51 27.27
CA GLY F 130 -27.28 34.44 28.09
C GLY F 130 -26.27 35.23 27.28
N THR F 131 -26.12 34.85 26.02
CA THR F 131 -25.19 35.53 25.12
C THR F 131 -25.90 36.27 23.99
N ALA F 132 -25.26 37.30 23.46
CA ALA F 132 -25.83 38.08 22.37
C ALA F 132 -24.77 38.29 21.28
N SER F 133 -24.89 37.51 20.20
CA SER F 133 -23.96 37.60 19.09
C SER F 133 -24.51 38.45 17.94
N VAL F 134 -23.80 39.49 17.56
CA VAL F 134 -24.22 40.36 16.47
C VAL F 134 -23.29 40.14 15.29
N VAL F 135 -23.86 39.83 14.13
CA VAL F 135 -23.09 39.54 12.91
C VAL F 135 -23.20 40.57 11.80
N CYS F 136 -22.05 40.88 11.20
CA CYS F 136 -21.97 41.80 10.08
C CYS F 136 -21.41 40.97 8.93
N LEU F 137 -22.07 41.03 7.78
CA LEU F 137 -21.69 40.24 6.62
C LEU F 137 -21.22 41.07 5.43
N LEU F 138 -20.06 40.71 4.89
CA LEU F 138 -19.51 41.36 3.69
C LEU F 138 -19.51 40.30 2.60
N ASN F 139 -20.48 40.39 1.70
CA ASN F 139 -20.63 39.42 0.63
C ASN F 139 -19.88 39.76 -0.66
N ASN F 140 -19.29 38.73 -1.26
CA ASN F 140 -18.53 38.80 -2.51
C ASN F 140 -17.89 40.13 -2.90
N PHE F 141 -16.61 40.28 -2.57
CA PHE F 141 -15.86 41.49 -2.87
C PHE F 141 -14.40 41.16 -3.20
N TYR F 142 -13.68 42.16 -3.70
CA TYR F 142 -12.27 42.02 -4.06
C TYR F 142 -11.68 43.43 -4.20
N PRO F 143 -10.44 43.64 -3.73
CA PRO F 143 -9.49 42.74 -3.07
C PRO F 143 -9.96 42.23 -1.70
N ARG F 144 -9.15 41.36 -1.12
CA ARG F 144 -9.46 40.77 0.18
C ARG F 144 -9.33 41.76 1.33
N GLU F 145 -8.55 42.81 1.14
CA GLU F 145 -8.37 43.80 2.20
C GLU F 145 -9.61 44.66 2.40
N ALA F 146 -10.12 44.64 3.63
CA ALA F 146 -11.30 45.42 4.01
C ALA F 146 -11.23 45.84 5.47
N LYS F 147 -12.01 46.87 5.81
CA LYS F 147 -12.01 47.37 7.18
C LYS F 147 -13.43 47.33 7.75
N VAL F 148 -13.57 46.64 8.88
CA VAL F 148 -14.87 46.51 9.54
C VAL F 148 -14.82 47.11 10.95
N GLN F 149 -15.67 48.11 11.19
CA GLN F 149 -15.70 48.76 12.48
C GLN F 149 -17.06 48.62 13.13
N TRP F 150 -17.06 48.26 14.42
CA TRP F 150 -18.32 48.10 15.14
C TRP F 150 -18.56 49.30 16.06
N LYS F 151 -19.73 49.91 15.95
CA LYS F 151 -20.07 51.04 16.79
C LYS F 151 -21.40 50.81 17.50
N VAL F 152 -21.42 51.07 18.81
CA VAL F 152 -22.64 50.90 19.61
C VAL F 152 -23.09 52.26 20.12
N ASP F 153 -24.30 52.66 19.74
CA ASP F 153 -24.83 53.96 20.16
C ASP F 153 -23.72 54.98 19.91
N ASN F 154 -23.09 54.85 18.73
CA ASN F 154 -21.98 55.69 18.31
C ASN F 154 -20.84 55.66 19.32
N ALA F 155 -20.16 54.52 19.37
CA ALA F 155 -19.05 54.31 20.27
C ALA F 155 -18.20 53.16 19.73
N LEU F 156 -17.01 53.49 19.25
CA LEU F 156 -16.13 52.49 18.69
C LEU F 156 -15.99 51.27 19.60
N GLN F 157 -16.20 50.08 19.05
CA GLN F 157 -16.06 48.87 19.83
C GLN F 157 -14.66 48.34 19.59
N SER F 158 -14.08 47.68 20.58
CA SER F 158 -12.72 47.14 20.45
C SER F 158 -12.52 45.89 21.29
N GLY F 159 -11.71 44.97 20.76
CA GLY F 159 -11.41 43.74 21.47
C GLY F 159 -12.55 42.78 21.73
N ASN F 160 -13.75 43.10 21.29
CA ASN F 160 -14.88 42.20 21.51
C ASN F 160 -15.54 41.71 20.20
N SER F 161 -14.75 41.65 19.13
CA SER F 161 -15.25 41.18 17.83
C SER F 161 -14.27 40.19 17.21
N GLN F 162 -14.79 39.34 16.34
CA GLN F 162 -13.97 38.35 15.66
C GLN F 162 -14.34 38.25 14.18
N GLU F 163 -13.33 38.04 13.34
CA GLU F 163 -13.53 37.95 11.89
C GLU F 163 -13.03 36.66 11.27
N SER F 164 -13.73 36.26 10.20
CA SER F 164 -13.38 35.05 9.46
C SER F 164 -13.53 35.40 7.97
N VAL F 165 -12.56 35.00 7.17
CA VAL F 165 -12.58 35.28 5.73
C VAL F 165 -12.58 33.99 4.93
N THR F 166 -13.51 33.85 3.99
CA THR F 166 -13.55 32.64 3.19
C THR F 166 -12.38 32.64 2.21
N GLU F 167 -12.16 31.50 1.56
CA GLU F 167 -11.10 31.38 0.57
C GLU F 167 -11.61 32.10 -0.67
N GLN F 168 -10.73 32.36 -1.64
CA GLN F 168 -11.16 33.03 -2.86
C GLN F 168 -12.14 32.13 -3.64
N ASP F 169 -13.35 32.66 -3.88
CA ASP F 169 -14.41 31.94 -4.60
C ASP F 169 -13.97 31.36 -5.95
N SER F 170 -14.12 30.05 -6.10
CA SER F 170 -13.74 29.38 -7.33
C SER F 170 -14.54 29.85 -8.55
N LYS F 171 -15.67 30.53 -8.31
CA LYS F 171 -16.48 31.01 -9.44
C LYS F 171 -16.27 32.46 -9.85
N ASP F 172 -16.43 33.40 -8.93
CA ASP F 172 -16.26 34.82 -9.26
C ASP F 172 -14.99 35.47 -8.67
N SER F 173 -14.07 34.64 -8.18
CA SER F 173 -12.82 35.13 -7.61
C SER F 173 -12.97 36.18 -6.52
N THR F 174 -14.09 36.16 -5.81
CA THR F 174 -14.26 37.14 -4.75
C THR F 174 -14.06 36.56 -3.36
N TYR F 175 -14.16 37.42 -2.38
CA TYR F 175 -14.00 37.03 -0.99
C TYR F 175 -15.23 37.41 -0.21
N SER F 176 -15.48 36.69 0.87
CA SER F 176 -16.59 37.01 1.74
C SER F 176 -15.99 37.03 3.13
N LEU F 177 -16.45 37.96 3.95
CA LEU F 177 -15.95 38.09 5.31
C LEU F 177 -17.11 38.35 6.26
N SER F 178 -16.95 37.89 7.49
CA SER F 178 -17.97 38.05 8.51
C SER F 178 -17.32 38.61 9.76
N SER F 179 -17.97 39.59 10.37
CA SER F 179 -17.46 40.17 11.60
C SER F 179 -18.49 39.90 12.67
N THR F 180 -18.08 39.29 13.78
CA THR F 180 -19.03 38.98 14.84
C THR F 180 -18.76 39.65 16.18
N LEU F 181 -19.73 40.44 16.65
CA LEU F 181 -19.62 41.11 17.94
C LEU F 181 -20.41 40.26 18.93
N THR F 182 -19.72 39.79 19.97
CA THR F 182 -20.34 38.95 20.97
C THR F 182 -20.37 39.62 22.33
N LEU F 183 -21.57 39.78 22.89
CA LEU F 183 -21.75 40.41 24.18
C LEU F 183 -22.62 39.53 25.08
N SER F 184 -22.82 39.99 26.31
CA SER F 184 -23.64 39.27 27.29
C SER F 184 -25.05 39.79 27.18
N LYS F 185 -26.03 38.93 27.42
CA LYS F 185 -27.43 39.36 27.33
C LYS F 185 -27.61 40.66 28.08
N ALA F 186 -26.92 40.77 29.21
CA ALA F 186 -27.00 41.97 30.05
C ALA F 186 -26.41 43.20 29.38
N ASP F 187 -25.14 43.13 28.99
CA ASP F 187 -24.46 44.25 28.36
C ASP F 187 -25.12 44.71 27.07
N TYR F 188 -25.88 43.81 26.46
CA TYR F 188 -26.57 44.09 25.21
C TYR F 188 -27.74 45.06 25.38
N GLU F 189 -28.69 44.68 26.23
CA GLU F 189 -29.88 45.48 26.50
C GLU F 189 -29.64 46.92 26.96
N LYS F 190 -28.45 47.21 27.47
CA LYS F 190 -28.14 48.55 27.95
C LYS F 190 -27.91 49.54 26.79
N HIS F 191 -28.12 49.06 25.58
CA HIS F 191 -27.94 49.87 24.38
C HIS F 191 -29.11 49.66 23.41
N LYS F 192 -29.33 50.61 22.52
CA LYS F 192 -30.45 50.50 21.57
C LYS F 192 -30.05 50.37 20.11
N VAL F 193 -29.11 51.19 19.65
CA VAL F 193 -28.70 51.14 18.25
C VAL F 193 -27.36 50.41 18.06
N TYR F 194 -27.35 49.46 17.14
CA TYR F 194 -26.16 48.66 16.84
C TYR F 194 -25.81 48.84 15.36
N ALA F 195 -24.61 49.31 15.08
CA ALA F 195 -24.21 49.54 13.69
C ALA F 195 -22.89 48.92 13.27
N CYS F 196 -22.78 48.66 11.98
CA CYS F 196 -21.58 48.09 11.39
C CYS F 196 -20.99 49.08 10.37
N GLU F 197 -19.72 49.42 10.52
CA GLU F 197 -19.03 50.36 9.62
C GLU F 197 -18.03 49.66 8.70
N VAL F 198 -18.28 49.73 7.40
CA VAL F 198 -17.41 49.07 6.43
C VAL F 198 -16.82 49.98 5.35
N THR F 199 -15.50 49.88 5.20
CA THR F 199 -14.77 50.65 4.21
C THR F 199 -13.98 49.68 3.33
N HIS F 200 -14.14 49.79 2.02
CA HIS F 200 -13.44 48.91 1.09
C HIS F 200 -13.09 49.66 -0.18
N GLN F 201 -11.98 49.26 -0.79
CA GLN F 201 -11.49 49.89 -2.01
C GLN F 201 -12.51 49.91 -3.14
N GLY F 202 -13.70 49.36 -2.92
CA GLY F 202 -14.71 49.35 -3.96
C GLY F 202 -15.86 50.29 -3.63
N LEU F 203 -15.78 50.91 -2.46
CA LEU F 203 -16.80 51.84 -1.99
C LEU F 203 -16.31 53.29 -2.08
N SER F 204 -17.21 54.20 -2.46
CA SER F 204 -16.87 55.62 -2.58
C SER F 204 -16.72 56.15 -1.16
N SER F 205 -17.75 55.89 -0.35
CA SER F 205 -17.78 56.29 1.04
C SER F 205 -18.03 55.05 1.87
N PRO F 206 -17.74 55.10 3.17
CA PRO F 206 -17.98 53.90 3.99
C PRO F 206 -19.47 53.58 4.00
N VAL F 207 -19.80 52.33 4.33
CA VAL F 207 -21.19 51.91 4.39
C VAL F 207 -21.49 51.50 5.82
N THR F 208 -22.73 51.70 6.25
CA THR F 208 -23.15 51.38 7.61
C THR F 208 -24.55 50.81 7.70
N LYS F 209 -24.65 49.57 8.16
CA LYS F 209 -25.94 48.91 8.34
C LYS F 209 -26.14 48.77 9.85
N SER F 210 -27.31 49.14 10.34
CA SER F 210 -27.58 49.05 11.77
C SER F 210 -29.04 48.74 12.09
N PHE F 211 -29.36 48.71 13.38
CA PHE F 211 -30.72 48.44 13.82
C PHE F 211 -30.90 48.87 15.28
N ASN F 212 -32.13 49.24 15.62
CA ASN F 212 -32.47 49.65 16.98
C ASN F 212 -33.06 48.40 17.60
N ARG F 213 -33.13 48.33 18.92
CA ARG F 213 -33.74 47.17 19.54
C ARG F 213 -35.25 47.43 19.54
N GLY F 214 -35.92 46.87 18.53
CA GLY F 214 -37.36 47.03 18.39
C GLY F 214 -37.75 47.46 16.99
N GLU G 1 2.48 3.84 -7.37
CA GLU G 1 2.92 2.72 -6.55
C GLU G 1 3.28 3.16 -5.12
N VAL G 2 4.34 3.95 -4.99
CA VAL G 2 4.79 4.44 -3.68
C VAL G 2 3.75 5.32 -3.01
N GLN G 3 3.13 4.82 -1.95
CA GLN G 3 2.12 5.60 -1.27
C GLN G 3 2.21 5.53 0.24
N LEU G 4 2.03 6.68 0.86
CA LEU G 4 2.09 6.79 2.31
C LEU G 4 0.69 7.02 2.84
N VAL G 5 0.22 6.12 3.69
CA VAL G 5 -1.10 6.24 4.28
C VAL G 5 -0.92 6.43 5.78
N GLU G 6 -1.50 7.49 6.33
CA GLU G 6 -1.36 7.78 7.75
C GLU G 6 -2.55 7.32 8.58
N SER G 7 -2.34 7.29 9.89
CA SER G 7 -3.38 6.87 10.82
C SER G 7 -4.44 7.94 10.83
N GLY G 8 -5.63 7.58 11.34
CA GLY G 8 -6.74 8.51 11.40
C GLY G 8 -6.47 9.68 12.34
N ALA G 9 -7.39 10.64 12.36
CA ALA G 9 -7.25 11.82 13.20
C ALA G 9 -7.36 11.52 14.68
N GLU G 10 -6.98 12.50 15.52
CA GLU G 10 -7.08 12.33 16.96
C GLU G 10 -7.20 13.62 17.74
N VAL G 11 -7.82 13.51 18.91
CA VAL G 11 -8.03 14.62 19.82
C VAL G 11 -7.48 14.13 21.17
N LYS G 12 -6.53 14.88 21.72
CA LYS G 12 -5.90 14.49 22.97
C LYS G 12 -5.99 15.60 24.01
N LYS G 13 -5.89 15.22 25.28
CA LYS G 13 -5.94 16.20 26.37
C LYS G 13 -4.55 16.71 26.73
N PRO G 14 -4.46 17.95 27.26
CA PRO G 14 -3.16 18.50 27.63
C PRO G 14 -2.33 17.54 28.48
N GLY G 15 -1.02 17.48 28.18
CA GLY G 15 -0.12 16.62 28.92
C GLY G 15 -0.03 15.18 28.49
N SER G 16 -1.00 14.72 27.71
CA SER G 16 -0.96 13.34 27.27
C SER G 16 0.00 13.20 26.10
N SER G 17 0.01 12.03 25.49
CA SER G 17 0.89 11.79 24.37
C SER G 17 0.07 11.29 23.19
N VAL G 18 0.75 11.09 22.06
CA VAL G 18 0.08 10.58 20.87
C VAL G 18 1.12 9.97 19.95
N LYS G 19 0.69 8.98 19.17
CA LYS G 19 1.59 8.33 18.25
C LYS G 19 0.87 8.17 16.91
N VAL G 20 1.46 8.75 15.88
CA VAL G 20 0.87 8.68 14.55
C VAL G 20 1.66 7.69 13.72
N SER G 21 0.98 6.90 12.91
CA SER G 21 1.68 5.93 12.08
C SER G 21 1.61 6.36 10.64
N CYS G 22 2.48 5.80 9.83
CA CYS G 22 2.53 6.15 8.43
C CYS G 22 2.92 4.90 7.65
N LYS G 23 1.95 4.28 7.00
CA LYS G 23 2.24 3.08 6.24
C LYS G 23 2.75 3.43 4.86
N ALA G 24 3.91 2.89 4.53
CA ALA G 24 4.53 3.15 3.24
C ALA G 24 4.65 1.86 2.45
N SER G 25 4.01 1.82 1.29
CA SER G 25 4.03 0.64 0.45
C SER G 25 4.27 0.98 -1.01
N GLY G 26 4.71 0.01 -1.80
CA GLY G 26 4.93 0.26 -3.21
C GLY G 26 6.36 0.16 -3.70
N ASP G 27 7.31 -0.02 -2.80
CA ASP G 27 8.71 -0.12 -3.17
C ASP G 27 9.51 -0.51 -1.93
N THR G 28 10.77 -0.87 -2.10
CA THR G 28 11.60 -1.28 -0.97
C THR G 28 11.76 -0.18 0.09
N PHE G 29 11.10 -0.41 1.23
CA PHE G 29 11.11 0.49 2.38
C PHE G 29 12.52 0.93 2.71
N ILE G 30 13.41 -0.04 2.83
CA ILE G 30 14.81 0.20 3.17
C ILE G 30 15.56 1.28 2.38
N ARG G 31 15.14 1.50 1.13
CA ARG G 31 15.83 2.47 0.29
C ARG G 31 15.26 3.90 0.37
N TYR G 32 14.44 4.14 1.40
CA TYR G 32 13.83 5.44 1.59
C TYR G 32 14.08 6.04 2.96
N SER G 33 14.26 7.36 3.01
CA SER G 33 14.43 8.05 4.27
C SER G 33 13.08 8.76 4.45
N PHE G 34 12.59 8.86 5.69
CA PHE G 34 11.28 9.48 5.90
C PHE G 34 11.37 10.73 6.76
N THR G 35 10.43 11.63 6.55
CA THR G 35 10.42 12.88 7.30
C THR G 35 9.04 13.23 7.82
N TRP G 36 9.00 13.96 8.93
CA TRP G 36 7.75 14.41 9.53
C TRP G 36 7.65 15.94 9.53
N VAL G 37 6.56 16.44 8.96
CA VAL G 37 6.31 17.87 8.88
C VAL G 37 4.94 18.21 9.46
N ARG G 38 4.87 19.19 10.35
CA ARG G 38 3.60 19.57 10.94
C ARG G 38 3.14 20.94 10.43
N GLN G 39 1.89 21.31 10.72
CA GLN G 39 1.35 22.59 10.27
C GLN G 39 0.14 23.06 11.08
N ALA G 40 0.35 24.07 11.91
CA ALA G 40 -0.74 24.60 12.72
C ALA G 40 -1.76 25.23 11.77
N PRO G 41 -3.02 25.35 12.22
CA PRO G 41 -4.10 25.95 11.40
C PRO G 41 -3.77 27.33 10.89
N GLY G 42 -3.84 27.49 9.57
CA GLY G 42 -3.53 28.76 8.94
C GLY G 42 -2.07 29.12 9.06
N GLN G 43 -1.23 28.12 9.34
CA GLN G 43 0.20 28.34 9.49
C GLN G 43 1.01 27.69 8.38
N GLY G 44 2.33 27.84 8.47
CA GLY G 44 3.19 27.29 7.45
C GLY G 44 3.67 25.89 7.75
N LEU G 45 4.61 25.42 6.95
CA LEU G 45 5.17 24.09 7.12
C LEU G 45 6.29 24.14 8.15
N GLU G 46 6.45 23.07 8.92
CA GLU G 46 7.47 23.06 9.95
C GLU G 46 8.13 21.68 10.00
N TRP G 47 9.43 21.68 9.73
CA TRP G 47 10.23 20.46 9.70
C TRP G 47 10.45 19.96 11.12
N MET G 48 9.96 18.76 11.43
CA MET G 48 10.13 18.18 12.77
C MET G 48 11.33 17.24 12.87
N GLY G 49 11.59 16.47 11.81
CA GLY G 49 12.70 15.55 11.84
C GLY G 49 12.75 14.61 10.65
N ARG G 50 13.81 13.80 10.57
CA ARG G 50 13.99 12.85 9.47
C ARG G 50 14.78 11.63 9.93
N ILE G 51 14.36 10.44 9.50
CA ILE G 51 15.05 9.22 9.89
C ILE G 51 15.66 8.44 8.72
N ILE G 52 16.94 8.13 8.82
CA ILE G 52 17.60 7.37 7.79
C ILE G 52 17.32 5.89 8.02
N THR G 53 16.13 5.46 7.61
CA THR G 53 15.64 4.08 7.76
C THR G 53 16.67 2.95 7.75
N ILE G 54 17.38 2.78 6.64
CA ILE G 54 18.40 1.75 6.48
C ILE G 54 19.42 1.74 7.62
N LEU G 55 19.57 2.89 8.27
CA LEU G 55 20.53 3.03 9.36
C LEU G 55 19.83 3.12 10.71
N ASP G 56 18.51 3.21 10.67
CA ASP G 56 17.72 3.33 11.88
C ASP G 56 18.30 4.46 12.72
N VAL G 57 18.45 5.64 12.13
CA VAL G 57 18.98 6.80 12.83
C VAL G 57 18.15 8.05 12.49
N ALA G 58 17.77 8.79 13.52
CA ALA G 58 16.94 9.98 13.33
C ALA G 58 17.55 11.25 13.91
N HIS G 59 17.31 12.37 13.23
CA HIS G 59 17.77 13.69 13.67
C HIS G 59 16.55 14.58 13.86
N TYR G 60 16.62 15.53 14.76
CA TYR G 60 15.45 16.36 15.01
C TYR G 60 15.63 17.87 14.90
N ALA G 61 14.49 18.55 14.95
CA ALA G 61 14.46 19.99 14.89
C ALA G 61 14.74 20.45 16.33
N PRO G 62 15.35 21.64 16.48
CA PRO G 62 15.71 22.24 17.76
C PRO G 62 14.66 22.27 18.87
N HIS G 63 13.73 23.22 18.79
CA HIS G 63 12.71 23.40 19.80
C HIS G 63 11.81 22.22 20.21
N LEU G 64 12.12 21.02 19.75
CA LEU G 64 11.33 19.84 20.10
C LEU G 64 11.80 19.23 21.41
N GLN G 65 12.76 19.92 22.03
CA GLN G 65 13.37 19.52 23.30
C GLN G 65 13.00 18.14 23.86
N GLY G 66 13.36 17.10 23.11
CA GLY G 66 13.12 15.73 23.53
C GLY G 66 11.73 15.14 23.60
N ARG G 67 10.72 15.86 23.11
CA ARG G 67 9.35 15.32 23.16
C ARG G 67 8.99 14.56 21.90
N VAL G 68 9.97 14.37 21.02
CA VAL G 68 9.71 13.70 19.75
C VAL G 68 10.58 12.48 19.49
N THR G 69 9.99 11.48 18.83
CA THR G 69 10.71 10.26 18.50
C THR G 69 10.22 9.68 17.17
N ILE G 70 11.14 9.54 16.23
CA ILE G 70 10.79 9.03 14.91
C ILE G 70 11.33 7.62 14.72
N THR G 71 10.44 6.64 14.88
CA THR G 71 10.80 5.24 14.74
C THR G 71 10.41 4.62 13.41
N ALA G 72 11.07 3.53 13.05
CA ALA G 72 10.80 2.87 11.79
C ALA G 72 10.86 1.36 11.90
N ASP G 73 9.70 0.73 11.77
CA ASP G 73 9.55 -0.72 11.84
C ASP G 73 9.72 -1.36 10.46
N LYS G 74 10.93 -1.81 10.15
CA LYS G 74 11.23 -2.43 8.87
C LYS G 74 10.39 -3.68 8.60
N SER G 75 9.67 -4.14 9.61
CA SER G 75 8.85 -5.34 9.46
C SER G 75 7.51 -5.05 8.78
N THR G 76 6.92 -3.93 9.16
CA THR G 76 5.63 -3.54 8.61
C THR G 76 5.72 -2.36 7.62
N SER G 77 6.93 -2.00 7.22
CA SER G 77 7.13 -0.88 6.30
C SER G 77 6.37 0.32 6.84
N THR G 78 6.48 0.53 8.14
CA THR G 78 5.78 1.62 8.79
C THR G 78 6.73 2.58 9.49
N VAL G 79 6.37 3.86 9.50
CA VAL G 79 7.15 4.88 10.18
C VAL G 79 6.24 5.42 11.27
N TYR G 80 6.81 5.92 12.36
CA TYR G 80 6.02 6.42 13.46
C TYR G 80 6.57 7.74 13.95
N LEU G 81 5.72 8.52 14.59
CA LEU G 81 6.12 9.79 15.15
C LEU G 81 5.47 9.88 16.50
N GLU G 82 6.26 9.86 17.56
CA GLU G 82 5.67 9.98 18.87
C GLU G 82 5.91 11.40 19.32
N LEU G 83 4.89 12.01 19.89
CA LEU G 83 4.99 13.38 20.39
C LEU G 83 4.32 13.32 21.74
N ARG G 84 5.11 13.46 22.79
CA ARG G 84 4.56 13.39 24.14
C ARG G 84 4.43 14.73 24.87
N ASN G 85 3.63 14.69 25.93
CA ASN G 85 3.34 15.87 26.75
C ASN G 85 2.88 16.98 25.83
N LEU G 86 1.67 16.79 25.27
CA LEU G 86 1.04 17.71 24.33
C LEU G 86 0.52 19.00 24.95
N ARG G 87 0.65 20.09 24.19
CA ARG G 87 0.22 21.41 24.63
C ARG G 87 -0.80 21.98 23.64
N SER G 88 -1.57 22.97 24.07
CA SER G 88 -2.56 23.57 23.18
C SER G 88 -1.97 23.95 21.83
N ASP G 89 -0.80 24.57 21.85
CA ASP G 89 -0.14 24.99 20.62
C ASP G 89 0.41 23.85 19.77
N ASP G 90 0.27 22.60 20.22
CA ASP G 90 0.74 21.48 19.42
C ASP G 90 -0.37 21.05 18.45
N THR G 91 -1.49 21.77 18.51
CA THR G 91 -2.64 21.50 17.64
C THR G 91 -2.26 21.73 16.18
N ALA G 92 -2.34 20.68 15.37
CA ALA G 92 -1.97 20.81 13.97
C ALA G 92 -2.13 19.53 13.17
N VAL G 93 -1.85 19.62 11.88
CA VAL G 93 -1.93 18.46 11.01
C VAL G 93 -0.50 17.97 10.79
N TYR G 94 -0.23 16.75 11.18
CA TYR G 94 1.12 16.20 11.01
C TYR G 94 1.18 15.42 9.71
N PHE G 95 2.15 15.77 8.88
CA PHE G 95 2.31 15.11 7.59
C PHE G 95 3.49 14.15 7.59
N CYS G 96 3.38 13.13 6.74
CA CYS G 96 4.43 12.13 6.62
C CYS G 96 5.03 12.26 5.23
N ALA G 97 6.35 12.28 5.14
CA ALA G 97 7.00 12.42 3.83
C ALA G 97 8.18 11.49 3.63
N GLY G 98 8.56 11.26 2.38
CA GLY G 98 9.68 10.36 2.13
C GLY G 98 10.32 10.54 0.77
N VAL G 99 11.51 9.97 0.59
CA VAL G 99 12.19 10.11 -0.69
C VAL G 99 13.18 8.99 -0.89
N TYR G 100 13.20 8.47 -2.11
CA TYR G 100 14.11 7.39 -2.49
C TYR G 100 15.54 7.89 -2.26
N GLU G 101 16.40 7.04 -1.73
CA GLU G 101 17.79 7.41 -1.46
C GLU G 101 18.75 6.58 -2.29
N GLY G 102 18.22 5.65 -3.06
CA GLY G 102 19.05 4.79 -3.88
C GLY G 102 19.13 3.40 -3.27
N GLU G 103 20.02 2.56 -3.80
CA GLU G 103 20.20 1.20 -3.30
C GLU G 103 20.88 1.20 -1.92
N ALA G 104 20.16 1.71 -0.92
CA ALA G 104 20.69 1.79 0.43
C ALA G 104 21.15 0.45 0.98
N ASP G 105 20.49 -0.62 0.56
CA ASP G 105 20.80 -1.96 1.02
C ASP G 105 22.12 -2.49 0.46
N GLU G 106 22.83 -1.67 -0.30
CA GLU G 106 24.11 -2.08 -0.85
C GLU G 106 25.15 -0.97 -0.84
N GLY G 107 25.02 -0.08 0.13
CA GLY G 107 25.99 1.00 0.27
C GLY G 107 25.74 2.28 -0.49
N GLU G 108 24.83 2.26 -1.46
CA GLU G 108 24.54 3.45 -2.24
C GLU G 108 23.58 4.35 -1.45
N TYR G 109 23.86 5.63 -1.38
CA TYR G 109 22.99 6.54 -0.66
C TYR G 109 23.20 7.99 -1.09
N ASP G 110 22.10 8.68 -1.36
CA ASP G 110 22.16 10.09 -1.77
C ASP G 110 21.93 10.99 -0.57
N ASN G 111 21.25 10.46 0.45
CA ASN G 111 20.96 11.25 1.64
C ASN G 111 20.26 12.53 1.22
N ASN G 112 19.21 12.39 0.41
CA ASN G 112 18.43 13.52 -0.09
C ASN G 112 17.67 14.21 1.04
N GLY G 113 17.59 15.53 0.95
CA GLY G 113 16.89 16.28 1.98
C GLY G 113 15.51 16.76 1.61
N PHE G 114 15.13 16.66 0.33
CA PHE G 114 13.79 17.09 -0.08
C PHE G 114 12.74 16.00 0.10
N LEU G 115 11.48 16.36 -0.13
CA LEU G 115 10.36 15.44 0.08
C LEU G 115 9.49 15.19 -1.15
N LYS G 116 9.62 14.00 -1.71
CA LYS G 116 8.88 13.62 -2.91
C LYS G 116 7.51 13.01 -2.66
N HIS G 117 7.41 12.03 -1.76
CA HIS G 117 6.14 11.39 -1.49
C HIS G 117 5.55 11.86 -0.17
N TRP G 118 4.26 12.16 -0.18
CA TRP G 118 3.58 12.66 1.00
C TRP G 118 2.35 11.85 1.41
N GLY G 119 2.03 11.90 2.71
CA GLY G 119 0.87 11.19 3.21
C GLY G 119 -0.26 12.19 3.19
N GLN G 120 -1.49 11.73 3.41
CA GLN G 120 -2.62 12.63 3.40
C GLN G 120 -2.62 13.54 4.61
N GLY G 121 -1.69 13.31 5.52
CA GLY G 121 -1.61 14.13 6.71
C GLY G 121 -2.60 13.68 7.78
N THR G 122 -2.19 13.80 9.03
CA THR G 122 -3.05 13.40 10.13
C THR G 122 -3.29 14.58 11.04
N LEU G 123 -4.55 14.82 11.37
CA LEU G 123 -4.90 15.93 12.24
C LEU G 123 -4.80 15.55 13.71
N VAL G 124 -4.33 16.49 14.52
CA VAL G 124 -4.19 16.27 15.94
C VAL G 124 -4.65 17.53 16.68
N THR G 125 -5.76 17.41 17.39
CA THR G 125 -6.30 18.52 18.15
C THR G 125 -5.98 18.29 19.62
N VAL G 126 -5.49 19.31 20.30
CA VAL G 126 -5.15 19.21 21.71
C VAL G 126 -5.92 20.27 22.47
N SER G 127 -6.76 19.83 23.39
CA SER G 127 -7.57 20.74 24.18
C SER G 127 -8.15 20.07 25.41
N SER G 128 -8.46 20.89 26.40
CA SER G 128 -9.05 20.41 27.64
C SER G 128 -10.55 20.21 27.46
N ALA G 129 -11.09 20.74 26.36
CA ALA G 129 -12.52 20.65 26.10
C ALA G 129 -13.06 19.25 25.87
N SER G 130 -14.30 19.03 26.26
CA SER G 130 -14.94 17.73 26.04
C SER G 130 -15.87 17.92 24.84
N THR G 131 -16.05 16.87 24.03
CA THR G 131 -16.90 16.96 22.84
C THR G 131 -18.25 17.61 23.15
N LYS G 132 -18.65 18.54 22.30
CA LYS G 132 -19.91 19.27 22.48
C LYS G 132 -20.53 19.70 21.18
N GLY G 133 -21.79 19.31 20.97
CA GLY G 133 -22.51 19.67 19.77
C GLY G 133 -22.77 21.16 19.73
N PRO G 134 -22.93 21.76 18.54
CA PRO G 134 -23.18 23.19 18.37
C PRO G 134 -24.62 23.63 18.57
N SER G 135 -24.79 24.85 19.05
CA SER G 135 -26.12 25.41 19.22
C SER G 135 -26.30 26.20 17.92
N VAL G 136 -27.40 25.95 17.22
CA VAL G 136 -27.66 26.61 15.95
C VAL G 136 -28.74 27.68 16.05
N PHE G 137 -28.35 28.93 15.77
CA PHE G 137 -29.28 30.05 15.80
C PHE G 137 -29.45 30.64 14.41
N PRO G 138 -30.69 30.98 14.03
CA PRO G 138 -30.94 31.55 12.71
C PRO G 138 -30.51 33.01 12.58
N LEU G 139 -29.99 33.36 11.41
CA LEU G 139 -29.58 34.73 11.13
C LEU G 139 -30.66 35.23 10.18
N ALA G 140 -31.72 35.79 10.76
CA ALA G 140 -32.84 36.29 9.99
C ALA G 140 -32.51 37.60 9.30
N PRO G 141 -32.96 37.73 8.04
CA PRO G 141 -32.74 38.93 7.20
C PRO G 141 -32.72 40.23 8.00
N GLY G 149 -33.84 42.87 -4.83
CA GLY G 149 -34.70 41.88 -4.21
C GLY G 149 -33.89 40.72 -3.68
N THR G 150 -32.71 41.03 -3.18
CA THR G 150 -31.82 40.00 -2.64
C THR G 150 -31.82 39.98 -1.11
N ALA G 151 -32.19 38.83 -0.56
CA ALA G 151 -32.23 38.65 0.89
C ALA G 151 -31.11 37.73 1.36
N ALA G 152 -30.40 38.16 2.41
CA ALA G 152 -29.31 37.39 3.00
C ALA G 152 -29.81 36.58 4.21
N LEU G 153 -29.61 35.27 4.17
CA LEU G 153 -30.04 34.40 5.26
C LEU G 153 -28.83 33.68 5.84
N GLY G 154 -28.91 33.32 7.12
CA GLY G 154 -27.79 32.64 7.73
C GLY G 154 -28.10 31.82 8.97
N CYS G 155 -27.07 31.12 9.45
CA CYS G 155 -27.13 30.31 10.65
C CYS G 155 -25.83 30.46 11.42
N LEU G 156 -25.93 30.86 12.68
CA LEU G 156 -24.76 31.00 13.54
C LEU G 156 -24.60 29.64 14.22
N VAL G 157 -23.49 28.96 13.95
CA VAL G 157 -23.21 27.66 14.53
C VAL G 157 -22.15 27.88 15.60
N LYS G 158 -22.57 28.00 16.86
CA LYS G 158 -21.57 28.25 17.90
C LYS G 158 -21.44 27.21 19.04
N ASP G 159 -20.40 27.39 19.84
CA ASP G 159 -20.08 26.52 20.98
C ASP G 159 -19.99 25.04 20.67
N TYR G 160 -19.08 24.66 19.78
CA TYR G 160 -18.91 23.25 19.46
C TYR G 160 -17.44 22.84 19.53
N PHE G 161 -17.22 21.53 19.71
CA PHE G 161 -15.88 20.98 19.80
C PHE G 161 -15.95 19.48 19.57
N PRO G 162 -15.04 18.93 18.74
CA PRO G 162 -13.95 19.60 18.02
C PRO G 162 -14.37 19.86 16.58
N GLU G 163 -13.39 20.19 15.74
CA GLU G 163 -13.66 20.41 14.31
C GLU G 163 -13.65 18.98 13.76
N PRO G 164 -14.29 18.75 12.59
CA PRO G 164 -15.02 19.71 11.77
C PRO G 164 -16.52 19.67 11.99
N VAL G 165 -17.21 20.60 11.34
CA VAL G 165 -18.65 20.68 11.39
C VAL G 165 -19.01 20.92 9.93
N THR G 166 -20.07 20.29 9.45
CA THR G 166 -20.48 20.45 8.07
C THR G 166 -21.80 21.21 8.01
N VAL G 167 -21.91 22.10 7.04
CA VAL G 167 -23.12 22.85 6.89
C VAL G 167 -23.53 22.82 5.45
N SER G 168 -24.83 22.88 5.23
CA SER G 168 -25.38 22.87 3.89
C SER G 168 -26.78 23.45 4.03
N TRP G 169 -27.39 23.76 2.91
CA TRP G 169 -28.72 24.31 2.92
C TRP G 169 -29.65 23.45 2.08
N ASN G 170 -30.89 23.32 2.56
CA ASN G 170 -31.90 22.51 1.89
C ASN G 170 -31.34 21.14 1.49
N SER G 171 -30.55 20.58 2.40
CA SER G 171 -29.92 19.28 2.23
C SER G 171 -28.96 19.14 1.05
N GLY G 172 -28.27 20.22 0.72
CA GLY G 172 -27.29 20.19 -0.35
C GLY G 172 -27.79 20.63 -1.70
N ALA G 173 -29.09 20.85 -1.82
CA ALA G 173 -29.68 21.27 -3.09
C ALA G 173 -29.40 22.75 -3.38
N LEU G 174 -29.37 23.57 -2.32
CA LEU G 174 -29.09 25.00 -2.45
C LEU G 174 -27.59 25.23 -2.22
N THR G 175 -26.86 25.56 -3.29
CA THR G 175 -25.42 25.76 -3.19
C THR G 175 -24.94 27.13 -3.65
N SER G 176 -25.57 27.67 -4.69
CA SER G 176 -25.20 28.98 -5.19
C SER G 176 -25.33 30.08 -4.13
N GLY G 177 -24.33 30.95 -4.07
CA GLY G 177 -24.35 32.04 -3.13
C GLY G 177 -24.16 31.69 -1.66
N VAL G 178 -23.83 30.44 -1.33
CA VAL G 178 -23.65 30.11 0.07
C VAL G 178 -22.22 30.32 0.53
N HIS G 179 -22.08 30.83 1.74
CA HIS G 179 -20.77 31.08 2.30
C HIS G 179 -20.74 30.52 3.70
N THR G 180 -19.89 29.52 3.89
CA THR G 180 -19.73 28.90 5.18
C THR G 180 -18.34 29.34 5.56
N PHE G 181 -18.25 30.17 6.60
CA PHE G 181 -16.98 30.69 7.04
C PHE G 181 -16.09 29.75 7.83
N PRO G 182 -14.77 29.93 7.71
CA PRO G 182 -13.81 29.09 8.43
C PRO G 182 -14.13 29.25 9.91
N ALA G 183 -14.14 28.15 10.64
CA ALA G 183 -14.42 28.20 12.07
C ALA G 183 -13.37 29.03 12.81
N VAL G 184 -13.77 29.62 13.93
CA VAL G 184 -12.87 30.42 14.76
C VAL G 184 -12.78 29.83 16.17
N LEU G 185 -11.58 29.73 16.72
CA LEU G 185 -11.42 29.20 18.07
C LEU G 185 -11.69 30.31 19.09
N GLN G 186 -12.71 30.11 19.90
CA GLN G 186 -13.05 31.10 20.90
C GLN G 186 -12.21 31.01 22.17
N SER G 187 -12.32 32.04 23.01
CA SER G 187 -11.58 32.12 24.26
C SER G 187 -11.92 30.98 25.20
N SER G 188 -13.09 30.36 24.99
CA SER G 188 -13.53 29.26 25.83
C SER G 188 -12.96 27.90 25.40
N GLY G 189 -12.35 27.84 24.22
CA GLY G 189 -11.81 26.58 23.76
C GLY G 189 -12.83 25.86 22.89
N LEU G 190 -13.88 26.59 22.52
CA LEU G 190 -14.92 26.05 21.68
C LEU G 190 -14.92 26.82 20.36
N TYR G 191 -15.25 26.11 19.27
CA TYR G 191 -15.29 26.74 17.97
C TYR G 191 -16.66 27.32 17.72
N SER G 192 -16.75 28.16 16.69
CA SER G 192 -18.01 28.80 16.32
C SER G 192 -17.89 29.34 14.90
N LEU G 193 -18.97 29.28 14.13
CA LEU G 193 -18.94 29.78 12.77
C LEU G 193 -20.32 30.15 12.29
N SER G 194 -20.36 30.64 11.07
CA SER G 194 -21.60 31.03 10.44
C SER G 194 -21.63 30.62 8.99
N SER G 195 -22.81 30.25 8.54
CA SER G 195 -23.00 29.91 7.16
C SER G 195 -24.05 30.90 6.66
N VAL G 196 -23.81 31.49 5.50
CA VAL G 196 -24.77 32.43 4.95
C VAL G 196 -25.06 32.09 3.50
N VAL G 197 -26.15 32.66 2.98
CA VAL G 197 -26.54 32.44 1.59
C VAL G 197 -27.43 33.60 1.17
N THR G 198 -27.40 33.88 -0.13
CA THR G 198 -28.20 34.96 -0.72
C THR G 198 -29.31 34.38 -1.59
N VAL G 199 -30.56 34.59 -1.17
CA VAL G 199 -31.70 34.10 -1.92
C VAL G 199 -32.53 35.29 -2.37
N PRO G 200 -33.36 35.09 -3.40
CA PRO G 200 -34.21 36.18 -3.88
C PRO G 200 -35.36 36.37 -2.89
N SER G 201 -35.65 37.63 -2.55
CA SER G 201 -36.71 37.95 -1.61
C SER G 201 -38.04 37.25 -1.94
N SER G 202 -38.47 37.33 -3.19
CA SER G 202 -39.73 36.73 -3.61
C SER G 202 -39.89 35.25 -3.23
N SER G 203 -38.78 34.59 -2.91
CA SER G 203 -38.79 33.18 -2.54
C SER G 203 -39.48 32.89 -1.21
N LEU G 204 -39.21 33.72 -0.22
CA LEU G 204 -39.80 33.55 1.11
C LEU G 204 -41.31 33.48 0.99
N GLY G 205 -41.99 33.04 2.04
CA GLY G 205 -43.44 32.98 1.97
C GLY G 205 -43.99 31.68 1.41
N THR G 206 -43.44 31.20 0.31
CA THR G 206 -43.90 29.94 -0.29
C THR G 206 -42.80 28.87 -0.25
N GLN G 207 -41.55 29.29 -0.12
CA GLN G 207 -40.43 28.36 -0.06
C GLN G 207 -39.64 28.50 1.24
N THR G 208 -39.20 27.37 1.78
CA THR G 208 -38.47 27.37 3.03
C THR G 208 -36.96 27.24 2.87
N TYR G 209 -36.22 27.86 3.80
CA TYR G 209 -34.76 27.82 3.79
C TYR G 209 -34.26 27.21 5.09
N ILE G 210 -33.61 26.05 4.96
CA ILE G 210 -33.12 25.31 6.09
C ILE G 210 -31.64 25.00 6.06
N CYS G 211 -30.95 25.27 7.16
CA CYS G 211 -29.52 24.96 7.23
C CYS G 211 -29.35 23.65 8.00
N ASN G 212 -28.62 22.73 7.40
CA ASN G 212 -28.37 21.43 8.01
C ASN G 212 -26.97 21.43 8.59
N VAL G 213 -26.89 21.33 9.92
CA VAL G 213 -25.60 21.34 10.59
C VAL G 213 -25.25 19.96 11.11
N ASN G 214 -24.23 19.33 10.51
CA ASN G 214 -23.79 18.01 10.95
C ASN G 214 -22.48 18.10 11.73
N HIS G 215 -22.39 17.29 12.77
CA HIS G 215 -21.21 17.25 13.64
C HIS G 215 -21.01 15.79 14.06
N LYS G 216 -20.13 15.07 13.37
CA LYS G 216 -19.88 13.67 13.66
C LYS G 216 -19.39 13.34 15.06
N PRO G 217 -18.40 14.09 15.59
CA PRO G 217 -17.89 13.81 16.93
C PRO G 217 -18.94 13.64 18.02
N SER G 218 -19.99 14.46 17.98
CA SER G 218 -21.05 14.37 18.98
C SER G 218 -22.29 13.69 18.43
N ASN G 219 -22.17 13.14 17.22
CA ASN G 219 -23.29 12.47 16.56
C ASN G 219 -24.50 13.40 16.51
N THR G 220 -24.23 14.69 16.29
CA THR G 220 -25.25 15.71 16.24
C THR G 220 -25.65 16.13 14.82
N LYS G 221 -26.96 16.16 14.58
CA LYS G 221 -27.50 16.56 13.28
C LYS G 221 -28.75 17.40 13.52
N VAL G 222 -28.60 18.70 13.36
CA VAL G 222 -29.70 19.62 13.59
C VAL G 222 -30.06 20.48 12.39
N ASP G 223 -31.37 20.60 12.15
CA ASP G 223 -31.90 21.41 11.06
C ASP G 223 -32.49 22.67 11.64
N LYS G 224 -32.24 23.80 11.00
CA LYS G 224 -32.79 25.06 11.49
C LYS G 224 -33.40 25.86 10.35
N LYS G 225 -34.71 26.13 10.47
CA LYS G 225 -35.41 26.90 9.46
C LYS G 225 -35.21 28.38 9.73
N VAL G 226 -34.69 29.11 8.75
CA VAL G 226 -34.47 30.54 8.89
C VAL G 226 -35.58 31.25 8.13
N GLU G 227 -36.24 32.17 8.81
CA GLU G 227 -37.35 32.91 8.22
C GLU G 227 -37.52 34.29 8.84
N PRO G 228 -38.00 35.27 8.05
CA PRO G 228 -38.22 36.64 8.49
C PRO G 228 -38.97 36.71 9.82
N LYS G 229 -39.84 35.72 10.04
CA LYS G 229 -40.64 35.59 11.25
C LYS G 229 -40.98 36.96 11.86
CA MPT H 1 35.60 -7.11 14.27
C MPT H 1 35.07 -7.82 15.48
O MPT H 1 35.82 -8.12 16.40
CB MPT H 1 36.35 -8.05 13.32
SG MPT H 1 36.35 -9.85 13.73
N ASN H 2 33.78 -8.07 15.50
CA ASN H 2 33.16 -8.81 16.59
C ASN H 2 33.32 -10.26 16.15
N LEU H 3 34.26 -10.97 16.78
CA LEU H 3 34.53 -12.35 16.47
C LEU H 3 33.31 -13.22 16.72
N HIS H 4 32.49 -12.83 17.69
CA HIS H 4 31.28 -13.55 18.03
C HIS H 4 30.39 -13.59 16.79
N PHE H 5 30.17 -12.40 16.22
CA PHE H 5 29.34 -12.28 15.03
C PHE H 5 30.00 -12.87 13.80
N CYS H 6 31.26 -12.49 13.57
CA CYS H 6 32.01 -12.98 12.42
C CYS H 6 31.81 -14.48 12.25
N GLN H 7 31.84 -15.20 13.37
CA GLN H 7 31.67 -16.65 13.38
C GLN H 7 30.22 -17.03 13.05
N LEU H 8 29.26 -16.32 13.62
CA LEU H 8 27.86 -16.59 13.34
C LEU H 8 27.63 -16.45 11.84
N ARG H 9 28.00 -15.28 11.32
CA ARG H 9 27.84 -14.99 9.90
C ARG H 9 28.60 -15.93 8.97
N CYS H 10 29.86 -16.20 9.28
CA CYS H 10 30.66 -17.09 8.44
C CYS H 10 30.12 -18.51 8.50
N LYS H 11 29.33 -18.80 9.52
CA LYS H 11 28.73 -20.12 9.68
C LYS H 11 27.85 -20.31 8.45
N SER H 12 27.26 -19.21 7.97
CA SER H 12 26.38 -19.24 6.80
C SER H 12 27.07 -19.70 5.52
N LEU H 13 28.36 -19.43 5.39
CA LEU H 13 29.07 -19.85 4.19
C LEU H 13 29.57 -21.28 4.41
N GLY H 14 29.44 -21.75 5.64
CA GLY H 14 29.89 -23.08 6.00
C GLY H 14 31.35 -23.02 6.41
N LEU H 15 31.80 -21.84 6.83
CA LEU H 15 33.19 -21.67 7.21
C LEU H 15 33.45 -21.14 8.62
N LEU H 16 34.72 -21.08 8.97
CA LEU H 16 35.18 -20.59 10.27
C LEU H 16 35.54 -19.12 10.16
N GLY H 17 35.23 -18.35 11.20
CA GLY H 17 35.53 -16.94 11.17
C GLY H 17 36.66 -16.54 12.08
N ARG H 18 37.36 -15.48 11.68
CA ARG H 18 38.48 -14.94 12.43
C ARG H 18 38.58 -13.47 12.02
N CYS H 19 39.03 -12.61 12.92
CA CYS H 19 39.14 -11.20 12.60
C CYS H 19 40.28 -10.99 11.63
N ALA H 20 40.23 -9.86 10.95
CA ALA H 20 41.26 -9.46 10.01
C ALA H 20 41.40 -7.98 10.30
N DPR H 21 41.98 -7.65 11.47
CA DPR H 21 41.85 -6.28 11.99
CB DPR H 21 42.76 -6.30 13.23
CG DPR H 21 43.79 -7.32 12.92
CD DPR H 21 43.08 -8.37 12.11
C DPR H 21 40.41 -5.97 12.40
O DPR H 21 39.86 -6.64 13.28
N THR H 22 39.82 -4.96 11.77
CA THR H 22 38.47 -4.53 12.13
C THR H 22 37.43 -5.26 11.30
N PHE H 23 37.87 -6.02 10.31
CA PHE H 23 36.94 -6.74 9.44
C PHE H 23 36.85 -8.23 9.75
N CYS H 24 35.87 -8.89 9.14
CA CYS H 24 35.63 -10.32 9.33
C CYS H 24 36.03 -11.13 8.12
N ALA H 25 36.71 -12.25 8.35
CA ALA H 25 37.17 -13.10 7.27
C ALA H 25 36.75 -14.54 7.54
N CYS H 26 36.26 -15.21 6.50
CA CYS H 26 35.84 -16.60 6.61
C CYS H 26 36.90 -17.52 6.02
N VLM H 27 37.29 -18.55 6.78
CA VLM H 27 38.29 -19.50 6.33
C VLM H 27 37.68 -20.88 6.20
O VLM H 27 36.77 -21.20 6.99
CB VLM H 27 39.45 -19.56 7.33
CG1 VLM H 27 40.41 -20.68 6.95
CG2 VLM H 27 40.18 -18.24 7.35
NT VLM H 27 38.12 -21.64 5.31
C1 NAG I . -29.66 -32.40 -66.65
C2 NAG I . -28.29 -33.09 -66.58
C3 NAG I . -27.20 -32.15 -67.12
C4 NAG I . -27.59 -31.62 -68.50
C5 NAG I . -28.98 -30.98 -68.45
C6 NAG I . -29.46 -30.46 -69.78
C7 NAG I . -28.22 -34.70 -64.79
C8 NAG I . -27.00 -35.59 -64.57
N2 NAG I . -27.99 -33.45 -65.22
O3 NAG I . -25.97 -32.85 -67.19
O4 NAG I . -26.63 -30.66 -68.92
O5 NAG I . -29.94 -31.96 -67.98
O6 NAG I . -29.01 -31.27 -70.86
O7 NAG I . -29.34 -35.13 -64.59
C1 NAG J . -19.73 -17.55 -59.37
C2 NAG J . -19.40 -16.22 -60.03
C3 NAG J . -20.51 -15.86 -61.01
C4 NAG J . -20.71 -17.01 -62.02
C5 NAG J . -20.89 -18.35 -61.29
C6 NAG J . -20.91 -19.54 -62.24
C7 NAG J . -20.29 -14.74 -58.35
C8 NAG J . -21.04 -13.54 -58.92
N2 NAG J . -19.23 -15.18 -59.03
O3 NAG J . -20.19 -14.66 -61.70
O4 NAG J . -21.86 -16.75 -62.81
O5 NAG J . -19.80 -18.58 -60.37
O6 NAG J . -19.66 -20.22 -62.25
O7 NAG J . -20.67 -15.26 -57.30
C1 NAG K . -22.71 -32.55 -64.47
C2 NAG K . -21.24 -32.07 -64.40
C3 NAG K . -20.44 -32.73 -65.52
C4 NAG K . -20.56 -34.25 -65.41
C5 NAG K . -22.03 -34.64 -65.45
C6 NAG K . -22.27 -36.15 -65.31
C7 NAG K . -20.86 -29.89 -63.45
C8 NAG K . -21.15 -28.39 -63.54
N2 NAG K . -21.18 -30.62 -64.50
O3 NAG K . -19.08 -32.32 -65.45
O4 NAG K . -19.84 -34.86 -66.47
O5 NAG K . -22.75 -33.99 -64.39
O6 NAG K . -21.50 -36.69 -64.23
O7 NAG K . -20.33 -30.35 -62.43
C1 NAG L . -13.71 -31.72 -33.92
C2 NAG L . -14.13 -31.24 -32.54
C3 NAG L . -13.60 -32.18 -31.44
C4 NAG L . -13.94 -33.64 -31.77
C5 NAG L . -13.55 -33.99 -33.20
C6 NAG L . -13.95 -35.39 -33.62
C7 NAG L . -14.31 -28.95 -31.76
C8 NAG L . -15.82 -29.10 -31.71
N2 NAG L . -13.58 -29.91 -32.34
O3 NAG L . -14.19 -31.83 -30.19
O4 NAG L . -13.27 -34.50 -30.86
O5 NAG L . -14.16 -33.07 -34.11
O6 NAG L . -14.97 -35.91 -32.79
O7 NAG L . -13.78 -27.95 -31.28
C1 NAG M . -18.37 -5.92 -56.26
C2 NAG M . -19.51 -5.15 -56.94
C3 NAG M . -18.99 -3.93 -57.70
C4 NAG M . -17.98 -3.11 -56.88
C5 NAG M . -16.94 -4.02 -56.23
C6 NAG M . -16.05 -3.24 -55.28
C7 NAG M . -21.51 -6.13 -57.88
C8 NAG M . -22.24 -5.54 -59.07
N2 NAG M . -20.18 -6.04 -57.87
O3 NAG M . -20.08 -3.08 -58.03
O4 NAG M . -17.32 -2.19 -57.73
O5 NAG M . -17.59 -5.04 -55.46
O6 NAG M . -14.77 -3.85 -55.15
O7 NAG M . -22.14 -6.66 -56.97
C1 NAG N . -6.34 -30.75 -53.23
C2 NAG N . -5.69 -31.95 -53.91
C3 NAG N . -4.26 -31.59 -54.32
C4 NAG N . -4.22 -30.28 -55.12
C5 NAG N . -5.03 -29.17 -54.44
C6 NAG N . -5.16 -27.97 -55.35
C7 NAG N . -6.72 -33.93 -52.99
C8 NAG N . -6.52 -35.23 -52.24
N2 NAG N . -5.68 -33.09 -53.01
O3 NAG N . -3.72 -32.64 -55.11
O4 NAG N . -2.87 -29.86 -55.26
O5 NAG N . -6.36 -29.63 -54.13
O6 NAG N . -6.17 -27.07 -54.89
O7 NAG N . -7.80 -33.70 -53.55
C1 NAG O . -4.03 -35.74 -32.61
C2 NAG O . -2.98 -36.70 -33.18
C3 NAG O . -3.69 -37.96 -33.68
C4 NAG O . -4.52 -38.58 -32.55
C5 NAG O . -5.44 -37.55 -31.87
C6 NAG O . -6.07 -38.11 -30.60
C7 NAG O . -0.93 -36.23 -34.31
C8 NAG O . -0.39 -37.37 -35.17
N2 NAG O . -2.24 -36.07 -34.26
O3 NAG O . -2.74 -38.89 -34.16
O4 NAG O . -5.32 -39.64 -33.08
O5 NAG O . -4.70 -36.35 -31.50
O6 NAG O . -6.38 -37.08 -29.67
O7 NAG O . -0.14 -35.51 -33.70
C1 NAG P . 1.67 -13.84 -30.56
C2 NAG P . 1.62 -12.43 -29.90
C3 NAG P . 2.43 -11.33 -30.62
C4 NAG P . 3.71 -11.86 -31.24
C5 NAG P . 3.39 -13.09 -32.07
C6 NAG P . 4.62 -13.61 -32.77
C7 NAG P . -0.62 -12.04 -30.79
C8 NAG P . -0.23 -11.39 -32.11
N2 NAG P . 0.24 -11.97 -29.77
O3 NAG P . 2.76 -10.30 -29.70
O4 NAG P . 4.30 -10.85 -32.05
O5 NAG P . 2.92 -14.14 -31.21
O6 NAG P . 5.65 -13.89 -31.83
O7 NAG P . -1.71 -12.60 -30.69
C1 IPA Q . -15.52 -19.38 -29.48
C2 IPA Q . -15.69 -17.87 -29.68
C3 IPA Q . -15.28 -17.03 -28.46
O2 IPA Q . -14.85 -17.48 -30.77
C1 NAG R . 80.53 -3.96 8.19
C2 NAG R . 80.07 -3.83 6.72
C3 NAG R . 79.39 -5.12 6.27
C4 NAG R . 80.31 -6.32 6.51
C5 NAG R . 80.76 -6.34 7.98
C6 NAG R . 81.78 -7.44 8.26
C7 NAG R . 79.18 -1.99 5.43
C8 NAG R . 77.86 -1.38 4.99
N2 NAG R . 79.17 -2.70 6.56
O3 NAG R . 79.06 -5.04 4.89
O4 NAG R . 79.62 -7.52 6.20
O5 NAG R . 81.39 -5.10 8.34
O6 NAG R . 82.46 -7.23 9.48
O7 NAG R . 80.20 -1.83 4.76
C1 NAG S . 64.40 -14.44 8.39
C2 NAG S . 65.88 -14.55 8.02
C3 NAG S . 66.63 -15.45 9.02
C4 NAG S . 65.84 -15.60 10.32
C5 NAG S . 64.43 -16.18 10.07
C6 NAG S . 63.43 -15.77 11.13
C7 NAG S . 65.45 -16.26 6.36
C8 NAG S . 66.36 -17.48 6.36
N2 NAG S . 66.01 -15.09 6.68
O3 NAG S . 67.90 -14.87 9.30
O4 NAG S . 66.54 -16.46 11.22
O5 NAG S . 63.89 -15.72 8.78
O6 NAG S . 62.88 -16.90 11.80
O7 NAG S . 64.26 -16.38 6.08
C1 NAG T . 77.26 -4.81 2.12
C2 NAG T . 77.89 -4.20 0.85
C3 NAG T . 76.77 -3.80 -0.12
C4 NAG T . 75.90 -5.03 -0.42
C5 NAG T . 75.36 -5.63 0.88
C6 NAG T . 74.57 -6.91 0.68
C7 NAG T . 79.95 -2.95 0.65
C8 NAG T . 80.09 -2.13 -0.63
N2 NAG T . 78.73 -3.06 1.17
O3 NAG T . 77.32 -3.28 -1.32
O4 NAG T . 74.81 -4.66 -1.27
O5 NAG T . 76.46 -5.96 1.77
O6 NAG T . 73.37 -6.92 1.45
O7 NAG T . 80.95 -3.48 1.15
C1 NAG U . 48.32 6.55 -6.48
C2 NAG U . 47.06 7.32 -6.05
C3 NAG U . 46.62 8.29 -7.13
C4 NAG U . 47.78 9.22 -7.50
C5 NAG U . 48.98 8.38 -7.90
C6 NAG U . 50.20 9.22 -8.22
C7 NAG U . 45.28 6.49 -4.63
C8 NAG U . 44.82 7.86 -4.17
N2 NAG U . 45.97 6.40 -5.76
O3 NAG U . 45.51 9.05 -6.68
O4 NAG U . 47.39 10.06 -8.57
O5 NAG U . 49.35 7.48 -6.83
O6 NAG U . 50.43 10.20 -7.21
O7 NAG U . 44.97 5.50 -3.96
C1 NAG V . 55.70 -20.93 13.04
C2 NAG V . 56.03 -21.04 14.53
C3 NAG V . 56.06 -22.52 14.96
C4 NAG V . 54.77 -23.21 14.54
C5 NAG V . 54.53 -23.02 13.04
C6 NAG V . 53.23 -23.64 12.57
C7 NAG V . 57.60 -20.01 16.04
C8 NAG V . 58.90 -20.53 16.63
N2 NAG V . 57.30 -20.40 14.80
O3 NAG V . 56.22 -22.60 16.37
O4 NAG V . 54.83 -24.59 14.85
O5 NAG V . 54.47 -21.61 12.73
O6 NAG V . 52.27 -22.65 12.24
O7 NAG V . 56.86 -19.27 16.70
C1 NAG W . 62.59 -8.53 -10.73
C2 NAG W . 63.45 -8.28 -11.98
C3 NAG W . 63.03 -9.15 -13.17
C4 NAG W . 62.94 -10.61 -12.74
C5 NAG W . 61.96 -10.70 -11.57
C6 NAG W . 61.77 -12.14 -11.09
C7 NAG W . 64.35 -6.05 -11.92
C8 NAG W . 65.55 -5.83 -12.83
N2 NAG W . 63.41 -6.88 -12.34
O3 NAG W . 63.97 -9.00 -14.22
O4 NAG W . 62.53 -11.43 -13.81
O5 NAG W . 62.44 -9.93 -10.44
O6 NAG W . 61.20 -12.18 -9.79
O7 NAG W . 64.30 -5.47 -10.82
C1 NAG X . 46.39 4.87 -16.81
C2 NAG X . 46.93 4.77 -18.25
C3 NAG X . 48.05 5.79 -18.43
C4 NAG X . 47.51 7.20 -18.11
C5 NAG X . 46.86 7.23 -16.72
C6 NAG X . 46.16 8.54 -16.44
C7 NAG X . 46.56 2.53 -19.04
C8 NAG X . 45.99 1.46 -18.12
N2 NAG X . 47.39 3.42 -18.51
O3 NAG X . 48.54 5.74 -19.76
O4 NAG X . 48.57 8.15 -18.17
O5 NAG X . 45.86 6.19 -16.60
O6 NAG X . 46.96 9.40 -15.64
O7 NAG X . 46.24 2.56 -20.23
C1 NAG Y . 32.69 -11.33 -9.23
C2 NAG Y . 31.48 -11.82 -8.43
C3 NAG Y . 31.47 -13.33 -8.54
C4 NAG Y . 31.44 -13.77 -10.02
C5 NAG Y . 32.53 -13.06 -10.85
C6 NAG Y . 32.33 -13.24 -12.34
C7 NAG Y . 31.20 -10.18 -6.68
C8 NAG Y . 32.27 -9.20 -6.22
N2 NAG Y . 31.58 -11.40 -7.04
O3 NAG Y . 30.33 -13.85 -7.86
O4 NAG Y . 31.64 -15.17 -10.10
O5 NAG Y . 32.50 -11.63 -10.61
O6 NAG Y . 32.48 -12.01 -13.04
O7 NAG Y . 30.01 -9.82 -6.73
C1 IPA Z . 38.90 1.88 2.11
C2 IPA Z . 38.81 0.36 2.31
C3 IPA Z . 40.14 -0.37 2.13
O2 IPA Z . 38.38 0.11 3.63
#